data_6CNL
#
_entry.id   6CNL
#
_cell.length_a   49.372
_cell.length_b   242.538
_cell.length_c   272.458
_cell.angle_alpha   90.00
_cell.angle_beta   90.00
_cell.angle_gamma   90.00
#
_symmetry.space_group_name_H-M   'P 21 21 21'
#
loop_
_entity.id
_entity.type
_entity.pdbx_description
1 polymer 'Serine/threonine-protein phosphatase PGAM5, mitochondrial'
2 polymer 'PGAM5 Multimerization Motif Peptide'
3 non-polymer 'MAGNESIUM ION'
4 water water
#
loop_
_entity_poly.entity_id
_entity_poly.type
_entity_poly.pdbx_seq_one_letter_code
_entity_poly.pdbx_strand_id
1 'polypeptide(L)'
;MHHHHHHSSGVDLGTENLYFQSMDHYKAKATRHIFLIRASQYHVDGSLEKDRTLTPLGREQAELTGLRLASLGLKFNKIV
HSSMTRAIETTDIISRHLPGVCKVSTDLLREGAPIEPDPPVSHWKPEAVQYYEDGARIEAAFRNYIHRADARQEEDSYEI
FICHANVIRYIVCRALQFPPEGWLRLSLNNGSITHLVIRPNGRVALRTLGDTGFMPPDKITRS
;
A,C,L,J,F,H,K,D,B,I,G,E
2 'polypeptide(L)' GPGVWDPNWDRREP M,O,X,V,R,T,W,P,N,U,S,Q
#
loop_
_chem_comp.id
_chem_comp.type
_chem_comp.name
_chem_comp.formula
MG non-polymer 'MAGNESIUM ION' 'Mg 2'
#
# COMPACT_ATOMS: atom_id res chain seq x y z
N ALA A 28 44.61 24.10 -8.73
CA ALA A 28 44.66 24.23 -7.28
C ALA A 28 45.91 23.56 -6.72
N LYS A 29 46.94 24.35 -6.45
CA LYS A 29 48.28 23.84 -6.14
C LYS A 29 48.73 24.09 -4.71
N ALA A 30 48.29 25.17 -4.08
CA ALA A 30 48.83 25.51 -2.77
C ALA A 30 48.05 24.86 -1.64
N THR A 31 48.74 24.67 -0.51
CA THR A 31 48.14 24.19 0.73
C THR A 31 48.03 25.39 1.67
N ARG A 32 46.94 25.45 2.41
CA ARG A 32 46.73 26.54 3.36
C ARG A 32 46.99 26.03 4.77
N HIS A 33 47.91 26.70 5.47
CA HIS A 33 48.19 26.41 6.87
C HIS A 33 47.55 27.51 7.71
N ILE A 34 46.57 27.11 8.53
CA ILE A 34 45.74 28.03 9.30
C ILE A 34 46.04 27.83 10.78
N PHE A 35 46.51 28.89 11.44
CA PHE A 35 46.79 28.84 12.87
C PHE A 35 45.69 29.64 13.58
N LEU A 36 44.74 28.93 14.17
CA LEU A 36 43.62 29.51 14.90
C LEU A 36 44.03 29.68 16.37
N ILE A 37 44.07 30.93 16.83
CA ILE A 37 44.56 31.26 18.16
C ILE A 37 43.42 31.82 19.00
N ARG A 38 43.23 31.23 20.19
CA ARG A 38 42.24 31.74 21.13
C ARG A 38 42.79 32.91 21.94
N ALA A 39 41.93 33.91 22.15
CA ALA A 39 42.29 35.07 22.95
C ALA A 39 42.79 34.66 24.33
N SER A 40 43.70 35.46 24.86
CA SER A 40 44.29 35.18 26.16
C SER A 40 43.30 35.51 27.27
N GLN A 41 43.73 35.26 28.51
CA GLN A 41 42.86 35.49 29.65
C GLN A 41 42.47 36.96 29.76
N TYR A 42 41.22 37.19 30.14
CA TYR A 42 40.61 38.50 30.18
C TYR A 42 39.72 38.61 31.41
N HIS A 43 39.26 39.82 31.67
CA HIS A 43 38.45 40.09 32.86
C HIS A 43 36.99 39.76 32.61
N VAL A 44 36.33 39.28 33.66
CA VAL A 44 34.93 38.90 33.59
C VAL A 44 34.23 39.31 34.89
N ARG A 52 36.33 42.34 28.88
CA ARG A 52 36.78 42.50 27.51
C ARG A 52 38.29 42.60 27.40
N THR A 53 38.93 43.27 28.35
CA THR A 53 40.38 43.46 28.25
C THR A 53 41.14 42.30 28.86
N LEU A 54 42.41 42.20 28.46
CA LEU A 54 43.29 41.15 28.95
C LEU A 54 43.68 41.38 30.41
N THR A 55 43.79 40.30 31.15
CA THR A 55 44.45 40.36 32.45
C THR A 55 45.95 40.43 32.23
N PRO A 56 46.72 40.77 33.27
CA PRO A 56 48.19 40.75 33.10
C PRO A 56 48.71 39.38 32.65
N LEU A 57 48.21 38.30 33.26
CA LEU A 57 48.57 36.96 32.82
C LEU A 57 48.18 36.73 31.37
N GLY A 58 47.02 37.24 30.95
CA GLY A 58 46.65 37.11 29.55
C GLY A 58 47.69 37.73 28.64
N ARG A 59 48.21 38.90 29.02
CA ARG A 59 49.24 39.55 28.23
C ARG A 59 50.51 38.70 28.19
N GLU A 60 50.88 38.09 29.34
CA GLU A 60 52.03 37.19 29.34
C GLU A 60 51.81 36.01 28.39
N GLN A 61 50.60 35.45 28.41
CA GLN A 61 50.27 34.34 27.53
C GLN A 61 50.41 34.73 26.07
N ALA A 62 49.90 35.92 25.72
CA ALA A 62 50.01 36.39 24.35
C ALA A 62 51.46 36.58 23.95
N GLU A 63 52.30 37.06 24.87
CA GLU A 63 53.73 37.16 24.59
C GLU A 63 54.33 35.79 24.29
N LEU A 64 53.97 34.79 25.09
CA LEU A 64 54.49 33.44 24.86
C LEU A 64 54.07 32.91 23.49
N THR A 65 52.79 33.09 23.14
CA THR A 65 52.31 32.62 21.84
C THR A 65 53.02 33.34 20.69
N GLY A 66 53.19 34.65 20.80
CA GLY A 66 53.87 35.38 19.76
C GLY A 66 55.30 34.89 19.57
N LEU A 67 56.02 34.69 20.68
CA LEU A 67 57.38 34.15 20.61
C LEU A 67 57.38 32.80 19.90
N ARG A 68 56.43 31.93 20.22
CA ARG A 68 56.38 30.61 19.61
C ARG A 68 56.22 30.72 18.10
N LEU A 69 55.19 31.47 17.68
CA LEU A 69 54.91 31.64 16.25
C LEU A 69 56.12 32.22 15.54
N ALA A 70 56.82 33.16 16.18
CA ALA A 70 58.01 33.73 15.55
C ALA A 70 59.14 32.73 15.47
N SER A 71 59.17 31.75 16.40
CA SER A 71 60.23 30.76 16.37
C SER A 71 59.92 29.58 15.46
N LEU A 72 58.74 29.53 14.84
CA LEU A 72 58.46 28.41 13.95
C LEU A 72 59.23 28.44 12.62
N GLY A 73 59.86 29.56 12.24
CA GLY A 73 60.54 29.61 10.96
C GLY A 73 59.64 29.67 9.75
N LEU A 74 58.46 30.26 9.90
CA LEU A 74 57.48 30.41 8.84
C LEU A 74 57.35 31.88 8.44
N LYS A 75 57.03 32.11 7.18
CA LYS A 75 56.71 33.46 6.69
C LYS A 75 55.19 33.55 6.62
N PHE A 76 54.60 34.17 7.64
CA PHE A 76 53.13 34.25 7.70
C PHE A 76 52.61 35.29 6.72
N ASN A 77 51.49 34.95 6.06
CA ASN A 77 50.91 35.83 5.06
C ASN A 77 50.08 36.94 5.69
N LYS A 78 49.17 36.57 6.60
CA LYS A 78 48.24 37.55 7.17
C LYS A 78 47.93 37.18 8.61
N ILE A 79 47.51 38.19 9.37
CA ILE A 79 46.91 38.01 10.69
C ILE A 79 45.48 38.55 10.58
N VAL A 80 44.51 37.65 10.50
CA VAL A 80 43.10 37.99 10.60
C VAL A 80 42.68 37.82 12.05
N HIS A 81 42.00 38.82 12.59
CA HIS A 81 41.63 38.79 14.00
C HIS A 81 40.20 39.29 14.18
N SER A 82 39.53 38.70 15.16
CA SER A 82 38.23 39.19 15.60
C SER A 82 38.33 40.65 16.01
N SER A 83 37.22 41.36 15.90
CA SER A 83 37.17 42.77 16.25
C SER A 83 36.86 43.01 17.73
N MET A 84 36.82 41.95 18.53
CA MET A 84 36.63 42.08 19.97
C MET A 84 37.89 42.60 20.65
N THR A 85 37.69 43.34 21.74
CA THR A 85 38.80 43.96 22.46
C THR A 85 39.92 42.98 22.74
N ARG A 86 39.60 41.86 23.42
CA ARG A 86 40.63 40.91 23.81
C ARG A 86 41.33 40.30 22.61
N ALA A 87 40.60 40.08 21.52
CA ALA A 87 41.24 39.56 20.32
C ALA A 87 42.21 40.58 19.75
N ILE A 88 41.81 41.86 19.74
CA ILE A 88 42.68 42.92 19.23
C ILE A 88 43.92 43.07 20.10
N GLU A 89 43.76 42.94 21.42
CA GLU A 89 44.91 43.11 22.32
C GLU A 89 45.91 41.98 22.18
N THR A 90 45.42 40.73 22.21
CA THR A 90 46.32 39.60 21.97
C THR A 90 46.95 39.72 20.59
N THR A 91 46.20 40.22 19.61
CA THR A 91 46.76 40.41 18.28
C THR A 91 47.88 41.43 18.31
N ASP A 92 47.71 42.50 19.07
CA ASP A 92 48.78 43.49 19.19
C ASP A 92 50.05 42.85 19.73
N ILE A 93 49.91 42.09 20.82
CA ILE A 93 51.08 41.46 21.42
C ILE A 93 51.73 40.51 20.43
N ILE A 94 50.95 39.64 19.80
CA ILE A 94 51.51 38.68 18.85
C ILE A 94 52.15 39.42 17.67
N SER A 95 51.50 40.49 17.21
CA SER A 95 51.97 41.20 16.04
C SER A 95 53.32 41.83 16.26
N ARG A 96 53.63 42.20 17.51
CA ARG A 96 54.95 42.75 17.77
C ARG A 96 56.05 41.75 17.42
N HIS A 97 55.79 40.46 17.58
CA HIS A 97 56.77 39.43 17.27
C HIS A 97 56.79 39.05 15.79
N LEU A 98 55.79 39.48 15.01
CA LEU A 98 55.70 39.17 13.59
C LEU A 98 55.72 40.46 12.80
N PRO A 99 56.82 41.20 12.85
CA PRO A 99 56.87 42.49 12.15
C PRO A 99 56.69 42.30 10.66
N GLY A 100 55.92 43.20 10.06
CA GLY A 100 55.70 43.14 8.63
C GLY A 100 54.64 42.16 8.16
N VAL A 101 53.88 41.57 9.07
CA VAL A 101 52.79 40.68 8.70
C VAL A 101 51.50 41.48 8.70
N CYS A 102 50.84 41.50 7.55
CA CYS A 102 49.59 42.23 7.39
C CYS A 102 48.54 41.76 8.38
N LYS A 103 47.82 42.71 8.97
CA LYS A 103 46.73 42.43 9.90
C LYS A 103 45.39 42.83 9.28
N VAL A 104 44.35 42.06 9.57
CA VAL A 104 43.02 42.28 9.01
C VAL A 104 41.99 42.03 10.11
N SER A 105 41.02 42.93 10.25
CA SER A 105 39.97 42.80 11.26
C SER A 105 38.66 42.32 10.64
N THR A 106 37.90 41.55 11.41
CA THR A 106 36.58 41.09 10.98
C THR A 106 35.61 41.02 12.15
N ASP A 107 34.34 41.36 11.87
CA ASP A 107 33.25 41.08 12.80
C ASP A 107 32.78 39.63 12.71
N LEU A 108 33.11 38.94 11.61
CA LEU A 108 32.68 37.56 11.44
C LEU A 108 33.27 36.65 12.50
N LEU A 109 34.47 36.94 12.99
CA LEU A 109 35.17 36.05 13.92
C LEU A 109 34.85 36.36 15.37
N ARG A 110 33.95 37.30 15.64
CA ARG A 110 33.62 37.63 17.02
C ARG A 110 32.98 36.43 17.72
N GLU A 111 33.17 36.38 19.04
CA GLU A 111 32.67 35.25 19.81
C GLU A 111 31.15 35.23 19.77
N GLY A 112 30.60 34.02 19.92
CA GLY A 112 29.16 33.85 19.94
C GLY A 112 28.82 32.42 20.27
N ALA A 113 27.52 32.14 20.22
CA ALA A 113 27.01 30.79 20.44
C ALA A 113 26.61 30.24 19.08
N PRO A 114 27.43 29.37 18.47
CA PRO A 114 27.19 29.00 17.07
C PRO A 114 26.00 28.07 16.88
N ILE A 115 25.91 27.02 17.68
CA ILE A 115 24.81 26.07 17.59
C ILE A 115 24.52 25.52 18.99
N GLU A 116 23.31 25.01 19.18
CA GLU A 116 22.98 24.38 20.45
C GLU A 116 23.88 23.16 20.61
N PRO A 117 24.72 23.09 21.64
CA PRO A 117 25.62 21.93 21.78
C PRO A 117 24.87 20.68 22.24
N ASP A 118 25.37 19.53 21.79
CA ASP A 118 24.93 18.21 22.26
C ASP A 118 26.17 17.42 22.60
N PRO A 119 26.38 16.97 23.85
CA PRO A 119 25.47 17.07 25.01
C PRO A 119 25.41 18.47 25.64
N PRO A 120 24.28 18.84 26.30
CA PRO A 120 24.15 20.13 26.98
C PRO A 120 25.11 20.34 28.14
N TRP A 124 26.17 27.12 31.05
CA TRP A 124 26.12 27.79 29.76
C TRP A 124 24.86 27.39 29.00
N LYS A 125 23.84 28.25 29.06
CA LYS A 125 22.56 28.00 28.41
C LYS A 125 22.09 29.29 27.73
N PRO A 126 22.52 29.53 26.50
CA PRO A 126 22.13 30.78 25.81
C PRO A 126 20.73 30.65 25.22
N GLU A 127 20.19 31.80 24.81
CA GLU A 127 18.86 31.81 24.23
C GLU A 127 18.89 31.49 22.74
N ALA A 128 17.72 31.21 22.19
CA ALA A 128 17.62 30.89 20.77
C ALA A 128 18.06 32.04 19.90
N VAL A 129 17.86 33.29 20.35
CA VAL A 129 18.25 34.44 19.54
C VAL A 129 19.74 34.41 19.24
N GLN A 130 20.56 34.07 20.22
CA GLN A 130 22.00 34.06 20.00
C GLN A 130 22.40 32.94 19.06
N TYR A 131 21.86 31.74 19.23
CA TYR A 131 22.13 30.72 18.23
C TYR A 131 21.73 31.24 16.85
N TYR A 132 20.55 31.84 16.75
CA TYR A 132 20.03 32.30 15.47
C TYR A 132 20.96 33.32 14.80
N GLU A 133 21.45 34.29 15.57
CA GLU A 133 22.31 35.34 15.03
C GLU A 133 23.75 34.84 14.85
N ASP A 134 24.32 34.33 15.92
CA ASP A 134 25.72 33.94 15.94
C ASP A 134 25.98 32.75 15.04
N GLY A 135 25.04 31.79 14.96
CA GLY A 135 25.26 30.67 14.07
C GLY A 135 25.43 31.13 12.64
N ALA A 136 24.53 32.00 12.17
CA ALA A 136 24.67 32.52 10.83
C ALA A 136 26.00 33.23 10.67
N ARG A 137 26.40 34.03 11.66
CA ARG A 137 27.64 34.80 11.50
C ARG A 137 28.88 33.91 11.53
N ILE A 138 28.95 32.96 12.48
CA ILE A 138 30.13 32.11 12.60
C ILE A 138 30.22 31.18 11.40
N GLU A 139 29.06 30.71 10.90
CA GLU A 139 29.06 29.90 9.68
C GLU A 139 29.53 30.71 8.49
N ALA A 140 29.14 31.99 8.42
CA ALA A 140 29.65 32.85 7.37
C ALA A 140 31.18 32.97 7.47
N ALA A 141 31.69 33.16 8.69
CA ALA A 141 33.14 33.21 8.90
C ALA A 141 33.80 31.93 8.41
N PHE A 142 33.26 30.78 8.81
CA PHE A 142 33.82 29.50 8.40
C PHE A 142 33.89 29.41 6.87
N ARG A 143 32.79 29.75 6.21
CA ARG A 143 32.76 29.58 4.75
C ARG A 143 33.70 30.56 4.06
N ASN A 144 33.83 31.77 4.60
CA ASN A 144 34.65 32.78 3.94
C ASN A 144 36.14 32.56 4.16
N TYR A 145 36.54 31.98 5.29
CA TYR A 145 37.96 31.84 5.60
C TYR A 145 38.49 30.41 5.52
N ILE A 146 37.64 29.40 5.67
CA ILE A 146 38.07 28.00 5.64
C ILE A 146 37.64 27.41 4.32
N HIS A 147 38.62 27.19 3.44
CA HIS A 147 38.42 26.65 2.10
C HIS A 147 39.79 26.32 1.55
N ARG A 148 39.80 25.55 0.47
CA ARG A 148 41.08 25.25 -0.16
C ARG A 148 41.61 26.49 -0.88
N ALA A 149 42.93 26.52 -1.06
CA ALA A 149 43.54 27.66 -1.71
C ALA A 149 42.94 27.85 -3.10
N ASP A 150 42.85 29.10 -3.53
CA ASP A 150 42.40 29.37 -4.89
C ASP A 150 43.36 28.78 -5.90
N ALA A 151 42.83 28.41 -7.06
CA ALA A 151 43.64 27.78 -8.09
C ALA A 151 44.75 28.70 -8.57
N ARG A 152 44.60 30.01 -8.36
CA ARG A 152 45.61 30.97 -8.77
C ARG A 152 46.57 31.35 -7.65
N GLN A 153 46.41 30.76 -6.46
CA GLN A 153 47.33 31.04 -5.36
C GLN A 153 48.68 30.38 -5.64
N GLU A 154 49.75 31.17 -5.54
CA GLU A 154 51.05 30.72 -6.02
C GLU A 154 51.70 29.73 -5.06
N GLU A 155 51.92 30.14 -3.81
CA GLU A 155 52.68 29.33 -2.86
C GLU A 155 51.85 29.01 -1.62
N ASP A 156 52.26 27.96 -0.91
CA ASP A 156 51.60 27.60 0.34
C ASP A 156 51.55 28.82 1.25
N SER A 157 50.39 29.04 1.87
CA SER A 157 50.18 30.17 2.74
C SER A 157 50.16 29.73 4.18
N TYR A 158 50.60 30.62 5.06
CA TYR A 158 50.56 30.39 6.51
C TYR A 158 49.88 31.60 7.13
N GLU A 159 48.66 31.39 7.63
CA GLU A 159 47.76 32.46 8.01
C GLU A 159 47.35 32.28 9.46
N ILE A 160 47.29 33.38 10.21
CA ILE A 160 46.98 33.35 11.63
C ILE A 160 45.60 33.95 11.84
N PHE A 161 44.75 33.23 12.56
CA PHE A 161 43.41 33.70 12.90
C PHE A 161 43.28 33.78 14.41
N ILE A 162 43.26 35.00 14.94
CA ILE A 162 43.12 35.24 16.37
C ILE A 162 41.66 35.53 16.67
N CYS A 163 40.99 34.59 17.32
CA CYS A 163 39.59 34.80 17.72
C CYS A 163 39.30 34.13 19.06
N HIS A 164 38.29 33.27 19.13
CA HIS A 164 37.70 32.91 20.41
C HIS A 164 37.38 31.42 20.47
N ALA A 165 37.08 30.97 21.69
CA ALA A 165 36.93 29.54 21.97
C ALA A 165 35.81 28.92 21.13
N ASN A 166 34.59 29.45 21.24
CA ASN A 166 33.47 28.85 20.54
C ASN A 166 33.67 28.92 19.04
N VAL A 167 34.15 30.06 18.54
CA VAL A 167 34.38 30.19 17.10
C VAL A 167 35.36 29.14 16.62
N ILE A 168 36.50 29.01 17.31
CA ILE A 168 37.52 28.08 16.86
C ILE A 168 37.02 26.65 16.92
N ARG A 169 36.35 26.27 18.02
CA ARG A 169 35.89 24.90 18.13
C ARG A 169 34.85 24.57 17.07
N TYR A 170 33.95 25.51 16.79
CA TYR A 170 32.98 25.32 15.72
C TYR A 170 33.68 25.22 14.36
N ILE A 171 34.66 26.10 14.12
CA ILE A 171 35.45 26.04 12.88
C ILE A 171 36.07 24.67 12.72
N VAL A 172 36.60 24.11 13.81
CA VAL A 172 37.26 22.81 13.75
C VAL A 172 36.26 21.73 13.42
N CYS A 173 35.10 21.74 14.08
CA CYS A 173 34.08 20.73 13.79
C CYS A 173 33.63 20.81 12.34
N ARG A 174 33.41 22.02 11.82
CA ARG A 174 32.95 22.16 10.44
C ARG A 174 34.02 21.71 9.44
N ALA A 175 35.27 22.14 9.66
CA ALA A 175 36.34 21.86 8.70
C ALA A 175 36.58 20.36 8.55
N LEU A 176 36.47 19.62 9.65
CA LEU A 176 36.64 18.18 9.65
C LEU A 176 35.36 17.42 9.32
N GLN A 177 34.27 18.13 9.02
CA GLN A 177 32.99 17.49 8.71
C GLN A 177 32.56 16.54 9.82
N PHE A 178 32.80 16.97 11.04
CA PHE A 178 32.27 16.37 12.25
C PHE A 178 31.00 17.10 12.67
N PRO A 179 30.11 16.45 13.42
CA PRO A 179 28.84 17.08 13.77
C PRO A 179 29.06 18.41 14.49
N PRO A 180 28.57 19.52 13.95
CA PRO A 180 28.87 20.82 14.57
C PRO A 180 28.34 20.94 15.99
N GLU A 181 27.25 20.23 16.32
CA GLU A 181 26.72 20.28 17.67
C GLU A 181 27.73 19.78 18.70
N GLY A 182 28.85 19.22 18.26
CA GLY A 182 29.89 18.76 19.15
C GLY A 182 31.01 19.74 19.38
N TRP A 183 30.81 21.02 19.04
CA TRP A 183 31.90 21.98 19.23
C TRP A 183 32.28 22.10 20.69
N LEU A 184 31.32 21.88 21.60
CA LEU A 184 31.59 21.95 23.03
C LEU A 184 32.19 20.66 23.58
N ARG A 185 32.36 19.64 22.74
CA ARG A 185 33.17 18.49 23.12
C ARG A 185 34.64 18.78 23.04
N LEU A 186 35.03 19.95 22.55
CA LEU A 186 36.40 20.43 22.55
C LEU A 186 36.58 21.47 23.65
N SER A 187 37.84 21.70 24.00
CA SER A 187 38.19 22.69 25.01
C SER A 187 39.50 23.33 24.59
N LEU A 188 39.58 24.65 24.75
CA LEU A 188 40.73 25.41 24.27
C LEU A 188 41.24 26.32 25.38
N ASN A 189 42.54 26.20 25.69
CA ASN A 189 43.17 27.09 26.64
C ASN A 189 43.37 28.48 26.02
N ASN A 190 43.48 29.47 26.91
CA ASN A 190 43.78 30.83 26.48
C ASN A 190 45.13 30.89 25.77
N GLY A 191 45.17 31.59 24.64
CA GLY A 191 46.39 31.73 23.87
C GLY A 191 46.85 30.50 23.13
N SER A 192 46.05 29.45 23.07
CA SER A 192 46.47 28.21 22.45
C SER A 192 46.51 28.33 20.93
N ILE A 193 47.30 27.46 20.30
CA ILE A 193 47.44 27.39 18.85
C ILE A 193 46.76 26.12 18.36
N THR A 194 45.87 26.26 17.39
CA THR A 194 45.20 25.14 16.75
C THR A 194 45.59 25.17 15.28
N HIS A 195 46.22 24.10 14.80
CA HIS A 195 46.81 24.10 13.46
C HIS A 195 45.96 23.23 12.54
N LEU A 196 45.33 23.88 11.57
CA LEU A 196 44.57 23.22 10.52
C LEU A 196 45.33 23.30 9.21
N VAL A 197 45.29 22.22 8.44
CA VAL A 197 45.91 22.14 7.13
C VAL A 197 44.81 21.83 6.12
N ILE A 198 44.71 22.67 5.09
CA ILE A 198 43.74 22.48 4.02
C ILE A 198 44.51 22.22 2.74
N ARG A 199 44.37 21.01 2.21
CA ARG A 199 45.08 20.56 1.04
C ARG A 199 44.48 21.12 -0.24
N PRO A 200 45.28 21.26 -1.30
CA PRO A 200 44.75 21.82 -2.55
C PRO A 200 43.63 21.01 -3.15
N ASN A 201 43.49 19.74 -2.78
CA ASN A 201 42.37 18.92 -3.20
C ASN A 201 41.20 18.98 -2.22
N GLY A 202 41.24 19.88 -1.23
CA GLY A 202 40.15 20.06 -0.30
C GLY A 202 40.20 19.19 0.94
N ARG A 203 41.17 18.29 1.07
CA ARG A 203 41.26 17.47 2.27
C ARG A 203 41.78 18.31 3.42
N VAL A 204 41.27 18.04 4.62
CA VAL A 204 41.58 18.85 5.79
C VAL A 204 42.15 17.93 6.88
N ALA A 205 43.27 18.34 7.45
CA ALA A 205 43.90 17.64 8.57
C ALA A 205 44.05 18.56 9.77
N LEU A 206 43.72 18.07 10.96
CA LEU A 206 43.96 18.81 12.19
C LEU A 206 45.28 18.31 12.78
N ARG A 207 46.35 19.11 12.62
CA ARG A 207 47.64 18.72 13.16
C ARG A 207 47.75 19.03 14.65
N THR A 208 47.02 20.03 15.13
CA THR A 208 47.13 20.44 16.52
C THR A 208 45.85 21.14 16.93
N LEU A 209 45.46 20.93 18.19
CA LEU A 209 44.31 21.60 18.77
C LEU A 209 44.66 22.03 20.19
N GLY A 210 44.48 23.32 20.49
CA GLY A 210 44.67 23.79 21.86
C GLY A 210 46.09 23.65 22.37
N ASP A 211 47.08 23.72 21.47
CA ASP A 211 48.47 23.58 21.86
C ASP A 211 48.92 24.75 22.72
N THR A 212 49.32 24.46 23.97
CA THR A 212 49.96 25.46 24.82
C THR A 212 51.23 24.90 25.43
N GLY A 213 51.86 23.92 24.79
CA GLY A 213 53.06 23.32 25.34
C GLY A 213 54.23 24.29 25.49
N PHE A 214 54.15 25.44 24.84
CA PHE A 214 55.20 26.45 24.90
C PHE A 214 55.08 27.39 26.09
N MET A 215 54.01 27.24 26.90
CA MET A 215 53.84 28.04 28.11
C MET A 215 54.24 27.26 29.35
N PRO A 216 54.83 27.93 30.35
CA PRO A 216 55.04 27.29 31.64
C PRO A 216 53.72 26.85 32.25
N PRO A 217 53.65 25.63 32.79
CA PRO A 217 52.36 25.12 33.28
C PRO A 217 51.61 26.07 34.19
N ASP A 218 52.32 26.82 35.04
CA ASP A 218 51.66 27.68 36.02
C ASP A 218 50.96 28.87 35.38
N LYS A 219 51.12 29.08 34.08
CA LYS A 219 50.50 30.20 33.38
C LYS A 219 49.45 29.73 32.37
N ILE A 220 48.98 28.50 32.49
CA ILE A 220 47.98 27.93 31.59
C ILE A 220 46.60 28.09 32.21
N THR A 221 45.67 28.65 31.43
CA THR A 221 44.29 28.85 31.87
C THR A 221 43.32 28.48 30.76
N ARG A 222 42.07 28.27 31.17
CA ARG A 222 40.94 28.20 30.26
C ARG A 222 40.05 29.42 30.40
N SER A 223 40.29 30.25 31.40
CA SER A 223 39.55 31.49 31.62
C SER A 223 39.87 32.03 33.02
N ALA B 28 47.09 -19.73 -0.30
CA ALA B 28 47.24 -20.49 0.94
C ALA B 28 47.16 -21.98 0.69
N LYS B 29 48.22 -22.72 1.05
CA LYS B 29 48.20 -24.17 0.93
C LYS B 29 48.50 -24.90 2.24
N ALA B 30 48.76 -24.19 3.33
CA ALA B 30 49.06 -24.83 4.59
C ALA B 30 47.81 -24.96 5.42
N THR B 31 47.80 -25.95 6.30
CA THR B 31 46.71 -26.15 7.25
C THR B 31 47.20 -25.76 8.64
N ARG B 32 46.32 -25.12 9.41
CA ARG B 32 46.65 -24.72 10.77
C ARG B 32 45.97 -25.65 11.76
N HIS B 33 46.77 -26.25 12.63
CA HIS B 33 46.26 -27.04 13.74
C HIS B 33 46.38 -26.22 15.02
N ILE B 34 45.24 -25.88 15.61
CA ILE B 34 45.20 -25.02 16.79
C ILE B 34 44.77 -25.87 17.97
N PHE B 35 45.61 -25.96 18.99
CA PHE B 35 45.31 -26.69 20.21
C PHE B 35 44.96 -25.65 21.29
N LEU B 36 43.66 -25.51 21.54
CA LEU B 36 43.13 -24.62 22.55
C LEU B 36 43.06 -25.37 23.89
N ILE B 37 43.85 -24.91 24.85
CA ILE B 37 44.01 -25.59 26.13
C ILE B 37 43.44 -24.73 27.24
N ARG B 38 42.57 -25.31 28.06
CA ARG B 38 42.04 -24.59 29.21
C ARG B 38 43.05 -24.63 30.36
N ALA B 39 43.19 -23.50 31.05
CA ALA B 39 44.04 -23.45 32.23
C ALA B 39 43.56 -24.46 33.27
N SER B 40 44.51 -24.97 34.06
CA SER B 40 44.22 -25.97 35.06
C SER B 40 43.47 -25.35 36.26
N GLN B 41 43.10 -26.21 37.21
CA GLN B 41 42.36 -25.79 38.38
C GLN B 41 43.16 -24.80 39.21
N TYR B 42 42.47 -23.79 39.75
CA TYR B 42 43.12 -22.72 40.49
C TYR B 42 42.25 -22.28 41.66
N HIS B 43 42.84 -21.48 42.55
CA HIS B 43 42.11 -20.89 43.65
C HIS B 43 41.50 -19.60 43.13
N VAL B 44 40.19 -19.43 43.32
CA VAL B 44 39.55 -18.20 42.85
C VAL B 44 39.60 -17.17 43.98
N ARG B 52 45.40 -15.69 42.31
CA ARG B 52 44.67 -16.74 41.61
C ARG B 52 45.62 -17.73 40.93
N THR B 53 46.33 -18.51 41.74
CA THR B 53 47.32 -19.45 41.25
C THR B 53 46.74 -20.87 41.18
N LEU B 54 47.47 -21.73 40.50
CA LEU B 54 47.02 -23.11 40.34
C LEU B 54 47.03 -23.80 41.69
N THR B 55 46.03 -24.66 41.92
CA THR B 55 46.04 -25.53 43.07
C THR B 55 47.00 -26.68 42.83
N PRO B 56 47.32 -27.46 43.86
CA PRO B 56 48.15 -28.66 43.64
C PRO B 56 47.58 -29.59 42.58
N LEU B 57 46.27 -29.83 42.64
CA LEU B 57 45.61 -30.63 41.62
C LEU B 57 45.79 -29.99 40.26
N GLY B 58 45.65 -28.65 40.18
CA GLY B 58 45.88 -27.96 38.93
C GLY B 58 47.28 -28.16 38.38
N ARG B 59 48.28 -28.13 39.26
CA ARG B 59 49.66 -28.35 38.80
C ARG B 59 49.79 -29.73 38.19
N GLU B 60 49.20 -30.74 38.84
CA GLU B 60 49.24 -32.10 38.29
C GLU B 60 48.50 -32.17 36.95
N GLN B 61 47.35 -31.50 36.84
CA GLN B 61 46.61 -31.48 35.58
C GLN B 61 47.45 -30.91 34.45
N ALA B 62 48.13 -29.79 34.72
CA ALA B 62 48.99 -29.19 33.70
C ALA B 62 50.12 -30.14 33.32
N GLU B 63 50.65 -30.87 34.31
CA GLU B 63 51.66 -31.88 34.02
C GLU B 63 51.13 -32.94 33.05
N LEU B 64 49.91 -33.43 33.30
CA LEU B 64 49.33 -34.43 32.41
C LEU B 64 49.11 -33.88 31.00
N THR B 65 48.60 -32.66 30.91
CA THR B 65 48.36 -32.07 29.59
C THR B 65 49.67 -31.94 28.82
N GLY B 66 50.73 -31.49 29.51
CA GLY B 66 52.02 -31.39 28.86
C GLY B 66 52.55 -32.73 28.39
N LEU B 67 52.46 -33.76 29.24
CA LEU B 67 52.90 -35.09 28.83
C LEU B 67 52.18 -35.52 27.56
N ARG B 68 50.86 -35.35 27.52
CA ARG B 68 50.09 -35.79 26.35
C ARG B 68 50.54 -35.06 25.10
N LEU B 69 50.56 -33.72 25.16
CA LEU B 69 50.95 -32.93 24.00
C LEU B 69 52.32 -33.35 23.50
N ALA B 70 53.24 -33.63 24.42
CA ALA B 70 54.57 -34.06 24.02
C ALA B 70 54.55 -35.47 23.44
N SER B 71 53.58 -36.30 23.83
CA SER B 71 53.54 -37.67 23.33
C SER B 71 52.85 -37.78 21.98
N LEU B 72 52.28 -36.68 21.47
CA LEU B 72 51.59 -36.77 20.18
C LEU B 72 52.49 -36.95 18.95
N GLY B 73 53.80 -36.80 19.06
CA GLY B 73 54.63 -36.85 17.87
C GLY B 73 54.53 -35.63 16.99
N LEU B 74 54.24 -34.47 17.59
CA LEU B 74 54.13 -33.21 16.89
C LEU B 74 55.27 -32.27 17.28
N LYS B 75 55.72 -31.47 16.32
CA LYS B 75 56.64 -30.36 16.58
C LYS B 75 55.83 -29.07 16.55
N PHE B 76 55.48 -28.56 17.72
CA PHE B 76 54.64 -27.39 17.82
C PHE B 76 55.41 -26.13 17.45
N ASN B 77 54.74 -25.20 16.77
CA ASN B 77 55.38 -23.96 16.34
C ASN B 77 55.46 -22.96 17.49
N LYS B 78 54.36 -22.74 18.20
CA LYS B 78 54.32 -21.72 19.24
C LYS B 78 53.41 -22.16 20.37
N ILE B 79 53.66 -21.58 21.55
CA ILE B 79 52.74 -21.63 22.69
C ILE B 79 52.32 -20.19 22.96
N VAL B 80 51.11 -19.84 22.54
CA VAL B 80 50.50 -18.56 22.86
C VAL B 80 49.63 -18.74 24.10
N HIS B 81 49.76 -17.83 25.06
CA HIS B 81 49.05 -17.96 26.32
C HIS B 81 48.49 -16.62 26.77
N SER B 82 47.34 -16.69 27.43
CA SER B 82 46.79 -15.54 28.13
C SER B 82 47.79 -15.03 29.17
N SER B 83 47.67 -13.74 29.49
CA SER B 83 48.53 -13.12 30.48
C SER B 83 47.99 -13.24 31.90
N MET B 84 46.90 -13.98 32.10
CA MET B 84 46.40 -14.22 33.45
C MET B 84 47.29 -15.21 34.18
N THR B 85 47.37 -15.06 35.50
CA THR B 85 48.28 -15.87 36.32
C THR B 85 48.11 -17.36 36.05
N ARG B 86 46.89 -17.88 36.14
CA ARG B 86 46.72 -19.32 35.98
C ARG B 86 47.13 -19.78 34.59
N ALA B 87 46.91 -18.94 33.57
CA ALA B 87 47.34 -19.30 32.23
C ALA B 87 48.86 -19.33 32.13
N ILE B 88 49.54 -18.37 32.76
CA ILE B 88 51.01 -18.37 32.74
C ILE B 88 51.56 -19.57 33.48
N GLU B 89 50.93 -19.95 34.59
CA GLU B 89 51.41 -21.07 35.39
C GLU B 89 51.24 -22.38 34.63
N THR B 90 50.05 -22.58 34.05
CA THR B 90 49.84 -23.74 33.18
C THR B 90 50.81 -23.74 32.02
N THR B 91 51.13 -22.55 31.49
CA THR B 91 52.06 -22.48 30.37
C THR B 91 53.46 -22.89 30.80
N ASP B 92 53.92 -22.45 31.97
CA ASP B 92 55.24 -22.87 32.44
C ASP B 92 55.31 -24.37 32.62
N ILE B 93 54.31 -24.96 33.28
CA ILE B 93 54.31 -26.40 33.50
C ILE B 93 54.31 -27.14 32.16
N ILE B 94 53.40 -26.76 31.26
CA ILE B 94 53.32 -27.41 29.95
C ILE B 94 54.62 -27.20 29.16
N SER B 95 55.21 -26.00 29.26
CA SER B 95 56.40 -25.66 28.51
C SER B 95 57.57 -26.53 28.90
N ARG B 96 57.59 -27.01 30.14
CA ARG B 96 58.68 -27.91 30.53
C ARG B 96 58.76 -29.14 29.64
N HIS B 97 57.61 -29.64 29.18
CA HIS B 97 57.59 -30.84 28.33
C HIS B 97 57.79 -30.57 26.85
N LEU B 98 57.72 -29.30 26.43
CA LEU B 98 57.87 -28.92 25.03
C LEU B 98 59.04 -27.93 24.91
N PRO B 99 60.25 -28.36 25.23
CA PRO B 99 61.39 -27.45 25.21
C PRO B 99 61.67 -26.96 23.79
N GLY B 100 62.04 -25.69 23.69
CA GLY B 100 62.36 -25.11 22.40
C GLY B 100 61.18 -24.60 21.61
N VAL B 101 59.99 -24.55 22.21
CA VAL B 101 58.81 -23.99 21.55
C VAL B 101 58.69 -22.54 21.99
N CYS B 102 58.68 -21.63 21.02
CA CYS B 102 58.54 -20.22 21.35
C CYS B 102 57.26 -19.99 22.15
N LYS B 103 57.36 -19.16 23.18
CA LYS B 103 56.21 -18.79 23.98
C LYS B 103 55.86 -17.33 23.73
N VAL B 104 54.57 -17.04 23.71
CA VAL B 104 54.09 -15.69 23.44
C VAL B 104 52.96 -15.39 24.42
N SER B 105 53.00 -14.21 25.01
CA SER B 105 51.97 -13.78 25.94
C SER B 105 51.05 -12.82 25.22
N THR B 106 49.76 -12.88 25.55
CA THR B 106 48.82 -11.92 24.99
C THR B 106 47.75 -11.61 26.03
N ASP B 107 47.38 -10.33 26.08
CA ASP B 107 46.25 -9.88 26.88
C ASP B 107 44.92 -10.15 26.21
N LEU B 108 44.92 -10.45 24.91
CA LEU B 108 43.67 -10.72 24.20
C LEU B 108 42.99 -11.98 24.71
N LEU B 109 43.75 -12.98 25.15
CA LEU B 109 43.17 -14.27 25.52
C LEU B 109 42.77 -14.35 26.98
N ARG B 110 42.86 -13.26 27.73
CA ARG B 110 42.43 -13.27 29.13
C ARG B 110 40.95 -13.58 29.23
N GLU B 111 40.56 -14.19 30.33
CA GLU B 111 39.17 -14.60 30.50
C GLU B 111 38.27 -13.36 30.55
N GLY B 112 37.02 -13.55 30.16
CA GLY B 112 36.07 -12.46 30.17
C GLY B 112 34.68 -12.95 29.84
N ALA B 113 33.77 -11.99 29.69
CA ALA B 113 32.38 -12.29 29.34
C ALA B 113 32.18 -11.98 27.86
N PRO B 114 32.13 -12.97 26.98
CA PRO B 114 32.11 -12.65 25.54
C PRO B 114 30.78 -12.08 25.08
N ILE B 115 29.69 -12.79 25.36
CA ILE B 115 28.35 -12.31 25.04
C ILE B 115 27.35 -12.97 25.96
N GLU B 116 26.15 -12.41 26.00
CA GLU B 116 25.05 -12.98 26.76
C GLU B 116 24.76 -14.38 26.24
N PRO B 117 24.86 -15.42 27.05
CA PRO B 117 24.54 -16.76 26.59
C PRO B 117 23.04 -16.88 26.41
N ASP B 118 22.64 -17.71 25.45
CA ASP B 118 21.24 -18.08 25.31
C ASP B 118 21.22 -19.60 25.19
N PRO B 119 20.54 -20.31 26.09
CA PRO B 119 19.66 -19.78 27.14
C PRO B 119 20.41 -19.17 28.31
N PRO B 120 19.77 -18.25 29.03
CA PRO B 120 20.37 -17.72 30.25
C PRO B 120 20.53 -18.82 31.29
N VAL B 121 21.43 -18.60 32.25
CA VAL B 121 21.67 -19.59 33.29
C VAL B 121 21.84 -18.90 34.63
N SER B 122 21.54 -19.64 35.70
CA SER B 122 21.58 -19.11 37.06
C SER B 122 22.98 -18.64 37.43
N HIS B 123 23.98 -19.52 37.24
CA HIS B 123 25.33 -19.26 37.76
C HIS B 123 25.96 -18.03 37.13
N TRP B 124 25.53 -17.64 35.94
CA TRP B 124 26.23 -16.66 35.11
C TRP B 124 25.37 -15.41 34.99
N LYS B 125 25.73 -14.38 35.75
CA LYS B 125 25.02 -13.11 35.72
C LYS B 125 26.02 -11.96 35.89
N PRO B 126 26.84 -11.73 34.87
CA PRO B 126 27.78 -10.61 34.90
C PRO B 126 27.10 -9.32 34.43
N GLU B 127 27.77 -8.20 34.68
CA GLU B 127 27.19 -6.90 34.36
C GLU B 127 27.46 -6.52 32.90
N ALA B 128 26.71 -5.54 32.42
CA ALA B 128 26.74 -5.19 31.00
C ALA B 128 28.06 -4.59 30.58
N VAL B 129 28.73 -3.83 31.46
CA VAL B 129 30.03 -3.28 31.13
C VAL B 129 31.01 -4.39 30.81
N GLN B 130 30.87 -5.53 31.49
CA GLN B 130 31.76 -6.66 31.25
C GLN B 130 31.57 -7.20 29.85
N TYR B 131 30.31 -7.37 29.41
CA TYR B 131 30.07 -7.75 28.02
C TYR B 131 30.67 -6.72 27.08
N TYR B 132 30.45 -5.44 27.37
CA TYR B 132 30.89 -4.37 26.47
C TYR B 132 32.39 -4.42 26.24
N GLU B 133 33.17 -4.57 27.29
CA GLU B 133 34.63 -4.59 27.17
C GLU B 133 35.16 -5.95 26.72
N ASP B 134 34.78 -7.01 27.44
CA ASP B 134 35.33 -8.33 27.20
C ASP B 134 34.90 -8.89 25.84
N GLY B 135 33.68 -8.61 25.40
CA GLY B 135 33.27 -9.08 24.08
C GLY B 135 34.15 -8.54 22.98
N ALA B 136 34.40 -7.23 23.00
CA ALA B 136 35.29 -6.64 22.01
C ALA B 136 36.65 -7.31 22.08
N ARG B 137 37.16 -7.55 23.29
CA ARG B 137 38.52 -8.10 23.39
C ARG B 137 38.57 -9.56 22.90
N ILE B 138 37.60 -10.38 23.32
CA ILE B 138 37.62 -11.79 22.92
C ILE B 138 37.36 -11.94 21.43
N GLU B 139 36.50 -11.10 20.86
CA GLU B 139 36.29 -11.14 19.42
C GLU B 139 37.57 -10.74 18.68
N ALA B 140 38.30 -9.76 19.22
CA ALA B 140 39.61 -9.43 18.65
C ALA B 140 40.54 -10.63 18.70
N ALA B 141 40.55 -11.35 19.81
CA ALA B 141 41.36 -12.56 19.92
C ALA B 141 40.98 -13.56 18.83
N PHE B 142 39.68 -13.84 18.69
CA PHE B 142 39.23 -14.79 17.69
C PHE B 142 39.73 -14.38 16.31
N ARG B 143 39.56 -13.11 15.95
CA ARG B 143 39.92 -12.66 14.61
C ARG B 143 41.42 -12.72 14.38
N ASN B 144 42.22 -12.42 15.42
CA ASN B 144 43.65 -12.37 15.23
C ASN B 144 44.30 -13.75 15.21
N TYR B 145 43.72 -14.73 15.90
CA TYR B 145 44.38 -16.02 16.03
C TYR B 145 43.70 -17.15 15.27
N ILE B 146 42.40 -17.03 14.99
CA ILE B 146 41.65 -18.09 14.34
C ILE B 146 41.40 -17.64 12.91
N HIS B 147 42.13 -18.25 11.97
CA HIS B 147 42.00 -17.92 10.56
C HIS B 147 42.81 -18.95 9.78
N ARG B 148 42.62 -18.95 8.46
CA ARG B 148 43.39 -19.85 7.61
C ARG B 148 44.84 -19.38 7.53
N ALA B 149 45.72 -20.31 7.18
CA ALA B 149 47.14 -20.02 7.13
C ALA B 149 47.40 -18.83 6.21
N ASP B 150 48.41 -18.06 6.57
CA ASP B 150 48.85 -16.97 5.72
C ASP B 150 49.35 -17.52 4.39
N ALA B 151 49.20 -16.72 3.33
CA ALA B 151 49.60 -17.19 2.02
C ALA B 151 51.08 -17.52 1.97
N ARG B 152 51.89 -16.78 2.72
CA ARG B 152 53.33 -17.02 2.74
C ARG B 152 53.70 -18.29 3.50
N GLN B 153 52.79 -18.84 4.30
CA GLN B 153 53.12 -19.96 5.17
C GLN B 153 53.41 -21.20 4.34
N GLU B 154 54.60 -21.78 4.53
CA GLU B 154 55.08 -22.85 3.67
C GLU B 154 54.73 -24.25 4.19
N GLU B 155 54.70 -24.44 5.51
CA GLU B 155 54.46 -25.76 6.10
C GLU B 155 53.29 -25.71 7.09
N ASP B 156 52.67 -26.87 7.29
CA ASP B 156 51.62 -27.00 8.28
C ASP B 156 52.15 -26.60 9.65
N SER B 157 51.34 -25.85 10.39
CA SER B 157 51.70 -25.39 11.72
C SER B 157 50.88 -26.11 12.77
N TYR B 158 51.49 -26.31 13.94
CA TYR B 158 50.82 -26.89 15.09
C TYR B 158 51.06 -25.98 16.29
N GLU B 159 50.00 -25.33 16.76
CA GLU B 159 50.09 -24.23 17.72
C GLU B 159 49.24 -24.52 18.95
N ILE B 160 49.78 -24.16 20.11
CA ILE B 160 49.12 -24.39 21.40
C ILE B 160 48.67 -23.03 21.94
N PHE B 161 47.38 -22.93 22.29
CA PHE B 161 46.80 -21.72 22.86
C PHE B 161 46.28 -22.03 24.25
N ILE B 162 46.97 -21.53 25.27
CA ILE B 162 46.61 -21.75 26.66
C ILE B 162 45.82 -20.54 27.14
N CYS B 163 44.51 -20.73 27.35
CA CYS B 163 43.68 -19.67 27.89
C CYS B 163 42.58 -20.23 28.79
N HIS B 164 41.32 -19.90 28.52
CA HIS B 164 40.27 -20.00 29.53
C HIS B 164 38.98 -20.54 28.93
N ALA B 165 38.06 -20.91 29.83
CA ALA B 165 36.85 -21.61 29.45
C ALA B 165 36.00 -20.79 28.49
N ASN B 166 35.60 -19.59 28.92
CA ASN B 166 34.70 -18.78 28.10
C ASN B 166 35.36 -18.42 26.77
N VAL B 167 36.64 -18.06 26.82
CA VAL B 167 37.35 -17.67 25.60
C VAL B 167 37.32 -18.80 24.60
N ILE B 168 37.70 -20.00 25.03
CA ILE B 168 37.78 -21.14 24.11
C ILE B 168 36.40 -21.50 23.57
N ARG B 169 35.39 -21.54 24.43
CA ARG B 169 34.06 -21.93 23.95
C ARG B 169 33.53 -20.93 22.94
N TYR B 170 33.72 -19.63 23.19
CA TYR B 170 33.32 -18.62 22.22
C TYR B 170 34.10 -18.78 20.92
N ILE B 171 35.41 -19.02 21.03
CA ILE B 171 36.24 -19.25 19.85
C ILE B 171 35.70 -20.43 19.04
N VAL B 172 35.28 -21.50 19.73
CA VAL B 172 34.80 -22.68 19.02
C VAL B 172 33.51 -22.37 18.29
N CYS B 173 32.58 -21.69 18.96
CA CYS B 173 31.34 -21.34 18.29
C CYS B 173 31.60 -20.46 17.07
N ARG B 174 32.52 -19.50 17.21
CA ARG B 174 32.82 -18.59 16.10
C ARG B 174 33.50 -19.31 14.93
N ALA B 175 34.49 -20.16 15.23
CA ALA B 175 35.24 -20.84 14.18
C ALA B 175 34.35 -21.77 13.37
N LEU B 176 33.40 -22.42 14.03
CA LEU B 176 32.45 -23.30 13.35
C LEU B 176 31.26 -22.53 12.80
N GLN B 177 31.24 -21.21 12.97
CA GLN B 177 30.13 -20.37 12.53
C GLN B 177 28.81 -20.87 13.11
N PHE B 178 28.86 -21.30 14.36
CA PHE B 178 27.66 -21.57 15.12
C PHE B 178 27.27 -20.32 15.91
N PRO B 179 26.00 -20.15 16.26
CA PRO B 179 25.58 -18.93 16.93
C PRO B 179 26.39 -18.70 18.19
N PRO B 180 27.14 -17.60 18.27
CA PRO B 180 28.06 -17.44 19.41
C PRO B 180 27.37 -17.42 20.76
N GLU B 181 26.09 -17.03 20.83
CA GLU B 181 25.36 -17.08 22.09
C GLU B 181 25.29 -18.48 22.68
N GLY B 182 25.70 -19.51 21.94
CA GLY B 182 25.71 -20.85 22.44
C GLY B 182 27.02 -21.28 23.07
N TRP B 183 27.93 -20.35 23.35
CA TRP B 183 29.22 -20.74 23.93
C TRP B 183 29.04 -21.41 25.29
N LEU B 184 27.99 -21.04 26.02
CA LEU B 184 27.76 -21.64 27.32
C LEU B 184 27.02 -22.97 27.23
N ARG B 185 26.63 -23.39 26.01
CA ARG B 185 26.14 -24.74 25.81
C ARG B 185 27.28 -25.75 25.74
N LEU B 186 28.51 -25.26 25.74
CA LEU B 186 29.71 -26.10 25.80
C LEU B 186 30.27 -26.06 27.22
N SER B 187 31.09 -27.05 27.53
CA SER B 187 31.70 -27.16 28.86
C SER B 187 33.09 -27.75 28.69
N LEU B 188 34.05 -27.20 29.44
CA LEU B 188 35.45 -27.58 29.31
C LEU B 188 36.06 -27.88 30.66
N ASN B 189 36.68 -29.06 30.76
CA ASN B 189 37.42 -29.43 31.96
C ASN B 189 38.74 -28.66 32.05
N ASN B 190 39.23 -28.53 33.28
CA ASN B 190 40.54 -27.93 33.50
C ASN B 190 41.62 -28.75 32.80
N GLY B 191 42.53 -28.05 32.12
CA GLY B 191 43.63 -28.69 31.42
C GLY B 191 43.27 -29.43 30.15
N SER B 192 42.03 -29.31 29.68
CA SER B 192 41.57 -30.07 28.54
C SER B 192 42.16 -29.54 27.22
N ILE B 193 42.16 -30.41 26.22
CA ILE B 193 42.67 -30.09 24.88
C ILE B 193 41.50 -30.05 23.92
N THR B 194 41.38 -28.94 23.18
CA THR B 194 40.37 -28.77 22.14
C THR B 194 41.11 -28.55 20.83
N HIS B 195 40.87 -29.40 19.85
CA HIS B 195 41.66 -29.40 18.62
C HIS B 195 40.83 -28.83 17.47
N LEU B 196 41.27 -27.69 16.94
CA LEU B 196 40.68 -27.07 15.76
C LEU B 196 41.62 -27.24 14.57
N VAL B 197 41.05 -27.51 13.40
CA VAL B 197 41.80 -27.58 12.16
C VAL B 197 41.21 -26.57 11.19
N ILE B 198 42.07 -25.70 10.65
CA ILE B 198 41.65 -24.71 9.67
C ILE B 198 42.38 -25.04 8.36
N ARG B 199 41.59 -25.42 7.35
CA ARG B 199 42.10 -25.81 6.05
C ARG B 199 42.46 -24.59 5.21
N PRO B 200 43.36 -24.75 4.24
CA PRO B 200 43.81 -23.59 3.44
C PRO B 200 42.69 -22.90 2.70
N ASN B 201 41.55 -23.56 2.49
CA ASN B 201 40.40 -22.92 1.88
C ASN B 201 39.48 -22.26 2.90
N GLY B 202 39.91 -22.16 4.16
CA GLY B 202 39.15 -21.49 5.19
C GLY B 202 38.17 -22.37 5.91
N ARG B 203 38.01 -23.62 5.49
CA ARG B 203 37.09 -24.53 6.15
C ARG B 203 37.64 -24.98 7.50
N VAL B 204 36.74 -25.15 8.47
CA VAL B 204 37.09 -25.42 9.86
C VAL B 204 36.47 -26.74 10.30
N ALA B 205 37.28 -27.59 10.92
CA ALA B 205 36.82 -28.83 11.52
C ALA B 205 37.21 -28.84 13.00
N LEU B 206 36.27 -29.21 13.86
CA LEU B 206 36.56 -29.41 15.28
C LEU B 206 36.79 -30.91 15.48
N ARG B 207 38.04 -31.30 15.72
CA ARG B 207 38.35 -32.72 15.89
C ARG B 207 38.22 -33.17 17.34
N THR B 208 38.25 -32.25 18.29
CA THR B 208 38.12 -32.60 19.69
C THR B 208 37.72 -31.37 20.48
N LEU B 209 36.93 -31.58 21.53
CA LEU B 209 36.54 -30.51 22.44
C LEU B 209 36.65 -31.05 23.86
N GLY B 210 37.43 -30.37 24.70
CA GLY B 210 37.50 -30.75 26.10
C GLY B 210 38.11 -32.11 26.38
N ASP B 211 39.04 -32.57 25.53
CA ASP B 211 39.64 -33.88 25.72
C ASP B 211 40.44 -33.90 27.02
N THR B 212 40.01 -34.76 27.94
CA THR B 212 40.75 -35.04 29.17
C THR B 212 40.88 -36.54 29.40
N GLY B 213 40.80 -37.35 28.36
CA GLY B 213 40.91 -38.79 28.49
C GLY B 213 42.26 -39.25 28.99
N PHE B 214 43.27 -38.38 28.94
CA PHE B 214 44.62 -38.68 29.35
C PHE B 214 44.86 -38.44 30.84
N MET B 215 43.85 -37.90 31.56
CA MET B 215 43.93 -37.70 32.99
C MET B 215 43.22 -38.82 33.73
N PRO B 216 43.70 -39.24 34.89
CA PRO B 216 42.93 -40.19 35.70
C PRO B 216 41.59 -39.57 36.08
N PRO B 217 40.48 -40.30 35.95
CA PRO B 217 39.17 -39.70 36.22
C PRO B 217 39.09 -38.94 37.53
N ASP B 218 39.77 -39.42 38.57
CA ASP B 218 39.72 -38.80 39.89
C ASP B 218 40.42 -37.45 39.94
N LYS B 219 41.10 -37.04 38.87
CA LYS B 219 41.80 -35.77 38.82
C LYS B 219 41.19 -34.81 37.82
N ILE B 220 39.98 -35.10 37.33
CA ILE B 220 39.29 -34.27 36.34
C ILE B 220 38.34 -33.33 37.07
N THR B 221 38.42 -32.04 36.74
CA THR B 221 37.55 -31.03 37.32
C THR B 221 37.08 -30.07 36.24
N ARG B 222 36.00 -29.34 36.54
CA ARG B 222 35.54 -28.22 35.73
C ARG B 222 35.74 -26.88 36.42
N SER B 223 36.13 -26.89 37.69
CA SER B 223 36.45 -25.66 38.42
C SER B 223 37.31 -25.97 39.63
N LYS C 29 8.96 47.08 23.79
CA LYS C 29 8.23 48.31 24.06
C LYS C 29 8.51 49.37 22.98
N ALA C 30 9.70 49.33 22.40
CA ALA C 30 10.13 50.29 21.40
C ALA C 30 9.88 49.79 19.98
N THR C 31 9.77 50.75 19.06
CA THR C 31 9.70 50.48 17.63
C THR C 31 11.02 50.90 16.99
N ARG C 32 11.49 50.11 16.04
CA ARG C 32 12.72 50.41 15.33
C ARG C 32 12.41 50.91 13.92
N HIS C 33 12.94 52.08 13.60
CA HIS C 33 12.87 52.65 12.25
C HIS C 33 14.22 52.47 11.59
N ILE C 34 14.25 51.68 10.51
CA ILE C 34 15.47 51.29 9.83
C ILE C 34 15.48 51.98 8.47
N PHE C 35 16.48 52.83 8.25
CA PHE C 35 16.63 53.55 6.99
C PHE C 35 17.81 52.94 6.25
N LEU C 36 17.50 52.12 5.24
CA LEU C 36 18.51 51.47 4.41
C LEU C 36 18.81 52.38 3.22
N ILE C 37 20.04 52.87 3.14
CA ILE C 37 20.46 53.78 2.07
C ILE C 37 21.43 53.02 1.17
N ARG C 38 21.13 53.02 -0.13
CA ARG C 38 22.03 52.43 -1.11
C ARG C 38 23.12 53.44 -1.46
N ALA C 39 24.35 52.94 -1.59
CA ALA C 39 25.46 53.79 -1.97
C ALA C 39 25.15 54.54 -3.26
N SER C 40 25.72 55.73 -3.39
CA SER C 40 25.48 56.58 -4.54
C SER C 40 26.21 56.02 -5.76
N GLN C 41 26.02 56.68 -6.90
CA GLN C 41 26.67 56.25 -8.13
C GLN C 41 28.17 56.27 -7.94
N TYR C 42 28.85 55.28 -8.49
CA TYR C 42 30.27 55.08 -8.24
C TYR C 42 30.96 54.61 -9.50
N HIS C 43 32.29 54.57 -9.44
CA HIS C 43 33.11 54.13 -10.57
C HIS C 43 33.20 52.62 -10.56
N VAL C 44 32.94 52.02 -11.72
CA VAL C 44 33.00 50.57 -11.85
C VAL C 44 34.26 50.18 -12.62
N LEU C 48 40.07 47.05 -8.84
CA LEU C 48 40.31 47.09 -7.41
C LEU C 48 39.23 47.90 -6.72
N GLU C 49 38.73 47.37 -5.60
CA GLU C 49 37.65 48.04 -4.89
C GLU C 49 38.05 49.44 -4.47
N LYS C 50 39.30 49.61 -4.03
CA LYS C 50 39.74 50.91 -3.55
C LYS C 50 39.52 51.97 -4.60
N ASP C 51 39.66 51.62 -5.87
CA ASP C 51 39.47 52.55 -6.96
C ASP C 51 38.03 52.60 -7.43
N ARG C 52 37.11 51.98 -6.68
CA ARG C 52 35.70 52.04 -7.01
C ARG C 52 35.00 53.10 -6.15
N THR C 53 35.38 54.35 -6.41
CA THR C 53 34.95 55.50 -5.62
C THR C 53 33.73 56.16 -6.26
N LEU C 54 33.14 57.09 -5.51
CA LEU C 54 31.95 57.79 -5.98
C LEU C 54 32.26 58.61 -7.22
N THR C 55 31.31 58.64 -8.14
CA THR C 55 31.38 59.57 -9.25
C THR C 55 31.01 60.96 -8.74
N PRO C 56 31.28 62.00 -9.53
CA PRO C 56 30.81 63.33 -9.12
C PRO C 56 29.29 63.37 -8.92
N LEU C 57 28.55 62.76 -9.85
CA LEU C 57 27.11 62.65 -9.68
C LEU C 57 26.78 61.87 -8.40
N GLY C 58 27.55 60.81 -8.11
CA GLY C 58 27.37 60.10 -6.86
C GLY C 58 27.54 61.02 -5.67
N ARG C 59 28.52 61.92 -5.73
CA ARG C 59 28.72 62.87 -4.65
C ARG C 59 27.49 63.74 -4.49
N GLU C 60 26.93 64.23 -5.61
CA GLU C 60 25.72 65.04 -5.54
C GLU C 60 24.55 64.25 -4.95
N GLN C 61 24.39 62.99 -5.37
CA GLN C 61 23.30 62.16 -4.86
C GLN C 61 23.42 61.99 -3.35
N ALA C 62 24.61 61.63 -2.87
CA ALA C 62 24.81 61.47 -1.44
C ALA C 62 24.56 62.78 -0.72
N GLU C 63 24.95 63.89 -1.33
CA GLU C 63 24.70 65.18 -0.74
C GLU C 63 23.20 65.39 -0.54
N LEU C 64 22.41 65.11 -1.58
CA LEU C 64 20.96 65.23 -1.51
C LEU C 64 20.35 64.31 -0.46
N THR C 65 20.83 63.07 -0.38
CA THR C 65 20.33 62.13 0.61
C THR C 65 20.60 62.62 2.03
N GLY C 66 21.80 63.17 2.26
CA GLY C 66 22.10 63.74 3.55
C GLY C 66 21.18 64.91 3.88
N LEU C 67 20.95 65.78 2.90
CA LEU C 67 20.00 66.87 3.07
C LEU C 67 18.63 66.35 3.52
N ARG C 68 18.13 65.32 2.83
CA ARG C 68 16.81 64.78 3.16
C ARG C 68 16.78 64.21 4.56
N LEU C 69 17.75 63.34 4.87
CA LEU C 69 17.80 62.74 6.21
C LEU C 69 17.85 63.82 7.28
N ALA C 70 18.62 64.88 7.05
CA ALA C 70 18.67 65.96 8.03
C ALA C 70 17.36 66.72 8.10
N SER C 71 16.59 66.76 7.01
CA SER C 71 15.35 67.52 7.01
C SER C 71 14.18 66.72 7.57
N LEU C 72 14.36 65.44 7.87
CA LEU C 72 13.24 64.71 8.45
C LEU C 72 12.98 65.08 9.90
N GLY C 73 13.92 65.79 10.55
CA GLY C 73 13.73 66.17 11.94
C GLY C 73 13.78 65.01 12.92
N LEU C 74 14.59 64.00 12.63
CA LEU C 74 14.72 62.83 13.48
C LEU C 74 16.08 62.85 14.17
N LYS C 75 16.14 62.27 15.35
CA LYS C 75 17.39 62.10 16.07
C LYS C 75 17.86 60.67 15.82
N PHE C 76 18.77 60.53 14.87
CA PHE C 76 19.26 59.22 14.50
C PHE C 76 20.20 58.69 15.56
N ASN C 77 20.06 57.39 15.86
CA ASN C 77 20.87 56.76 16.89
C ASN C 77 22.25 56.39 16.35
N LYS C 78 22.29 55.77 15.17
CA LYS C 78 23.55 55.31 14.62
C LYS C 78 23.52 55.37 13.10
N ILE C 79 24.71 55.49 12.51
CA ILE C 79 24.91 55.27 11.09
C ILE C 79 25.80 54.04 11.01
N VAL C 80 25.19 52.90 10.74
CA VAL C 80 25.93 51.67 10.46
C VAL C 80 26.12 51.57 8.96
N HIS C 81 27.34 51.30 8.52
CA HIS C 81 27.64 51.31 7.10
C HIS C 81 28.54 50.15 6.73
N SER C 82 28.34 49.65 5.51
CA SER C 82 29.25 48.69 4.92
C SER C 82 30.66 49.27 4.87
N SER C 83 31.64 48.36 4.85
CA SER C 83 33.05 48.74 4.80
C SER C 83 33.57 48.90 3.37
N MET C 84 32.69 48.84 2.38
CA MET C 84 33.11 49.06 1.00
C MET C 84 33.32 50.55 0.74
N THR C 85 34.24 50.84 -0.17
CA THR C 85 34.63 52.22 -0.43
C THR C 85 33.43 53.12 -0.68
N ARG C 86 32.57 52.73 -1.63
CA ARG C 86 31.45 53.58 -2.00
C ARG C 86 30.50 53.79 -0.82
N ALA C 87 30.33 52.77 0.02
CA ALA C 87 29.52 52.94 1.21
C ALA C 87 30.20 53.89 2.19
N ILE C 88 31.53 53.80 2.31
CA ILE C 88 32.27 54.68 3.22
C ILE C 88 32.14 56.14 2.78
N GLU C 89 32.23 56.39 1.47
CA GLU C 89 32.16 57.76 0.97
C GLU C 89 30.75 58.33 1.09
N THR C 90 29.74 57.55 0.68
CA THR C 90 28.36 57.99 0.88
C THR C 90 28.11 58.29 2.35
N THR C 91 28.69 57.48 3.23
CA THR C 91 28.54 57.71 4.66
C THR C 91 29.22 59.01 5.08
N ASP C 92 30.40 59.30 4.55
CA ASP C 92 31.06 60.56 4.91
C ASP C 92 30.18 61.74 4.55
N ILE C 93 29.68 61.77 3.32
CA ILE C 93 28.85 62.89 2.89
C ILE C 93 27.60 62.99 3.75
N ILE C 94 26.90 61.88 3.95
CA ILE C 94 25.67 61.93 4.75
C ILE C 94 25.97 62.34 6.17
N SER C 95 27.07 61.83 6.75
CA SER C 95 27.39 62.13 8.14
C SER C 95 27.65 63.62 8.32
N ARG C 96 28.12 64.29 7.28
CA ARG C 96 28.30 65.74 7.38
C ARG C 96 27.00 66.46 7.77
N HIS C 97 25.86 65.98 7.28
CA HIS C 97 24.56 66.62 7.55
C HIS C 97 23.94 66.18 8.86
N LEU C 98 24.47 65.13 9.48
CA LEU C 98 23.94 64.58 10.73
C LEU C 98 25.06 64.61 11.76
N PRO C 99 25.54 65.80 12.12
CA PRO C 99 26.65 65.88 13.06
C PRO C 99 26.28 65.27 14.41
N GLY C 100 27.24 64.56 15.01
CA GLY C 100 27.00 63.94 16.29
C GLY C 100 26.31 62.60 16.23
N VAL C 101 26.15 62.00 15.06
CA VAL C 101 25.56 60.68 14.93
C VAL C 101 26.68 59.66 14.85
N CYS C 102 26.66 58.69 15.76
CA CYS C 102 27.69 57.67 15.80
C CYS C 102 27.78 56.92 14.48
N LYS C 103 29.00 56.64 14.04
CA LYS C 103 29.25 55.85 12.84
C LYS C 103 29.86 54.51 13.22
N VAL C 104 29.46 53.45 12.52
CA VAL C 104 29.91 52.10 12.78
C VAL C 104 30.16 51.40 11.45
N SER C 105 31.29 50.70 11.35
CA SER C 105 31.68 49.96 10.16
C SER C 105 31.34 48.48 10.36
N THR C 106 30.98 47.82 9.27
CA THR C 106 30.70 46.39 9.30
C THR C 106 31.15 45.70 8.02
N ASP C 107 31.71 44.51 8.16
CA ASP C 107 31.91 43.63 7.02
C ASP C 107 30.65 42.87 6.65
N LEU C 108 29.68 42.78 7.56
CA LEU C 108 28.48 42.02 7.27
C LEU C 108 27.68 42.65 6.12
N LEU C 109 27.73 43.97 6.00
CA LEU C 109 26.90 44.69 5.04
C LEU C 109 27.55 44.86 3.67
N ARG C 110 28.74 44.28 3.45
CA ARG C 110 29.36 44.40 2.15
C ARG C 110 28.51 43.72 1.08
N GLU C 111 28.61 44.23 -0.14
CA GLU C 111 27.79 43.72 -1.24
C GLU C 111 28.16 42.27 -1.53
N GLY C 112 27.18 41.52 -2.05
CA GLY C 112 27.44 40.13 -2.37
C GLY C 112 26.27 39.51 -3.11
N ALA C 113 26.37 38.19 -3.32
CA ALA C 113 25.34 37.41 -3.98
C ALA C 113 24.59 36.57 -2.95
N PRO C 114 23.38 36.98 -2.52
CA PRO C 114 22.73 36.31 -1.38
C PRO C 114 22.18 34.92 -1.69
N ILE C 115 21.36 34.82 -2.74
CA ILE C 115 20.80 33.56 -3.19
C ILE C 115 20.67 33.66 -4.70
N GLU C 116 20.57 32.52 -5.36
CA GLU C 116 20.33 32.52 -6.78
C GLU C 116 18.98 33.17 -7.03
N PRO C 117 18.90 34.25 -7.80
CA PRO C 117 17.61 34.91 -8.01
C PRO C 117 16.70 34.05 -8.88
N ASP C 118 15.41 34.16 -8.61
CA ASP C 118 14.40 33.55 -9.46
C ASP C 118 13.34 34.60 -9.74
N PRO C 119 13.10 34.97 -10.99
CA PRO C 119 13.66 34.33 -12.18
C PRO C 119 15.17 34.62 -12.39
N PRO C 120 15.89 33.67 -13.00
CA PRO C 120 17.33 33.88 -13.23
C PRO C 120 17.59 35.01 -14.22
N VAL C 121 18.60 35.82 -13.94
CA VAL C 121 19.05 36.85 -14.85
C VAL C 121 20.40 36.41 -15.41
N SER C 122 20.59 36.61 -16.72
CA SER C 122 21.62 35.90 -17.46
C SER C 122 22.89 36.70 -17.68
N HIS C 123 22.80 38.03 -17.78
CA HIS C 123 24.01 38.83 -17.89
C HIS C 123 24.90 38.65 -16.67
N TRP C 124 24.30 38.63 -15.48
CA TRP C 124 25.01 38.43 -14.23
C TRP C 124 24.66 37.04 -13.70
N LYS C 125 25.69 36.20 -13.51
CA LYS C 125 25.50 34.86 -12.98
C LYS C 125 26.73 34.50 -12.14
N PRO C 126 26.73 34.81 -10.85
CA PRO C 126 27.85 34.44 -10.00
C PRO C 126 28.06 32.94 -9.96
N GLU C 127 29.22 32.55 -9.44
CA GLU C 127 29.56 31.15 -9.27
C GLU C 127 29.01 30.65 -7.93
N ALA C 128 28.82 29.33 -7.85
CA ALA C 128 28.23 28.74 -6.65
C ALA C 128 28.98 29.16 -5.39
N VAL C 129 30.30 29.37 -5.48
CA VAL C 129 31.07 29.77 -4.32
C VAL C 129 30.61 31.12 -3.78
N GLN C 130 30.25 32.04 -4.67
CA GLN C 130 29.85 33.35 -4.21
C GLN C 130 28.52 33.28 -3.46
N TYR C 131 27.56 32.52 -3.97
CA TYR C 131 26.34 32.29 -3.20
C TYR C 131 26.66 31.64 -1.86
N TYR C 132 27.52 30.62 -1.88
CA TYR C 132 27.84 29.88 -0.66
C TYR C 132 28.42 30.79 0.43
N GLU C 133 29.34 31.69 0.06
CA GLU C 133 29.96 32.60 1.02
C GLU C 133 29.03 33.76 1.39
N ASP C 134 28.59 34.48 0.36
CA ASP C 134 27.85 35.73 0.55
C ASP C 134 26.48 35.49 1.17
N GLY C 135 25.81 34.38 0.83
CA GLY C 135 24.53 34.11 1.45
C GLY C 135 24.64 33.99 2.95
N ALA C 136 25.59 33.21 3.42
CA ALA C 136 25.80 33.12 4.86
C ALA C 136 26.10 34.49 5.45
N ARG C 137 26.95 35.28 4.79
CA ARG C 137 27.31 36.55 5.40
C ARG C 137 26.14 37.54 5.43
N ILE C 138 25.43 37.67 4.31
CA ILE C 138 24.32 38.63 4.25
C ILE C 138 23.14 38.18 5.11
N GLU C 139 22.89 36.86 5.19
CA GLU C 139 21.85 36.37 6.09
C GLU C 139 22.23 36.66 7.54
N ALA C 140 23.52 36.54 7.87
CA ALA C 140 23.97 36.95 9.19
C ALA C 140 23.69 38.42 9.43
N ALA C 141 23.94 39.25 8.41
CA ALA C 141 23.64 40.67 8.52
C ALA C 141 22.17 40.90 8.82
N PHE C 142 21.28 40.25 8.04
CA PHE C 142 19.84 40.38 8.27
C PHE C 142 19.47 40.01 9.69
N ARG C 143 19.97 38.86 10.16
CA ARG C 143 19.57 38.39 11.48
C ARG C 143 20.12 39.29 12.59
N ASN C 144 21.32 39.83 12.39
CA ASN C 144 21.95 40.62 13.44
C ASN C 144 21.40 42.04 13.50
N TYR C 145 20.95 42.59 12.37
CA TYR C 145 20.50 43.98 12.36
C TYR C 145 19.00 44.14 12.22
N ILE C 146 18.30 43.16 11.65
CA ILE C 146 16.87 43.25 11.41
C ILE C 146 16.17 42.36 12.42
N HIS C 147 15.57 42.97 13.43
CA HIS C 147 14.86 42.26 14.49
C HIS C 147 14.11 43.33 15.28
N ARG C 148 13.19 42.87 16.13
CA ARG C 148 12.49 43.81 17.00
C ARG C 148 13.45 44.33 18.07
N ALA C 149 13.09 45.48 18.64
CA ALA C 149 13.94 46.09 19.65
C ALA C 149 14.14 45.13 20.81
N ASP C 150 15.33 45.17 21.39
CA ASP C 150 15.60 44.41 22.60
C ASP C 150 14.73 44.95 23.73
N ALA C 151 14.40 44.06 24.69
CA ALA C 151 13.53 44.48 25.77
C ALA C 151 14.15 45.61 26.57
N ARG C 152 15.48 45.67 26.62
CA ARG C 152 16.18 46.76 27.30
C ARG C 152 16.13 48.08 26.53
N GLN C 153 15.43 48.15 25.40
CA GLN C 153 15.45 49.38 24.60
C GLN C 153 14.43 50.36 25.15
N GLU C 154 14.86 51.61 25.23
CA GLU C 154 14.20 52.70 25.96
C GLU C 154 13.18 53.48 25.16
N GLU C 155 13.42 53.68 23.86
CA GLU C 155 12.58 54.56 23.07
C GLU C 155 12.71 54.17 21.61
N ASP C 156 11.76 54.62 20.81
CA ASP C 156 11.82 54.35 19.39
C ASP C 156 13.18 54.77 18.86
N SER C 157 13.78 53.91 18.05
CA SER C 157 15.11 54.18 17.50
C SER C 157 15.00 54.53 16.03
N TYR C 158 15.93 55.38 15.59
CA TYR C 158 16.01 55.77 14.18
C TYR C 158 17.45 55.54 13.73
N GLU C 159 17.64 54.56 12.86
CA GLU C 159 18.96 54.03 12.53
C GLU C 159 19.16 54.07 11.02
N ILE C 160 20.35 54.46 10.58
CA ILE C 160 20.66 54.57 9.16
C ILE C 160 21.63 53.45 8.82
N PHE C 161 21.30 52.66 7.80
CA PHE C 161 22.16 51.59 7.31
C PHE C 161 22.55 51.86 5.86
N ILE C 162 23.80 52.26 5.66
CA ILE C 162 24.30 52.58 4.33
C ILE C 162 25.05 51.38 3.78
N CYS C 163 24.46 50.71 2.79
CA CYS C 163 25.12 49.57 2.15
C CYS C 163 24.80 49.53 0.65
N HIS C 164 24.29 48.40 0.15
CA HIS C 164 24.35 48.13 -1.28
C HIS C 164 23.05 47.50 -1.78
N ALA C 165 22.94 47.44 -3.12
CA ALA C 165 21.69 47.05 -3.77
C ALA C 165 21.25 45.65 -3.36
N ASN C 166 22.10 44.65 -3.60
CA ASN C 166 21.72 43.26 -3.36
C ASN C 166 21.42 43.05 -1.88
N VAL C 167 22.27 43.60 -1.01
CA VAL C 167 22.10 43.45 0.42
C VAL C 167 20.75 44.01 0.85
N ILE C 168 20.43 45.26 0.46
CA ILE C 168 19.18 45.86 0.90
C ILE C 168 17.99 45.10 0.34
N ARG C 169 18.04 44.70 -0.93
CA ARG C 169 16.92 43.98 -1.52
C ARG C 169 16.68 42.65 -0.80
N TYR C 170 17.76 41.95 -0.46
CA TYR C 170 17.62 40.72 0.31
C TYR C 170 17.05 41.01 1.69
N ILE C 171 17.53 42.07 2.35
CA ILE C 171 17.01 42.46 3.66
C ILE C 171 15.51 42.68 3.58
N VAL C 172 15.06 43.35 2.53
CA VAL C 172 13.63 43.66 2.40
C VAL C 172 12.83 42.38 2.21
N CYS C 173 13.29 41.50 1.33
CA CYS C 173 12.56 40.25 1.13
C CYS C 173 12.48 39.44 2.42
N ARG C 174 13.59 39.38 3.16
CA ARG C 174 13.59 38.60 4.40
C ARG C 174 12.71 39.23 5.48
N ALA C 175 12.80 40.56 5.64
CA ALA C 175 12.07 41.24 6.71
C ALA C 175 10.56 41.08 6.53
N LEU C 176 10.09 41.11 5.28
CA LEU C 176 8.68 40.94 4.97
C LEU C 176 8.29 39.48 4.83
N GLN C 177 9.24 38.56 5.03
CA GLN C 177 9.00 37.13 4.91
C GLN C 177 8.41 36.79 3.54
N PHE C 178 8.90 37.46 2.52
CA PHE C 178 8.67 37.13 1.12
C PHE C 178 9.81 36.25 0.62
N PRO C 179 9.60 35.45 -0.42
CA PRO C 179 10.65 34.52 -0.86
C PRO C 179 11.95 35.26 -1.18
N PRO C 180 13.04 34.94 -0.48
CA PRO C 180 14.28 35.71 -0.69
C PRO C 180 14.80 35.62 -2.11
N GLU C 181 14.51 34.51 -2.80
CA GLU C 181 14.91 34.37 -4.20
C GLU C 181 14.34 35.46 -5.07
N GLY C 182 13.42 36.29 -4.55
CA GLY C 182 12.85 37.38 -5.31
C GLY C 182 13.52 38.72 -5.09
N TRP C 183 14.73 38.75 -4.50
CA TRP C 183 15.36 40.04 -4.25
C TRP C 183 15.65 40.79 -5.54
N LEU C 184 15.82 40.07 -6.64
CA LEU C 184 16.10 40.71 -7.92
C LEU C 184 14.84 41.22 -8.59
N ARG C 185 13.66 40.98 -8.01
CA ARG C 185 12.42 41.60 -8.44
C ARG C 185 12.29 43.03 -7.94
N LEU C 186 13.23 43.49 -7.12
CA LEU C 186 13.29 44.87 -6.66
C LEU C 186 14.37 45.63 -7.40
N SER C 187 14.27 46.96 -7.33
CA SER C 187 15.24 47.86 -7.95
C SER C 187 15.39 49.07 -7.05
N LEU C 188 16.64 49.51 -6.86
CA LEU C 188 16.96 50.59 -5.93
C LEU C 188 17.86 51.60 -6.64
N ASN C 189 17.45 52.86 -6.65
CA ASN C 189 18.28 53.91 -7.19
C ASN C 189 19.45 54.21 -6.26
N ASN C 190 20.53 54.75 -6.84
CA ASN C 190 21.66 55.20 -6.06
C ASN C 190 21.22 56.29 -5.07
N GLY C 191 21.68 56.18 -3.82
CA GLY C 191 21.34 57.14 -2.80
C GLY C 191 19.92 57.06 -2.28
N SER C 192 19.16 56.05 -2.68
CA SER C 192 17.75 55.96 -2.29
C SER C 192 17.61 55.56 -0.82
N ILE C 193 16.45 55.91 -0.26
CA ILE C 193 16.11 55.61 1.12
C ILE C 193 15.00 54.57 1.13
N THR C 194 15.21 53.48 1.87
CA THR C 194 14.21 52.44 2.07
C THR C 194 13.89 52.36 3.55
N HIS C 195 12.63 52.52 3.91
CA HIS C 195 12.22 52.67 5.30
C HIS C 195 11.48 51.42 5.75
N LEU C 196 12.09 50.69 6.68
CA LEU C 196 11.49 49.52 7.32
C LEU C 196 11.11 49.91 8.74
N VAL C 197 9.96 49.43 9.20
CA VAL C 197 9.51 49.64 10.57
C VAL C 197 9.28 48.28 11.21
N ILE C 198 9.91 48.05 12.36
CA ILE C 198 9.71 46.82 13.11
C ILE C 198 9.12 47.21 14.46
N ARG C 199 7.85 46.85 14.67
CA ARG C 199 7.14 47.15 15.89
C ARG C 199 7.51 46.14 16.97
N PRO C 200 7.38 46.52 18.25
CA PRO C 200 7.82 45.63 19.33
C PRO C 200 7.16 44.27 19.34
N ASN C 201 6.04 44.09 18.63
CA ASN C 201 5.42 42.77 18.52
C ASN C 201 5.97 41.95 17.35
N GLY C 202 7.02 42.44 16.69
CA GLY C 202 7.65 41.71 15.62
C GLY C 202 7.06 41.92 14.25
N ARG C 203 5.96 42.66 14.14
CA ARG C 203 5.36 42.93 12.84
C ARG C 203 6.24 43.91 12.08
N VAL C 204 6.32 43.75 10.77
CA VAL C 204 7.20 44.55 9.93
C VAL C 204 6.35 45.25 8.90
N ALA C 205 6.57 46.55 8.76
CA ALA C 205 5.93 47.35 7.72
C ALA C 205 7.01 47.97 6.85
N LEU C 206 6.85 47.84 5.55
CA LEU C 206 7.72 48.51 4.58
C LEU C 206 7.03 49.79 4.13
N ARG C 207 7.48 50.93 4.67
CA ARG C 207 6.80 52.18 4.41
C ARG C 207 7.30 52.89 3.17
N THR C 208 8.52 52.61 2.73
CA THR C 208 9.04 53.18 1.49
C THR C 208 10.20 52.31 1.02
N LEU C 209 10.34 52.21 -0.30
CA LEU C 209 11.45 51.49 -0.92
C LEU C 209 11.99 52.30 -2.09
N GLY C 210 13.30 52.53 -2.09
CA GLY C 210 13.93 53.21 -3.21
C GLY C 210 13.50 54.65 -3.37
N ASP C 211 13.20 55.33 -2.27
CA ASP C 211 12.75 56.71 -2.31
C ASP C 211 13.89 57.60 -2.79
N THR C 212 13.69 58.25 -3.95
CA THR C 212 14.59 59.29 -4.42
C THR C 212 13.81 60.53 -4.88
N GLY C 213 12.60 60.71 -4.38
CA GLY C 213 11.80 61.86 -4.78
C GLY C 213 12.42 63.19 -4.42
N PHE C 214 13.40 63.17 -3.52
CA PHE C 214 14.09 64.37 -3.08
C PHE C 214 15.27 64.73 -3.98
N MET C 215 15.54 63.91 -5.01
CA MET C 215 16.57 64.21 -5.98
C MET C 215 15.95 64.80 -7.24
N PRO C 216 16.60 65.72 -7.93
CA PRO C 216 16.13 66.18 -9.24
C PRO C 216 16.09 65.01 -10.21
N PRO C 217 15.00 64.85 -10.97
CA PRO C 217 14.90 63.67 -11.85
C PRO C 217 16.12 63.42 -12.73
N ASP C 218 16.77 64.48 -13.21
CA ASP C 218 17.91 64.31 -14.11
C ASP C 218 19.13 63.71 -13.42
N LYS C 219 19.10 63.55 -12.11
CA LYS C 219 20.24 63.03 -11.35
C LYS C 219 19.95 61.69 -10.69
N ILE C 220 18.90 60.99 -11.12
CA ILE C 220 18.52 59.71 -10.53
C ILE C 220 19.11 58.60 -11.38
N THR C 221 19.82 57.67 -10.72
CA THR C 221 20.46 56.56 -11.40
C THR C 221 20.25 55.27 -10.61
N ARG C 222 20.41 54.14 -11.30
CA ARG C 222 20.49 52.83 -10.69
C ARG C 222 21.88 52.22 -10.85
N SER C 223 22.74 52.84 -11.65
CA SER C 223 24.12 52.41 -11.84
C SER C 223 24.96 53.57 -12.38
N ALA D 28 -32.52 41.14 4.89
CA ALA D 28 -32.93 40.86 3.53
C ALA D 28 -34.34 40.30 3.47
N LYS D 29 -35.32 41.19 3.30
CA LYS D 29 -36.72 40.78 3.19
C LYS D 29 -37.31 41.11 1.81
N ALA D 30 -36.54 41.76 0.94
CA ALA D 30 -36.98 42.15 -0.39
C ALA D 30 -36.53 41.14 -1.44
N THR D 31 -37.23 41.13 -2.57
CA THR D 31 -36.87 40.33 -3.74
C THR D 31 -36.31 41.25 -4.82
N ARG D 32 -35.28 40.78 -5.52
CA ARG D 32 -34.65 41.54 -6.60
C ARG D 32 -35.03 40.97 -7.95
N HIS D 33 -35.59 41.82 -8.81
CA HIS D 33 -35.88 41.48 -10.20
C HIS D 33 -34.85 42.17 -11.10
N ILE D 34 -34.03 41.38 -11.78
CA ILE D 34 -32.92 41.88 -12.58
C ILE D 34 -33.26 41.65 -14.05
N PHE D 35 -33.34 42.74 -14.82
CA PHE D 35 -33.61 42.67 -16.26
C PHE D 35 -32.32 42.93 -17.01
N LEU D 36 -31.74 41.86 -17.55
CA LEU D 36 -30.51 41.94 -18.31
C LEU D 36 -30.87 42.13 -19.79
N ILE D 37 -30.48 43.26 -20.37
CA ILE D 37 -30.78 43.59 -21.76
C ILE D 37 -29.49 43.57 -22.56
N ARG D 38 -29.50 42.84 -23.67
CA ARG D 38 -28.36 42.80 -24.58
C ARG D 38 -28.38 44.03 -25.49
N ALA D 39 -27.19 44.58 -25.72
CA ALA D 39 -27.07 45.70 -26.65
C ALA D 39 -27.62 45.33 -28.02
N SER D 40 -28.17 46.33 -28.69
CA SER D 40 -28.79 46.17 -30.00
C SER D 40 -27.72 46.02 -31.09
N GLN D 41 -28.18 45.83 -32.31
CA GLN D 41 -27.27 45.62 -33.44
C GLN D 41 -26.38 46.84 -33.65
N TYR D 42 -25.11 46.59 -33.97
CA TYR D 42 -24.10 47.63 -34.11
C TYR D 42 -23.18 47.23 -35.26
N HIS D 43 -22.29 48.16 -35.62
CA HIS D 43 -21.34 47.90 -36.69
C HIS D 43 -20.14 47.14 -36.16
N ARG D 52 -17.95 51.91 -33.49
CA ARG D 52 -18.82 50.77 -33.17
C ARG D 52 -20.18 51.25 -32.67
N THR D 53 -20.86 52.03 -33.50
CA THR D 53 -22.17 52.59 -33.17
C THR D 53 -23.30 51.63 -33.56
N LEU D 54 -24.49 51.92 -33.04
CA LEU D 54 -25.66 51.12 -33.40
C LEU D 54 -26.01 51.34 -34.86
N THR D 55 -26.46 50.26 -35.50
CA THR D 55 -27.04 50.35 -36.83
C THR D 55 -28.44 50.96 -36.72
N PRO D 56 -29.03 51.37 -37.85
CA PRO D 56 -30.42 51.87 -37.77
C PRO D 56 -31.36 50.85 -37.16
N LEU D 57 -31.26 49.59 -37.62
CA LEU D 57 -32.04 48.52 -37.04
C LEU D 57 -31.78 48.36 -35.55
N GLY D 58 -30.52 48.48 -35.13
CA GLY D 58 -30.20 48.36 -33.71
C GLY D 58 -30.91 49.41 -32.87
N ARG D 59 -30.95 50.65 -33.35
CA ARG D 59 -31.66 51.71 -32.64
C ARG D 59 -33.16 51.43 -32.59
N GLU D 60 -33.73 50.93 -33.69
CA GLU D 60 -35.16 50.57 -33.65
C GLU D 60 -35.39 49.47 -32.63
N GLN D 61 -34.50 48.48 -32.58
CA GLN D 61 -34.59 47.41 -31.58
C GLN D 61 -34.56 47.97 -30.17
N ALA D 62 -33.65 48.92 -29.91
CA ALA D 62 -33.53 49.51 -28.59
C ALA D 62 -34.82 50.22 -28.21
N GLU D 63 -35.43 50.90 -29.18
CA GLU D 63 -36.74 51.54 -28.98
C GLU D 63 -37.82 50.52 -28.61
N LEU D 64 -37.86 49.38 -29.31
CA LEU D 64 -38.84 48.35 -28.97
C LEU D 64 -38.62 47.85 -27.55
N THR D 65 -37.36 47.62 -27.16
CA THR D 65 -37.08 47.14 -25.82
C THR D 65 -37.53 48.17 -24.78
N GLY D 66 -37.26 49.45 -25.04
CA GLY D 66 -37.67 50.50 -24.11
C GLY D 66 -39.18 50.57 -23.94
N LEU D 67 -39.91 50.51 -25.07
CA LEU D 67 -41.37 50.48 -25.02
C LEU D 67 -41.86 49.33 -24.16
N ARG D 68 -41.28 48.13 -24.36
CA ARG D 68 -41.72 46.98 -23.60
C ARG D 68 -41.49 47.20 -22.11
N LEU D 69 -40.27 47.61 -21.76
CA LEU D 69 -39.93 47.83 -20.36
C LEU D 69 -40.85 48.87 -19.72
N ALA D 70 -41.17 49.94 -20.45
CA ALA D 70 -42.07 50.96 -19.90
C ALA D 70 -43.50 50.45 -19.79
N SER D 71 -43.90 49.51 -20.64
CA SER D 71 -45.26 48.99 -20.60
C SER D 71 -45.42 47.85 -19.60
N LEU D 72 -44.35 47.43 -18.92
CA LEU D 72 -44.50 46.37 -17.92
C LEU D 72 -45.26 46.79 -16.67
N GLY D 73 -45.48 48.09 -16.46
CA GLY D 73 -46.16 48.53 -15.26
C GLY D 73 -45.32 48.37 -14.01
N LEU D 74 -44.01 48.44 -14.15
CA LEU D 74 -43.06 48.34 -13.06
C LEU D 74 -42.35 49.67 -12.88
N LYS D 75 -41.98 49.98 -11.64
CA LYS D 75 -41.17 51.15 -11.32
C LYS D 75 -39.73 50.71 -11.10
N PHE D 76 -38.90 50.88 -12.12
CA PHE D 76 -37.51 50.46 -12.07
C PHE D 76 -36.68 51.41 -11.20
N ASN D 77 -35.78 50.84 -10.40
CA ASN D 77 -34.94 51.64 -9.52
C ASN D 77 -33.75 52.23 -10.25
N LYS D 78 -33.01 51.42 -11.01
CA LYS D 78 -31.79 51.88 -11.64
C LYS D 78 -31.59 51.19 -12.99
N ILE D 79 -30.82 51.87 -13.83
CA ILE D 79 -30.29 51.31 -15.07
C ILE D 79 -28.77 51.31 -15.00
N VAL D 80 -28.20 50.13 -14.77
CA VAL D 80 -26.74 49.93 -14.86
C VAL D 80 -26.42 49.45 -16.26
N HIS D 81 -25.42 50.07 -16.89
CA HIS D 81 -25.08 49.74 -18.26
C HIS D 81 -23.58 49.66 -18.43
N SER D 82 -23.15 48.75 -19.31
CA SER D 82 -21.75 48.70 -19.74
C SER D 82 -21.34 50.03 -20.35
N SER D 83 -20.04 50.30 -20.30
CA SER D 83 -19.46 51.51 -20.86
C SER D 83 -19.07 51.37 -22.33
N MET D 84 -19.43 50.26 -22.97
CA MET D 84 -19.16 50.12 -24.40
C MET D 84 -20.11 51.01 -25.20
N THR D 85 -19.63 51.49 -26.34
CA THR D 85 -20.41 52.45 -27.13
C THR D 85 -21.84 51.98 -27.35
N ARG D 86 -22.00 50.78 -27.93
CA ARG D 86 -23.33 50.30 -28.25
C ARG D 86 -24.19 50.13 -27.01
N ALA D 87 -23.58 49.75 -25.89
CA ALA D 87 -24.35 49.64 -24.66
C ALA D 87 -24.83 51.01 -24.20
N ILE D 88 -23.99 52.03 -24.31
CA ILE D 88 -24.40 53.38 -23.92
C ILE D 88 -25.52 53.89 -24.83
N GLU D 89 -25.44 53.58 -26.13
CA GLU D 89 -26.45 54.06 -27.07
C GLU D 89 -27.79 53.37 -26.82
N THR D 90 -27.78 52.04 -26.72
CA THR D 90 -28.99 51.34 -26.34
C THR D 90 -29.54 51.84 -25.02
N THR D 91 -28.65 52.16 -24.07
CA THR D 91 -29.11 52.67 -22.78
C THR D 91 -29.79 54.02 -22.95
N ASP D 92 -29.23 54.90 -23.77
CA ASP D 92 -29.86 56.20 -24.00
C ASP D 92 -31.25 56.02 -24.60
N ILE D 93 -31.35 55.16 -25.61
CA ILE D 93 -32.64 54.95 -26.27
C ILE D 93 -33.66 54.45 -25.26
N ILE D 94 -33.29 53.40 -24.51
CA ILE D 94 -34.20 52.84 -23.52
C ILE D 94 -34.52 53.88 -22.44
N SER D 95 -33.53 54.69 -22.07
CA SER D 95 -33.69 55.68 -21.01
C SER D 95 -34.74 56.71 -21.40
N ARG D 96 -34.90 56.96 -22.69
CA ARG D 96 -35.93 57.90 -23.11
C ARG D 96 -37.32 57.49 -22.62
N HIS D 97 -37.59 56.18 -22.55
CA HIS D 97 -38.87 55.65 -22.09
C HIS D 97 -38.99 55.44 -20.60
N LEU D 98 -37.89 55.57 -19.88
CA LEU D 98 -37.87 55.37 -18.44
C LEU D 98 -37.41 56.68 -17.81
N PRO D 99 -38.20 57.74 -17.95
CA PRO D 99 -37.79 59.04 -17.42
C PRO D 99 -37.64 59.00 -15.91
N GLY D 100 -36.58 59.63 -15.42
CA GLY D 100 -36.36 59.71 -13.99
C GLY D 100 -35.76 58.48 -13.36
N VAL D 101 -35.29 57.52 -14.15
CA VAL D 101 -34.66 56.31 -13.62
C VAL D 101 -33.15 56.51 -13.63
N CYS D 102 -32.53 56.32 -12.46
CA CYS D 102 -31.10 56.53 -12.32
C CYS D 102 -30.31 55.70 -13.32
N LYS D 103 -29.31 56.32 -13.95
CA LYS D 103 -28.42 55.64 -14.88
C LYS D 103 -27.01 55.56 -14.32
N VAL D 104 -26.36 54.42 -14.55
CA VAL D 104 -25.03 54.15 -14.00
C VAL D 104 -24.20 53.36 -15.01
N SER D 105 -22.94 53.78 -15.18
CA SER D 105 -22.00 53.13 -16.07
C SER D 105 -21.02 52.26 -15.28
N THR D 106 -20.58 51.15 -15.88
CA THR D 106 -19.59 50.29 -15.27
C THR D 106 -18.68 49.68 -16.33
N ASP D 107 -17.39 49.57 -16.01
CA ASP D 107 -16.47 48.80 -16.84
C ASP D 107 -16.58 47.30 -16.57
N LEU D 108 -17.17 46.91 -15.44
CA LEU D 108 -17.29 45.50 -15.11
C LEU D 108 -18.14 44.75 -16.13
N LEU D 109 -19.12 45.41 -16.71
CA LEU D 109 -20.11 44.78 -17.59
C LEU D 109 -19.71 44.78 -19.06
N ARG D 110 -18.52 45.28 -19.40
CA ARG D 110 -18.07 45.29 -20.79
C ARG D 110 -17.93 43.85 -21.30
N GLU D 111 -18.07 43.70 -22.62
CA GLU D 111 -18.03 42.38 -23.23
C GLU D 111 -16.65 41.74 -23.03
N GLY D 112 -16.62 40.42 -23.02
CA GLY D 112 -15.36 39.70 -22.89
C GLY D 112 -15.58 38.22 -23.04
N ALA D 113 -14.48 37.48 -22.88
CA ALA D 113 -14.51 36.02 -22.94
C ALA D 113 -14.38 35.47 -21.53
N PRO D 114 -15.48 34.99 -20.91
CA PRO D 114 -15.41 34.63 -19.48
C PRO D 114 -14.62 33.37 -19.20
N ILE D 115 -14.92 32.30 -19.94
CA ILE D 115 -14.23 31.03 -19.79
C ILE D 115 -14.23 30.34 -21.15
N GLU D 116 -13.36 29.35 -21.29
CA GLU D 116 -13.39 28.56 -22.51
C GLU D 116 -14.76 27.88 -22.57
N PRO D 117 -15.55 28.09 -23.62
CA PRO D 117 -16.84 27.41 -23.67
C PRO D 117 -16.64 25.93 -23.87
N ASP D 118 -17.58 25.14 -23.33
CA ASP D 118 -17.60 23.70 -23.54
C ASP D 118 -18.99 23.31 -24.01
N PRO D 119 -19.15 22.82 -25.25
CA PRO D 119 -18.14 22.48 -26.27
C PRO D 119 -17.56 23.72 -26.95
N PRO D 120 -16.32 23.61 -27.50
CA PRO D 120 -15.74 24.76 -28.20
C PRO D 120 -16.51 25.16 -29.46
N LYS D 125 -12.59 31.39 -31.27
CA LYS D 125 -11.58 30.85 -30.38
C LYS D 125 -10.56 31.94 -30.00
N PRO D 126 -10.75 32.57 -28.85
CA PRO D 126 -9.84 33.66 -28.44
C PRO D 126 -8.59 33.13 -27.76
N GLU D 127 -7.67 34.04 -27.52
CA GLU D 127 -6.41 33.70 -26.87
C GLU D 127 -6.56 33.69 -25.36
N ALA D 128 -5.67 32.92 -24.70
CA ALA D 128 -5.80 32.70 -23.27
C ALA D 128 -5.70 33.98 -22.46
N VAL D 129 -4.95 34.97 -22.94
CA VAL D 129 -4.86 36.24 -22.23
C VAL D 129 -6.24 36.84 -22.05
N GLN D 130 -7.10 36.69 -23.06
CA GLN D 130 -8.44 37.25 -22.99
C GLN D 130 -9.28 36.55 -21.94
N TYR D 131 -9.23 35.21 -21.89
CA TYR D 131 -9.92 34.52 -20.80
C TYR D 131 -9.38 34.97 -19.46
N TYR D 132 -8.06 35.08 -19.33
CA TYR D 132 -7.43 35.43 -18.06
C TYR D 132 -7.92 36.79 -17.55
N GLU D 133 -7.99 37.79 -18.44
CA GLU D 133 -8.42 39.13 -18.04
C GLU D 133 -9.94 39.22 -17.90
N ASP D 134 -10.65 38.83 -18.96
CA ASP D 134 -12.09 39.01 -19.00
C ASP D 134 -12.79 38.11 -17.99
N GLY D 135 -12.32 36.89 -17.76
CA GLY D 135 -12.96 36.04 -16.76
C GLY D 135 -12.94 36.70 -15.40
N ALA D 136 -11.78 37.21 -14.99
CA ALA D 136 -11.69 37.90 -13.71
C ALA D 136 -12.68 39.05 -13.66
N ARG D 137 -12.76 39.84 -14.73
CA ARG D 137 -13.63 41.02 -14.66
C ARG D 137 -15.11 40.64 -14.68
N ILE D 138 -15.49 39.69 -15.52
CA ILE D 138 -16.90 39.31 -15.63
C ILE D 138 -17.35 38.62 -14.34
N GLU D 139 -16.46 37.82 -13.73
CA GLU D 139 -16.79 37.20 -12.46
C GLU D 139 -16.94 38.26 -11.37
N ALA D 140 -16.09 39.29 -11.39
CA ALA D 140 -16.27 40.40 -10.45
C ALA D 140 -17.63 41.07 -10.65
N ALA D 141 -18.02 41.27 -11.91
CA ALA D 141 -19.34 41.85 -12.20
C ALA D 141 -20.44 40.98 -11.60
N PHE D 142 -20.38 39.67 -11.86
CA PHE D 142 -21.39 38.77 -11.32
C PHE D 142 -21.45 38.86 -9.81
N ARG D 143 -20.29 38.82 -9.14
CA ARG D 143 -20.31 38.80 -7.68
C ARG D 143 -20.84 40.11 -7.11
N ASN D 144 -20.52 41.23 -7.75
CA ASN D 144 -20.94 42.53 -7.21
C ASN D 144 -22.40 42.84 -7.52
N TYR D 145 -22.96 42.31 -8.60
CA TYR D 145 -24.31 42.70 -8.98
C TYR D 145 -25.37 41.62 -8.79
N ILE D 146 -25.00 40.35 -8.78
CA ILE D 146 -25.97 39.26 -8.65
C ILE D 146 -25.85 38.67 -7.26
N HIS D 147 -26.83 38.96 -6.42
CA HIS D 147 -26.85 38.49 -5.03
C HIS D 147 -28.25 38.78 -4.48
N ARG D 148 -28.52 38.20 -3.31
CA ARG D 148 -29.79 38.48 -2.65
C ARG D 148 -29.79 39.92 -2.12
N ALA D 149 -30.99 40.45 -1.88
CA ALA D 149 -31.11 41.83 -1.44
C ALA D 149 -30.31 42.05 -0.17
N ASP D 150 -29.64 43.20 -0.12
CA ASP D 150 -28.93 43.67 1.07
C ASP D 150 -29.89 44.06 2.18
N ALA D 151 -29.36 44.08 3.41
CA ALA D 151 -30.17 44.39 4.57
C ALA D 151 -30.82 45.76 4.45
N ARG D 152 -30.17 46.70 3.77
CA ARG D 152 -30.75 48.02 3.58
C ARG D 152 -32.00 47.98 2.71
N GLN D 153 -32.19 46.93 1.89
CA GLN D 153 -33.27 46.94 0.93
C GLN D 153 -34.52 46.38 1.60
N GLU D 154 -35.55 47.22 1.71
CA GLU D 154 -36.79 46.85 2.38
C GLU D 154 -37.88 46.42 1.40
N GLU D 155 -37.89 47.01 0.20
CA GLU D 155 -38.93 46.79 -0.78
C GLU D 155 -38.33 46.19 -2.05
N ASP D 156 -39.18 45.48 -2.78
CA ASP D 156 -38.77 44.84 -4.02
C ASP D 156 -38.22 45.86 -5.01
N SER D 157 -37.10 45.50 -5.65
CA SER D 157 -36.43 46.34 -6.63
C SER D 157 -36.56 45.73 -8.02
N TYR D 158 -36.59 46.60 -9.04
CA TYR D 158 -36.59 46.18 -10.43
C TYR D 158 -35.47 46.95 -11.12
N GLU D 159 -34.42 46.23 -11.53
CA GLU D 159 -33.18 46.83 -11.96
C GLU D 159 -32.85 46.38 -13.37
N ILE D 160 -32.39 47.30 -14.21
CA ILE D 160 -32.13 47.01 -15.61
C ILE D 160 -30.63 47.03 -15.82
N PHE D 161 -30.08 45.94 -16.39
CA PHE D 161 -28.66 45.81 -16.68
C PHE D 161 -28.47 45.64 -18.18
N ILE D 162 -27.93 46.66 -18.82
CA ILE D 162 -27.69 46.66 -20.27
C ILE D 162 -26.23 46.28 -20.51
N CYS D 163 -26.01 45.08 -21.08
CA CYS D 163 -24.67 44.60 -21.36
C CYS D 163 -24.59 43.90 -22.72
N HIS D 164 -24.01 42.69 -22.76
CA HIS D 164 -23.57 42.07 -23.99
C HIS D 164 -23.85 40.57 -23.88
N ALA D 165 -23.75 39.87 -25.00
CA ALA D 165 -24.18 38.48 -25.05
C ALA D 165 -23.43 37.62 -24.03
N ASN D 166 -22.09 37.63 -24.10
CA ASN D 166 -21.29 36.76 -23.24
C ASN D 166 -21.52 37.09 -21.77
N VAL D 167 -21.55 38.39 -21.43
CA VAL D 167 -21.73 38.77 -20.04
C VAL D 167 -23.04 38.21 -19.50
N ILE D 168 -24.14 38.45 -20.23
CA ILE D 168 -25.45 38.04 -19.74
C ILE D 168 -25.52 36.52 -19.61
N ARG D 169 -25.01 35.81 -20.63
CA ARG D 169 -25.10 34.35 -20.61
C ARG D 169 -24.27 33.77 -19.47
N TYR D 170 -23.07 34.32 -19.25
CA TYR D 170 -22.26 33.89 -18.11
C TYR D 170 -22.97 34.18 -16.79
N ILE D 171 -23.57 35.37 -16.67
CA ILE D 171 -24.32 35.71 -15.47
C ILE D 171 -25.40 34.67 -15.21
N VAL D 172 -26.10 34.27 -16.27
CA VAL D 172 -27.23 33.36 -16.10
C VAL D 172 -26.72 31.99 -15.64
N CYS D 173 -25.68 31.48 -16.30
CA CYS D 173 -25.15 30.18 -15.89
C CYS D 173 -24.69 30.21 -14.44
N ARG D 174 -24.05 31.30 -14.03
CA ARG D 174 -23.58 31.40 -12.65
C ARG D 174 -24.75 31.50 -11.66
N ALA D 175 -25.74 32.34 -11.98
CA ALA D 175 -26.85 32.59 -11.06
C ALA D 175 -27.65 31.33 -10.79
N LEU D 176 -27.80 30.48 -11.81
CA LEU D 176 -28.52 29.22 -11.68
C LEU D 176 -27.63 28.10 -11.15
N GLN D 177 -26.38 28.41 -10.85
CA GLN D 177 -25.42 27.41 -10.38
C GLN D 177 -25.36 26.24 -11.35
N PHE D 178 -25.43 26.57 -12.64
CA PHE D 178 -25.15 25.68 -13.75
C PHE D 178 -23.68 25.81 -14.13
N PRO D 179 -23.09 24.78 -14.73
CA PRO D 179 -21.66 24.85 -15.03
C PRO D 179 -21.36 26.05 -15.90
N PRO D 180 -20.55 26.99 -15.42
CA PRO D 180 -20.35 28.23 -16.19
C PRO D 180 -19.72 27.97 -17.54
N GLU D 181 -18.95 26.89 -17.67
CA GLU D 181 -18.31 26.54 -18.93
C GLU D 181 -19.31 26.35 -20.05
N GLY D 182 -20.61 26.32 -19.74
CA GLY D 182 -21.66 26.18 -20.73
C GLY D 182 -22.34 27.47 -21.14
N TRP D 183 -21.73 28.63 -20.88
CA TRP D 183 -22.39 29.89 -21.21
C TRP D 183 -22.71 30.01 -22.70
N LEU D 184 -21.95 29.33 -23.55
CA LEU D 184 -22.18 29.39 -24.99
C LEU D 184 -23.28 28.46 -25.46
N ARG D 185 -23.86 27.66 -24.57
CA ARG D 185 -25.05 26.89 -24.91
C ARG D 185 -26.30 27.74 -24.88
N LEU D 186 -26.18 29.00 -24.47
CA LEU D 186 -27.25 29.97 -24.53
C LEU D 186 -27.01 30.89 -25.71
N SER D 187 -28.07 31.55 -26.16
CA SER D 187 -27.98 32.49 -27.26
C SER D 187 -28.98 33.61 -27.02
N LEU D 188 -28.57 34.85 -27.25
CA LEU D 188 -29.39 36.01 -26.94
C LEU D 188 -29.44 36.92 -28.15
N ASN D 189 -30.66 37.28 -28.56
CA ASN D 189 -30.86 38.23 -29.64
C ASN D 189 -30.51 39.64 -29.19
N ASN D 190 -30.21 40.50 -30.16
CA ASN D 190 -30.00 41.91 -29.85
C ASN D 190 -31.26 42.52 -29.26
N GLY D 191 -31.08 43.32 -28.21
CA GLY D 191 -32.20 43.96 -27.55
C GLY D 191 -33.03 43.05 -26.66
N SER D 192 -32.56 41.83 -26.40
CA SER D 192 -33.36 40.86 -25.66
C SER D 192 -33.46 41.21 -24.18
N ILE D 193 -34.51 40.70 -23.55
CA ILE D 193 -34.75 40.85 -22.12
C ILE D 193 -34.59 39.48 -21.46
N THR D 194 -33.73 39.41 -20.46
CA THR D 194 -33.54 38.21 -19.64
C THR D 194 -33.89 38.57 -18.20
N HIS D 195 -34.86 37.85 -17.65
CA HIS D 195 -35.44 38.21 -16.36
C HIS D 195 -34.95 37.22 -15.32
N LEU D 196 -34.15 37.70 -14.37
CA LEU D 196 -33.69 36.93 -13.24
C LEU D 196 -34.42 37.41 -11.99
N VAL D 197 -34.82 36.48 -11.14
CA VAL D 197 -35.44 36.82 -9.86
C VAL D 197 -34.56 36.21 -8.78
N ILE D 198 -34.13 37.03 -7.83
CA ILE D 198 -33.35 36.56 -6.70
C ILE D 198 -34.22 36.80 -5.48
N ARG D 199 -34.65 35.71 -4.86
CA ARG D 199 -35.50 35.76 -3.69
C ARG D 199 -34.66 36.04 -2.44
N PRO D 200 -35.26 36.62 -1.41
CA PRO D 200 -34.47 37.04 -0.24
C PRO D 200 -33.72 35.92 0.45
N ASN D 201 -34.07 34.66 0.23
CA ASN D 201 -33.32 33.55 0.79
C ASN D 201 -32.20 33.05 -0.12
N GLY D 202 -31.88 33.78 -1.18
CA GLY D 202 -30.77 33.43 -2.05
C GLY D 202 -31.12 32.54 -3.22
N ARG D 203 -32.36 32.06 -3.32
CA ARG D 203 -32.75 31.23 -4.44
C ARG D 203 -32.93 32.07 -5.69
N VAL D 204 -32.58 31.49 -6.83
CA VAL D 204 -32.58 32.18 -8.12
C VAL D 204 -33.54 31.47 -9.07
N ALA D 205 -34.41 32.24 -9.72
CA ALA D 205 -35.31 31.75 -10.75
C ALA D 205 -35.06 32.53 -12.03
N LEU D 206 -34.94 31.81 -13.15
CA LEU D 206 -34.85 32.43 -14.47
C LEU D 206 -36.25 32.41 -15.08
N ARG D 207 -36.89 33.57 -15.15
CA ARG D 207 -38.27 33.61 -15.64
C ARG D 207 -38.36 33.84 -17.13
N THR D 208 -37.39 34.55 -17.71
CA THR D 208 -37.31 34.65 -19.16
C THR D 208 -35.84 34.77 -19.55
N LEU D 209 -35.51 34.25 -20.72
CA LEU D 209 -34.17 34.35 -21.28
C LEU D 209 -34.29 34.76 -22.74
N GLY D 210 -33.63 35.86 -23.10
CA GLY D 210 -33.56 36.25 -24.49
C GLY D 210 -34.89 36.62 -25.10
N ASP D 211 -35.81 37.17 -24.30
CA ASP D 211 -37.12 37.54 -24.81
C ASP D 211 -37.04 38.68 -25.82
N THR D 212 -37.44 38.40 -27.07
CA THR D 212 -37.64 39.47 -28.04
C THR D 212 -38.98 39.31 -28.75
N GLY D 213 -39.94 38.64 -28.12
CA GLY D 213 -41.24 38.45 -28.72
C GLY D 213 -41.98 39.74 -28.97
N PHE D 214 -41.51 40.82 -28.36
CA PHE D 214 -42.09 42.15 -28.52
C PHE D 214 -41.52 42.88 -29.73
N MET D 215 -40.57 42.27 -30.44
CA MET D 215 -40.05 42.85 -31.67
C MET D 215 -40.71 42.18 -32.87
N PRO D 216 -40.98 42.92 -33.94
CA PRO D 216 -41.48 42.29 -35.16
C PRO D 216 -40.45 41.31 -35.70
N PRO D 217 -40.87 40.10 -36.08
CA PRO D 217 -39.88 39.10 -36.52
C PRO D 217 -38.88 39.63 -37.54
N ASP D 218 -39.29 40.54 -38.42
CA ASP D 218 -38.37 41.07 -39.43
C ASP D 218 -37.28 41.95 -38.85
N LYS D 219 -37.36 42.30 -37.56
CA LYS D 219 -36.38 43.18 -36.93
C LYS D 219 -35.58 42.48 -35.83
N ILE D 220 -35.61 41.14 -35.79
CA ILE D 220 -34.90 40.38 -34.77
C ILE D 220 -33.56 39.93 -35.35
N THR D 221 -32.47 40.23 -34.63
CA THR D 221 -31.14 39.84 -35.07
C THR D 221 -30.33 39.32 -33.90
N ARG D 222 -29.29 38.55 -34.22
CA ARG D 222 -28.32 38.06 -33.26
C ARG D 222 -26.93 38.65 -33.44
N SER D 223 -26.69 39.43 -34.50
CA SER D 223 -25.39 40.03 -34.74
C SER D 223 -25.48 41.25 -35.64
N ASP E 24 -42.75 -42.19 22.30
CA ASP E 24 -42.06 -40.92 22.45
C ASP E 24 -41.12 -40.95 23.64
N HIS E 25 -39.82 -40.89 23.35
CA HIS E 25 -38.79 -40.95 24.38
C HIS E 25 -37.52 -40.32 23.81
N TYR E 26 -36.49 -40.25 24.64
CA TYR E 26 -35.18 -39.79 24.18
C TYR E 26 -34.44 -40.94 23.53
N LYS E 27 -34.29 -40.88 22.22
CA LYS E 27 -33.83 -42.02 21.43
C LYS E 27 -32.33 -42.19 21.54
N ALA E 28 -31.88 -43.43 21.41
CA ALA E 28 -30.48 -43.70 21.15
C ALA E 28 -30.16 -43.34 19.71
N LYS E 29 -28.92 -42.92 19.48
CA LYS E 29 -28.47 -42.58 18.14
C LYS E 29 -27.90 -43.80 17.45
N ALA E 30 -28.28 -43.98 16.18
CA ALA E 30 -27.90 -45.16 15.41
C ALA E 30 -26.61 -44.95 14.63
N THR E 31 -25.93 -46.06 14.35
CA THR E 31 -24.76 -46.11 13.48
C THR E 31 -25.16 -46.75 12.16
N ARG E 32 -24.61 -46.24 11.06
CA ARG E 32 -24.89 -46.80 9.75
C ARG E 32 -23.69 -47.62 9.27
N HIS E 33 -23.96 -48.88 8.94
CA HIS E 33 -22.97 -49.75 8.30
C HIS E 33 -23.35 -49.84 6.82
N ILE E 34 -22.50 -49.31 5.96
CA ILE E 34 -22.75 -49.20 4.53
C ILE E 34 -21.78 -50.14 3.82
N PHE E 35 -22.31 -51.12 3.11
CA PHE E 35 -21.51 -52.08 2.35
C PHE E 35 -21.65 -51.75 0.86
N LEU E 36 -20.61 -51.13 0.32
CA LEU E 36 -20.57 -50.74 -1.08
C LEU E 36 -19.98 -51.89 -1.87
N ILE E 37 -20.77 -52.48 -2.76
CA ILE E 37 -20.34 -53.61 -3.59
C ILE E 37 -20.25 -53.14 -5.03
N ARG E 38 -19.11 -53.41 -5.66
CA ARG E 38 -18.94 -53.11 -7.08
C ARG E 38 -19.58 -54.21 -7.90
N ALA E 39 -20.24 -53.81 -8.99
CA ALA E 39 -20.82 -54.78 -9.91
C ALA E 39 -19.75 -55.73 -10.44
N SER E 40 -20.18 -56.96 -10.75
CA SER E 40 -19.28 -57.99 -11.23
C SER E 40 -18.89 -57.75 -12.69
N GLN E 41 -18.03 -58.62 -13.20
CA GLN E 41 -17.54 -58.52 -14.56
C GLN E 41 -18.70 -58.63 -15.56
N TYR E 42 -18.62 -57.85 -16.63
CA TYR E 42 -19.69 -57.75 -17.62
C TYR E 42 -19.08 -57.64 -19.01
N HIS E 43 -19.96 -57.71 -20.01
CA HIS E 43 -19.52 -57.65 -21.41
C HIS E 43 -19.35 -56.20 -21.83
N THR E 53 -24.56 -57.05 -19.85
CA THR E 53 -24.86 -58.06 -18.85
C THR E 53 -23.59 -58.69 -18.29
N LEU E 54 -23.73 -59.39 -17.17
CA LEU E 54 -22.61 -60.07 -16.56
C LEU E 54 -22.11 -61.22 -17.43
N THR E 55 -20.80 -61.43 -17.42
CA THR E 55 -20.22 -62.62 -17.99
C THR E 55 -20.52 -63.79 -17.06
N PRO E 56 -20.34 -65.02 -17.52
CA PRO E 56 -20.53 -66.16 -16.60
C PRO E 56 -19.65 -66.06 -15.37
N LEU E 57 -18.37 -65.68 -15.57
CA LEU E 57 -17.48 -65.45 -14.44
C LEU E 57 -18.03 -64.36 -13.52
N GLY E 58 -18.58 -63.29 -14.11
CA GLY E 58 -19.20 -62.25 -13.30
C GLY E 58 -20.32 -62.79 -12.43
N ARG E 59 -21.15 -63.68 -13.00
CA ARG E 59 -22.21 -64.30 -12.21
C ARG E 59 -21.61 -65.10 -11.06
N GLU E 60 -20.51 -65.82 -11.31
CA GLU E 60 -19.86 -66.54 -10.22
C GLU E 60 -19.38 -65.58 -9.12
N GLN E 61 -18.80 -64.46 -9.54
CA GLN E 61 -18.31 -63.46 -8.59
C GLN E 61 -19.44 -62.94 -7.71
N ALA E 62 -20.56 -62.58 -8.34
CA ALA E 62 -21.71 -62.07 -7.58
C ALA E 62 -22.25 -63.14 -6.64
N GLU E 63 -22.25 -64.40 -7.08
CA GLU E 63 -22.68 -65.47 -6.20
C GLU E 63 -21.78 -65.54 -4.97
N LEU E 64 -20.47 -65.43 -5.17
CA LEU E 64 -19.54 -65.47 -4.04
C LEU E 64 -19.78 -64.32 -3.09
N THR E 65 -19.99 -63.12 -3.62
CA THR E 65 -20.24 -61.95 -2.78
C THR E 65 -21.51 -62.11 -1.96
N GLY E 66 -22.59 -62.59 -2.59
CA GLY E 66 -23.82 -62.83 -1.86
C GLY E 66 -23.65 -63.86 -0.77
N LEU E 67 -22.95 -64.95 -1.09
CA LEU E 67 -22.64 -65.98 -0.10
C LEU E 67 -21.92 -65.37 1.10
N ARG E 68 -20.92 -64.54 0.85
CA ARG E 68 -20.15 -63.93 1.93
C ARG E 68 -21.03 -63.04 2.81
N LEU E 69 -21.79 -62.14 2.16
CA LEU E 69 -22.67 -61.25 2.89
C LEU E 69 -23.66 -62.03 3.74
N ALA E 70 -24.20 -63.13 3.19
CA ALA E 70 -25.13 -63.95 3.95
C ALA E 70 -24.42 -64.66 5.10
N SER E 71 -23.12 -64.91 4.98
CA SER E 71 -22.38 -65.60 6.02
C SER E 71 -21.86 -64.68 7.13
N LEU E 72 -22.04 -63.36 7.00
CA LEU E 72 -21.52 -62.48 8.06
C LEU E 72 -22.36 -62.48 9.33
N GLY E 73 -23.57 -63.02 9.33
CA GLY E 73 -24.40 -62.96 10.52
C GLY E 73 -25.02 -61.60 10.79
N LEU E 74 -25.32 -60.83 9.75
CA LEU E 74 -25.98 -59.55 9.87
C LEU E 74 -27.38 -59.64 9.29
N LYS E 75 -28.29 -58.84 9.85
CA LYS E 75 -29.63 -58.70 9.29
C LYS E 75 -29.62 -57.39 8.50
N PHE E 76 -29.49 -57.52 7.18
CA PHE E 76 -29.39 -56.34 6.33
C PHE E 76 -30.75 -55.68 6.18
N ASN E 77 -30.76 -54.36 6.19
CA ASN E 77 -32.00 -53.61 6.10
C ASN E 77 -32.48 -53.45 4.66
N LYS E 78 -31.58 -53.02 3.77
CA LYS E 78 -31.96 -52.75 2.39
C LYS E 78 -30.79 -53.02 1.46
N ILE E 79 -31.11 -53.28 0.20
CA ILE E 79 -30.16 -53.32 -0.90
C ILE E 79 -30.53 -52.19 -1.85
N VAL E 80 -29.77 -51.11 -1.82
CA VAL E 80 -29.89 -50.02 -2.78
C VAL E 80 -28.93 -50.33 -3.92
N HIS E 81 -29.40 -50.22 -5.15
CA HIS E 81 -28.55 -50.58 -6.28
C HIS E 81 -28.72 -49.60 -7.42
N SER E 82 -27.62 -49.36 -8.13
CA SER E 82 -27.68 -48.62 -9.38
C SER E 82 -28.65 -49.31 -10.35
N SER E 83 -29.22 -48.51 -11.25
CA SER E 83 -30.16 -49.02 -12.23
C SER E 83 -29.48 -49.50 -13.50
N MET E 84 -28.15 -49.57 -13.52
CA MET E 84 -27.45 -50.11 -14.68
C MET E 84 -27.63 -51.63 -14.73
N THR E 85 -27.61 -52.17 -15.95
CA THR E 85 -27.87 -53.59 -16.15
C THR E 85 -27.00 -54.47 -15.25
N ARG E 86 -25.68 -54.29 -15.30
CA ARG E 86 -24.81 -55.16 -14.51
C ARG E 86 -25.06 -55.01 -13.02
N ALA E 87 -25.42 -53.80 -12.57
CA ALA E 87 -25.73 -53.62 -11.16
C ALA E 87 -27.01 -54.35 -10.79
N ILE E 88 -28.02 -54.30 -11.67
CA ILE E 88 -29.27 -55.01 -11.39
C ILE E 88 -29.05 -56.51 -11.34
N GLU E 89 -28.21 -57.03 -12.23
CA GLU E 89 -27.95 -58.47 -12.24
C GLU E 89 -27.17 -58.90 -11.01
N THR E 90 -26.10 -58.19 -10.68
CA THR E 90 -25.39 -58.47 -9.42
C THR E 90 -26.32 -58.39 -8.23
N THR E 91 -27.26 -57.42 -8.24
CA THR E 91 -28.21 -57.31 -7.14
C THR E 91 -29.13 -58.52 -7.06
N ASP E 92 -29.64 -58.98 -8.20
CA ASP E 92 -30.52 -60.14 -8.18
C ASP E 92 -29.77 -61.38 -7.66
N ILE E 93 -28.57 -61.61 -8.17
CA ILE E 93 -27.80 -62.77 -7.73
C ILE E 93 -27.54 -62.69 -6.23
N ILE E 94 -27.09 -61.53 -5.75
CA ILE E 94 -26.82 -61.35 -4.33
C ILE E 94 -28.11 -61.54 -3.53
N SER E 95 -29.23 -61.01 -4.06
CA SER E 95 -30.50 -61.06 -3.35
C SER E 95 -30.96 -62.48 -3.14
N ARG E 96 -30.56 -63.39 -4.02
CA ARG E 96 -30.94 -64.79 -3.80
C ARG E 96 -30.42 -65.29 -2.46
N HIS E 97 -29.27 -64.80 -2.02
CA HIS E 97 -28.70 -65.21 -0.74
C HIS E 97 -29.23 -64.39 0.43
N LEU E 98 -29.92 -63.28 0.17
CA LEU E 98 -30.49 -62.44 1.22
C LEU E 98 -31.99 -62.28 0.99
N PRO E 99 -32.74 -63.39 1.01
CA PRO E 99 -34.18 -63.27 0.83
C PRO E 99 -34.77 -62.50 1.98
N GLY E 100 -35.77 -61.66 1.69
CA GLY E 100 -36.40 -60.85 2.72
C GLY E 100 -35.73 -59.52 2.98
N VAL E 101 -34.76 -59.11 2.17
CA VAL E 101 -34.17 -57.77 2.25
C VAL E 101 -34.71 -56.92 1.12
N CYS E 102 -35.31 -55.77 1.47
CA CYS E 102 -35.84 -54.85 0.47
C CYS E 102 -34.76 -54.43 -0.52
N LYS E 103 -35.16 -54.35 -1.80
CA LYS E 103 -34.31 -53.85 -2.86
C LYS E 103 -34.86 -52.50 -3.31
N VAL E 104 -33.95 -51.58 -3.64
CA VAL E 104 -34.33 -50.23 -4.03
C VAL E 104 -33.45 -49.85 -5.21
N SER E 105 -34.08 -49.31 -6.25
CA SER E 105 -33.35 -48.87 -7.43
C SER E 105 -33.15 -47.37 -7.39
N THR E 106 -31.99 -46.92 -7.84
CA THR E 106 -31.76 -45.49 -7.99
C THR E 106 -30.87 -45.27 -9.20
N ASP E 107 -31.20 -44.23 -9.96
CA ASP E 107 -30.36 -43.80 -11.07
C ASP E 107 -29.18 -42.97 -10.62
N LEU E 108 -29.19 -42.47 -9.38
CA LEU E 108 -28.10 -41.63 -8.91
C LEU E 108 -26.79 -42.39 -8.86
N LEU E 109 -26.83 -43.70 -8.64
CA LEU E 109 -25.64 -44.51 -8.45
C LEU E 109 -25.08 -45.06 -9.77
N ARG E 110 -25.63 -44.67 -10.91
CA ARG E 110 -25.10 -45.14 -12.17
C ARG E 110 -23.66 -44.64 -12.36
N GLU E 111 -22.87 -45.42 -13.08
CA GLU E 111 -21.46 -45.13 -13.26
C GLU E 111 -21.26 -43.86 -14.06
N GLY E 112 -20.15 -43.17 -13.79
CA GLY E 112 -19.81 -41.96 -14.50
C GLY E 112 -18.45 -41.46 -14.08
N ALA E 113 -18.10 -40.28 -14.61
CA ALA E 113 -16.83 -39.63 -14.30
C ALA E 113 -17.09 -38.45 -13.36
N PRO E 114 -16.81 -38.56 -12.06
CA PRO E 114 -17.22 -37.51 -11.13
C PRO E 114 -16.41 -36.22 -11.27
N ILE E 115 -15.09 -36.36 -11.30
CA ILE E 115 -14.18 -35.24 -11.49
C ILE E 115 -12.95 -35.74 -12.22
N GLU E 116 -12.22 -34.80 -12.83
CA GLU E 116 -10.95 -35.13 -13.44
C GLU E 116 -9.99 -35.59 -12.35
N PRO E 117 -9.45 -36.81 -12.42
CA PRO E 117 -8.55 -37.27 -11.36
C PRO E 117 -7.21 -36.54 -11.37
N ASP E 118 -6.59 -36.48 -10.20
CA ASP E 118 -5.25 -35.95 -10.03
C ASP E 118 -4.42 -36.98 -9.33
N PRO E 119 -3.31 -37.47 -9.92
CA PRO E 119 -2.75 -36.99 -11.20
C PRO E 119 -3.60 -37.37 -12.41
N PRO E 120 -3.49 -36.59 -13.49
CA PRO E 120 -4.31 -36.85 -14.68
C PRO E 120 -3.96 -38.19 -15.34
N VAL E 121 -4.78 -38.55 -16.33
CA VAL E 121 -4.65 -39.82 -17.00
C VAL E 121 -5.04 -39.69 -18.46
N PRO E 126 -12.10 -38.67 -19.77
CA PRO E 126 -13.01 -38.20 -20.81
C PRO E 126 -13.22 -36.68 -20.88
N GLU E 127 -14.39 -36.29 -21.40
CA GLU E 127 -14.67 -34.90 -21.78
C GLU E 127 -14.95 -34.04 -20.56
N ALA E 128 -15.16 -32.75 -20.81
CA ALA E 128 -15.68 -31.85 -19.79
C ALA E 128 -17.16 -32.08 -19.54
N VAL E 129 -17.89 -32.47 -20.58
CA VAL E 129 -19.32 -32.74 -20.43
C VAL E 129 -19.55 -33.85 -19.43
N GLN E 130 -18.69 -34.88 -19.45
CA GLN E 130 -18.94 -36.01 -18.56
C GLN E 130 -18.70 -35.61 -17.11
N TYR E 131 -17.59 -34.93 -16.84
CA TYR E 131 -17.36 -34.46 -15.49
C TYR E 131 -18.50 -33.57 -15.05
N TYR E 132 -18.91 -32.65 -15.92
CA TYR E 132 -19.94 -31.67 -15.58
C TYR E 132 -21.25 -32.34 -15.20
N GLU E 133 -21.71 -33.30 -15.98
CA GLU E 133 -23.01 -33.90 -15.73
C GLU E 133 -22.91 -34.99 -14.64
N ASP E 134 -22.00 -35.95 -14.82
CA ASP E 134 -21.86 -37.08 -13.90
C ASP E 134 -21.40 -36.63 -12.54
N GLY E 135 -20.55 -35.61 -12.45
CA GLY E 135 -20.16 -35.09 -11.15
C GLY E 135 -21.35 -34.59 -10.36
N ALA E 136 -22.21 -33.78 -11.00
CA ALA E 136 -23.42 -33.33 -10.31
C ALA E 136 -24.24 -34.52 -9.85
N ARG E 137 -24.40 -35.53 -10.71
CA ARG E 137 -25.27 -36.65 -10.36
C ARG E 137 -24.67 -37.50 -9.24
N ILE E 138 -23.38 -37.83 -9.35
CA ILE E 138 -22.76 -38.69 -8.35
C ILE E 138 -22.60 -37.96 -7.03
N GLU E 139 -22.32 -36.65 -7.06
CA GLU E 139 -22.29 -35.89 -5.82
C GLU E 139 -23.67 -35.89 -5.17
N ALA E 140 -24.73 -35.80 -5.97
CA ALA E 140 -26.06 -35.94 -5.42
C ALA E 140 -26.23 -37.31 -4.76
N ALA E 141 -25.74 -38.36 -5.40
CA ALA E 141 -25.82 -39.70 -4.80
C ALA E 141 -25.12 -39.73 -3.45
N PHE E 142 -23.88 -39.23 -3.40
CA PHE E 142 -23.12 -39.21 -2.16
C PHE E 142 -23.89 -38.48 -1.07
N ARG E 143 -24.42 -37.31 -1.38
CA ARG E 143 -25.10 -36.51 -0.37
C ARG E 143 -26.40 -37.17 0.09
N ASN E 144 -27.11 -37.84 -0.82
CA ASN E 144 -28.40 -38.41 -0.46
C ASN E 144 -28.28 -39.72 0.31
N TYR E 145 -27.23 -40.51 0.04
CA TYR E 145 -27.12 -41.85 0.63
C TYR E 145 -26.03 -41.99 1.67
N ILE E 146 -24.99 -41.17 1.65
CA ILE E 146 -23.85 -41.30 2.55
C ILE E 146 -23.97 -40.18 3.57
N HIS E 147 -24.38 -40.53 4.79
CA HIS E 147 -24.56 -39.54 5.85
C HIS E 147 -24.82 -40.31 7.15
N ARG E 148 -24.81 -39.58 8.26
CA ARG E 148 -25.12 -40.19 9.54
C ARG E 148 -26.57 -40.62 9.59
N ALA E 149 -26.86 -41.57 10.48
CA ALA E 149 -28.20 -42.11 10.59
C ALA E 149 -29.19 -40.97 10.83
N ASP E 150 -30.39 -41.13 10.30
CA ASP E 150 -31.42 -40.13 10.53
C ASP E 150 -31.69 -40.04 12.03
N ALA E 151 -32.08 -38.83 12.47
CA ALA E 151 -32.29 -38.62 13.89
C ALA E 151 -33.40 -39.50 14.45
N ARG E 152 -34.35 -39.91 13.60
CA ARG E 152 -35.40 -40.82 14.03
C ARG E 152 -34.88 -42.24 14.19
N GLN E 153 -33.98 -42.67 13.31
CA GLN E 153 -33.45 -44.03 13.37
C GLN E 153 -32.78 -44.26 14.72
N GLU E 154 -33.27 -45.26 15.45
CA GLU E 154 -32.81 -45.49 16.81
C GLU E 154 -31.73 -46.56 16.91
N GLU E 155 -31.73 -47.55 16.02
CA GLU E 155 -30.82 -48.67 16.11
C GLU E 155 -29.94 -48.79 14.89
N ASP E 156 -28.79 -49.43 15.08
CA ASP E 156 -27.82 -49.58 14.00
C ASP E 156 -28.43 -50.26 12.79
N SER E 157 -28.13 -49.72 11.62
CA SER E 157 -28.61 -50.25 10.35
C SER E 157 -27.45 -50.86 9.55
N TYR E 158 -27.76 -51.88 8.75
CA TYR E 158 -26.79 -52.51 7.87
C TYR E 158 -27.36 -52.56 6.46
N GLU E 159 -26.79 -51.76 5.56
CA GLU E 159 -27.35 -51.50 4.24
C GLU E 159 -26.32 -51.78 3.16
N ILE E 160 -26.75 -52.39 2.06
CA ILE E 160 -25.87 -52.79 0.97
C ILE E 160 -26.14 -51.90 -0.24
N PHE E 161 -25.09 -51.27 -0.78
CA PHE E 161 -25.18 -50.41 -1.95
C PHE E 161 -24.37 -51.03 -3.07
N ILE E 162 -25.06 -51.56 -4.07
CA ILE E 162 -24.46 -52.22 -5.22
C ILE E 162 -24.40 -51.22 -6.36
N CYS E 163 -23.20 -50.76 -6.69
CA CYS E 163 -23.02 -49.84 -7.82
C CYS E 163 -21.71 -50.12 -8.54
N HIS E 164 -20.85 -49.10 -8.72
CA HIS E 164 -19.79 -49.19 -9.72
C HIS E 164 -18.50 -48.57 -9.19
N ALA E 165 -17.42 -48.82 -9.94
CA ALA E 165 -16.07 -48.51 -9.48
C ALA E 165 -15.89 -47.02 -9.19
N ASN E 166 -16.13 -46.16 -10.19
CA ASN E 166 -15.89 -44.73 -9.99
C ASN E 166 -16.79 -44.18 -8.89
N VAL E 167 -18.06 -44.59 -8.90
CA VAL E 167 -18.99 -44.11 -7.88
C VAL E 167 -18.48 -44.46 -6.49
N ILE E 168 -18.13 -45.73 -6.27
CA ILE E 168 -17.71 -46.14 -4.94
C ILE E 168 -16.43 -45.42 -4.52
N ARG E 169 -15.45 -45.33 -5.43
CA ARG E 169 -14.18 -44.71 -5.08
C ARG E 169 -14.39 -43.22 -4.74
N TYR E 170 -15.23 -42.53 -5.52
CA TYR E 170 -15.55 -41.14 -5.23
C TYR E 170 -16.25 -41.00 -3.90
N ILE E 171 -17.24 -41.87 -3.63
CA ILE E 171 -17.93 -41.84 -2.34
C ILE E 171 -16.95 -42.05 -1.20
N VAL E 172 -15.98 -42.96 -1.37
CA VAL E 172 -15.03 -43.22 -0.30
C VAL E 172 -14.19 -41.98 -0.03
N CYS E 173 -13.70 -41.35 -1.11
CA CYS E 173 -12.91 -40.13 -0.93
C CYS E 173 -13.73 -39.04 -0.25
N ARG E 174 -14.99 -38.87 -0.65
CA ARG E 174 -15.82 -37.83 -0.06
C ARG E 174 -16.12 -38.12 1.40
N ALA E 175 -16.45 -39.37 1.72
CA ALA E 175 -16.84 -39.73 3.07
C ALA E 175 -15.69 -39.52 4.06
N LEU E 176 -14.47 -39.77 3.63
CA LEU E 176 -13.30 -39.56 4.48
C LEU E 176 -12.77 -38.13 4.39
N GLN E 177 -13.43 -37.27 3.63
CA GLN E 177 -13.00 -35.89 3.46
C GLN E 177 -11.55 -35.82 3.00
N PHE E 178 -11.21 -36.73 2.10
CA PHE E 178 -9.96 -36.68 1.35
C PHE E 178 -10.21 -35.98 0.02
N PRO E 179 -9.18 -35.42 -0.60
CA PRO E 179 -9.41 -34.71 -1.86
C PRO E 179 -10.09 -35.62 -2.86
N PRO E 180 -11.28 -35.26 -3.33
CA PRO E 180 -12.00 -36.20 -4.21
C PRO E 180 -11.25 -36.51 -5.48
N GLU E 181 -10.36 -35.61 -5.94
CA GLU E 181 -9.59 -35.88 -7.15
C GLU E 181 -8.73 -37.13 -7.03
N GLY E 182 -8.61 -37.70 -5.83
CA GLY E 182 -7.83 -38.90 -5.66
C GLY E 182 -8.63 -40.18 -5.78
N TRP E 183 -9.84 -40.12 -6.34
CA TRP E 183 -10.64 -41.33 -6.46
C TRP E 183 -9.97 -42.36 -7.35
N LEU E 184 -9.15 -41.93 -8.31
CA LEU E 184 -8.46 -42.86 -9.18
C LEU E 184 -7.20 -43.43 -8.54
N ARG E 185 -6.83 -42.95 -7.35
CA ARG E 185 -5.78 -43.57 -6.56
C ARG E 185 -6.26 -44.81 -5.83
N LEU E 186 -7.56 -45.08 -5.87
CA LEU E 186 -8.14 -46.29 -5.31
C LEU E 186 -8.41 -47.28 -6.44
N SER E 187 -8.56 -48.55 -6.07
CA SER E 187 -8.81 -49.61 -7.02
C SER E 187 -9.73 -50.64 -6.41
N LEU E 188 -10.72 -51.09 -7.20
CA LEU E 188 -11.75 -52.00 -6.72
C LEU E 188 -11.91 -53.15 -7.70
N ASN E 189 -11.78 -54.37 -7.20
CA ASN E 189 -12.08 -55.56 -7.99
C ASN E 189 -13.59 -55.74 -8.17
N ASN E 190 -13.94 -56.47 -9.22
CA ASN E 190 -15.34 -56.82 -9.46
C ASN E 190 -15.91 -57.61 -8.30
N GLY E 191 -17.11 -57.23 -7.87
CA GLY E 191 -17.76 -57.90 -6.77
C GLY E 191 -17.17 -57.60 -5.40
N SER E 192 -16.26 -56.64 -5.30
CA SER E 192 -15.58 -56.37 -4.05
C SER E 192 -16.51 -55.72 -3.03
N ILE E 193 -16.16 -55.87 -1.76
CA ILE E 193 -16.92 -55.34 -0.62
C ILE E 193 -16.10 -54.22 0.02
N THR E 194 -16.71 -53.05 0.15
CA THR E 194 -16.11 -51.88 0.81
C THR E 194 -17.00 -51.48 1.97
N HIS E 195 -16.45 -51.48 3.18
CA HIS E 195 -17.26 -51.30 4.39
C HIS E 195 -17.01 -49.91 4.98
N LEU E 196 -18.05 -49.08 4.97
CA LEU E 196 -18.05 -47.75 5.57
C LEU E 196 -18.88 -47.79 6.85
N VAL E 197 -18.41 -47.10 7.88
CA VAL E 197 -19.14 -46.93 9.13
C VAL E 197 -19.32 -45.44 9.36
N ILE E 198 -20.56 -45.00 9.54
CA ILE E 198 -20.86 -43.60 9.83
C ILE E 198 -21.49 -43.55 11.21
N ARG E 199 -20.79 -42.90 12.15
CA ARG E 199 -21.18 -42.72 13.55
C ARG E 199 -22.21 -41.60 13.69
N PRO E 200 -23.03 -41.65 14.74
CA PRO E 200 -24.05 -40.61 14.91
C PRO E 200 -23.49 -39.21 15.08
N ASN E 201 -22.22 -39.04 15.45
CA ASN E 201 -21.62 -37.72 15.47
C ASN E 201 -20.96 -37.35 14.14
N GLY E 202 -21.17 -38.15 13.09
CA GLY E 202 -20.68 -37.84 11.77
C GLY E 202 -19.30 -38.35 11.42
N ARG E 203 -18.59 -38.99 12.35
CA ARG E 203 -17.27 -39.52 12.03
C ARG E 203 -17.40 -40.77 11.19
N VAL E 204 -16.46 -40.95 10.27
CA VAL E 204 -16.52 -42.01 9.27
C VAL E 204 -15.29 -42.89 9.41
N ALA E 205 -15.51 -44.20 9.43
CA ALA E 205 -14.42 -45.18 9.46
C ALA E 205 -14.53 -46.06 8.23
N LEU E 206 -13.42 -46.24 7.54
CA LEU E 206 -13.37 -47.18 6.42
C LEU E 206 -12.75 -48.47 6.95
N ARG E 207 -13.61 -49.46 7.23
CA ARG E 207 -13.13 -50.73 7.77
C ARG E 207 -12.50 -51.61 6.69
N THR E 208 -12.97 -51.49 5.46
CA THR E 208 -12.48 -52.32 4.38
C THR E 208 -12.67 -51.58 3.06
N LEU E 209 -11.76 -51.80 2.13
CA LEU E 209 -11.89 -51.26 0.78
C LEU E 209 -11.51 -52.33 -0.21
N GLY E 210 -12.42 -52.62 -1.15
CA GLY E 210 -12.11 -53.54 -2.23
C GLY E 210 -11.86 -54.95 -1.78
N ASP E 211 -12.48 -55.37 -0.69
CA ASP E 211 -12.30 -56.72 -0.16
C ASP E 211 -12.86 -57.77 -1.12
N THR E 212 -11.96 -58.63 -1.63
CA THR E 212 -12.35 -59.82 -2.38
C THR E 212 -11.62 -61.06 -1.86
N GLY E 213 -11.18 -61.05 -0.60
CA GLY E 213 -10.46 -62.18 -0.05
C GLY E 213 -11.29 -63.44 0.03
N PHE E 214 -12.60 -63.32 -0.09
CA PHE E 214 -13.51 -64.46 -0.03
C PHE E 214 -13.66 -65.15 -1.38
N MET E 215 -13.03 -64.62 -2.45
CA MET E 215 -13.07 -65.25 -3.76
C MET E 215 -11.77 -66.00 -4.04
N PRO E 216 -11.83 -67.10 -4.78
CA PRO E 216 -10.59 -67.77 -5.21
C PRO E 216 -9.76 -66.87 -6.09
N PRO E 217 -8.43 -66.81 -5.88
CA PRO E 217 -7.61 -65.88 -6.66
C PRO E 217 -7.84 -65.92 -8.17
N ASP E 218 -8.06 -67.11 -8.75
CA ASP E 218 -8.22 -67.23 -10.19
C ASP E 218 -9.51 -66.62 -10.70
N LYS E 219 -10.40 -66.18 -9.81
CA LYS E 219 -11.68 -65.59 -10.20
C LYS E 219 -11.78 -64.11 -9.83
N ILE E 220 -10.67 -63.45 -9.50
CA ILE E 220 -10.68 -62.04 -9.14
C ILE E 220 -10.33 -61.25 -10.40
N THR E 221 -11.17 -60.27 -10.73
CA THR E 221 -10.95 -59.44 -11.91
C THR E 221 -11.20 -57.98 -11.54
N ARG E 222 -10.68 -57.09 -12.38
CA ARG E 222 -10.96 -55.67 -12.26
C ARG E 222 -11.78 -55.15 -13.43
N SER E 223 -11.95 -55.95 -14.49
CA SER E 223 -12.77 -55.58 -15.63
C SER E 223 -13.15 -56.84 -16.41
N ALA F 28 -50.74 -1.75 0.81
CA ALA F 28 -51.86 -2.18 0.00
C ALA F 28 -52.59 -3.36 0.64
N LYS F 29 -53.62 -3.86 -0.03
CA LYS F 29 -54.36 -5.02 0.46
C LYS F 29 -54.89 -5.85 -0.71
N ALA F 30 -55.06 -5.23 -1.87
CA ALA F 30 -55.60 -5.92 -3.03
C ALA F 30 -54.46 -6.49 -3.88
N THR F 31 -54.79 -7.51 -4.67
CA THR F 31 -53.84 -8.13 -5.59
C THR F 31 -54.19 -7.73 -7.01
N ARG F 32 -53.16 -7.50 -7.82
CA ARG F 32 -53.35 -7.13 -9.22
C ARG F 32 -53.03 -8.33 -10.12
N HIS F 33 -54.00 -8.70 -10.96
CA HIS F 33 -53.83 -9.72 -11.98
C HIS F 33 -53.72 -9.01 -13.33
N ILE F 34 -52.55 -9.12 -13.96
CA ILE F 34 -52.23 -8.39 -15.18
C ILE F 34 -52.11 -9.41 -16.32
N PHE F 35 -52.95 -9.26 -17.33
CA PHE F 35 -52.94 -10.14 -18.50
C PHE F 35 -52.35 -9.36 -19.68
N LEU F 36 -51.10 -9.67 -20.02
CA LEU F 36 -50.41 -9.04 -21.15
C LEU F 36 -50.70 -9.86 -22.40
N ILE F 37 -51.32 -9.22 -23.38
CA ILE F 37 -51.76 -9.87 -24.61
C ILE F 37 -50.85 -9.38 -25.72
N ARG F 38 -50.27 -10.32 -26.47
CA ARG F 38 -49.49 -9.94 -27.64
C ARG F 38 -50.40 -9.66 -28.83
N ALA F 39 -50.08 -8.61 -29.58
CA ALA F 39 -50.84 -8.30 -30.77
C ALA F 39 -50.90 -9.50 -31.69
N SER F 40 -52.01 -9.63 -32.41
CA SER F 40 -52.18 -10.79 -33.27
C SER F 40 -51.30 -10.68 -34.50
N GLN F 41 -51.31 -11.71 -35.33
CA GLN F 41 -50.50 -11.70 -36.54
C GLN F 41 -50.95 -10.55 -37.42
N TYR F 42 -50.00 -9.87 -38.06
CA TYR F 42 -50.32 -8.68 -38.83
C TYR F 42 -49.48 -8.65 -40.10
N HIS F 43 -49.79 -7.67 -40.95
CA HIS F 43 -49.12 -7.49 -42.23
C HIS F 43 -47.78 -6.79 -42.02
N ARG F 52 -49.73 -1.18 -41.08
CA ARG F 52 -49.70 -2.61 -40.74
C ARG F 52 -50.93 -2.97 -39.91
N THR F 53 -51.88 -3.64 -40.55
CA THR F 53 -53.09 -4.12 -39.90
C THR F 53 -53.03 -5.64 -39.75
N LEU F 54 -53.97 -6.15 -38.95
CA LEU F 54 -54.02 -7.58 -38.67
C LEU F 54 -54.30 -8.37 -39.94
N THR F 55 -53.67 -9.53 -40.05
CA THR F 55 -54.01 -10.47 -41.10
C THR F 55 -55.34 -11.14 -40.74
N PRO F 56 -55.99 -11.79 -41.70
CA PRO F 56 -57.22 -12.54 -41.36
C PRO F 56 -56.97 -13.59 -40.30
N LEU F 57 -55.86 -14.33 -40.42
CA LEU F 57 -55.46 -15.25 -39.37
C LEU F 57 -55.29 -14.52 -38.05
N GLY F 58 -54.66 -13.34 -38.09
CA GLY F 58 -54.50 -12.55 -36.88
C GLY F 58 -55.84 -12.18 -36.27
N ARG F 59 -56.82 -11.81 -37.09
CA ARG F 59 -58.12 -11.45 -36.55
C ARG F 59 -58.78 -12.65 -35.88
N GLU F 60 -58.66 -13.82 -36.50
CA GLU F 60 -59.19 -15.02 -35.85
C GLU F 60 -58.48 -15.30 -34.53
N GLN F 61 -57.16 -15.09 -34.50
CA GLN F 61 -56.42 -15.26 -33.25
C GLN F 61 -56.96 -14.31 -32.17
N ALA F 62 -57.21 -13.05 -32.53
CA ALA F 62 -57.75 -12.09 -31.57
C ALA F 62 -59.12 -12.51 -31.07
N GLU F 63 -59.95 -13.05 -31.96
CA GLU F 63 -61.24 -13.62 -31.58
C GLU F 63 -61.07 -14.76 -30.57
N LEU F 64 -60.12 -15.65 -30.81
CA LEU F 64 -59.86 -16.75 -29.89
C LEU F 64 -59.43 -16.23 -28.52
N THR F 65 -58.53 -15.24 -28.51
CA THR F 65 -58.05 -14.67 -27.25
C THR F 65 -59.19 -14.03 -26.48
N GLY F 66 -60.05 -13.28 -27.19
CA GLY F 66 -61.21 -12.69 -26.53
C GLY F 66 -62.14 -13.73 -25.95
N LEU F 67 -62.42 -14.78 -26.73
CA LEU F 67 -63.25 -15.88 -26.24
C LEU F 67 -62.69 -16.47 -24.97
N ARG F 68 -61.37 -16.73 -24.95
CA ARG F 68 -60.75 -17.32 -23.77
C ARG F 68 -60.89 -16.40 -22.56
N LEU F 69 -60.51 -15.14 -22.72
CA LEU F 69 -60.60 -14.17 -21.64
C LEU F 69 -62.03 -14.08 -21.12
N ALA F 70 -63.01 -14.10 -22.02
CA ALA F 70 -64.41 -14.04 -21.62
C ALA F 70 -64.84 -15.31 -20.92
N SER F 71 -64.19 -16.43 -21.23
CA SER F 71 -64.55 -17.69 -20.60
C SER F 71 -63.86 -17.89 -19.26
N LEU F 72 -62.96 -16.99 -18.86
CA LEU F 72 -62.32 -17.18 -17.57
C LEU F 72 -63.22 -16.93 -16.37
N GLY F 73 -64.38 -16.30 -16.54
CA GLY F 73 -65.23 -15.99 -15.41
C GLY F 73 -64.69 -14.87 -14.54
N LEU F 74 -63.94 -13.95 -15.11
CA LEU F 74 -63.40 -12.80 -14.39
C LEU F 74 -64.11 -11.54 -14.86
N LYS F 75 -64.25 -10.58 -13.95
CA LYS F 75 -64.80 -9.26 -14.28
C LYS F 75 -63.61 -8.31 -14.46
N PHE F 76 -63.25 -8.06 -15.71
CA PHE F 76 -62.08 -7.24 -16.00
C PHE F 76 -62.34 -5.77 -15.72
N ASN F 77 -61.34 -5.11 -15.14
CA ASN F 77 -61.44 -3.70 -14.78
C ASN F 77 -61.17 -2.79 -15.98
N LYS F 78 -60.08 -3.04 -16.71
CA LYS F 78 -59.69 -2.17 -17.80
C LYS F 78 -59.00 -2.97 -18.89
N ILE F 79 -59.01 -2.41 -20.10
CA ILE F 79 -58.15 -2.86 -21.19
C ILE F 79 -57.26 -1.68 -21.57
N VAL F 80 -56.00 -1.73 -21.15
CA VAL F 80 -55.00 -0.76 -21.57
C VAL F 80 -54.30 -1.32 -22.80
N HIS F 81 -54.17 -0.50 -23.84
CA HIS F 81 -53.61 -0.96 -25.10
C HIS F 81 -52.66 0.06 -25.69
N SER F 82 -51.62 -0.46 -26.34
CA SER F 82 -50.73 0.34 -27.17
C SER F 82 -51.53 1.06 -28.25
N SER F 83 -50.98 2.18 -28.71
CA SER F 83 -51.61 2.97 -29.76
C SER F 83 -51.19 2.49 -31.15
N MET F 84 -50.44 1.40 -31.25
CA MET F 84 -50.09 0.86 -32.56
C MET F 84 -51.31 0.21 -33.20
N THR F 85 -51.36 0.30 -34.53
CA THR F 85 -52.52 -0.15 -35.28
C THR F 85 -52.90 -1.58 -34.92
N ARG F 86 -51.94 -2.51 -35.01
CA ARG F 86 -52.26 -3.91 -34.75
C ARG F 86 -52.78 -4.11 -33.34
N ALA F 87 -52.26 -3.34 -32.39
CA ALA F 87 -52.76 -3.42 -31.02
C ALA F 87 -54.19 -2.90 -30.93
N ILE F 88 -54.52 -1.83 -31.65
CA ILE F 88 -55.89 -1.32 -31.63
C ILE F 88 -56.85 -2.33 -32.23
N GLU F 89 -56.43 -3.02 -33.29
CA GLU F 89 -57.33 -3.99 -33.92
C GLU F 89 -57.56 -5.18 -33.01
N THR F 90 -56.47 -5.71 -32.41
CA THR F 90 -56.60 -6.76 -31.42
C THR F 90 -57.50 -6.33 -30.27
N THR F 91 -57.37 -5.07 -29.82
CA THR F 91 -58.22 -4.60 -28.72
C THR F 91 -59.67 -4.50 -29.13
N ASP F 92 -59.96 -3.99 -30.33
CA ASP F 92 -61.35 -3.91 -30.76
C ASP F 92 -61.99 -5.30 -30.79
N ILE F 93 -61.28 -6.27 -31.39
CA ILE F 93 -61.83 -7.62 -31.48
C ILE F 93 -62.05 -8.19 -30.08
N ILE F 94 -61.04 -8.11 -29.21
CA ILE F 94 -61.17 -8.69 -27.88
C ILE F 94 -62.27 -8.00 -27.09
N SER F 95 -62.36 -6.67 -27.19
CA SER F 95 -63.37 -5.93 -26.46
C SER F 95 -64.77 -6.32 -26.91
N ARG F 96 -64.90 -6.83 -28.14
CA ARG F 96 -66.22 -7.31 -28.55
C ARG F 96 -66.71 -8.38 -27.59
N HIS F 97 -65.81 -9.19 -27.04
CA HIS F 97 -66.17 -10.22 -26.08
C HIS F 97 -66.24 -9.74 -24.66
N LEU F 98 -65.75 -8.55 -24.39
CA LEU F 98 -65.78 -8.00 -23.05
C LEU F 98 -66.55 -6.70 -23.08
N PRO F 99 -67.82 -6.75 -23.46
CA PRO F 99 -68.59 -5.51 -23.51
C PRO F 99 -68.68 -4.93 -22.11
N GLY F 100 -68.53 -3.62 -22.03
CA GLY F 100 -68.52 -2.94 -20.76
C GLY F 100 -67.20 -2.92 -20.04
N VAL F 101 -66.13 -3.40 -20.67
CA VAL F 101 -64.78 -3.23 -20.13
C VAL F 101 -64.19 -2.03 -20.86
N CYS F 102 -63.96 -0.95 -20.12
CA CYS F 102 -63.45 0.29 -20.69
C CYS F 102 -62.06 0.10 -21.30
N LYS F 103 -61.81 0.85 -22.36
CA LYS F 103 -60.53 0.86 -23.05
C LYS F 103 -59.76 2.14 -22.77
N VAL F 104 -58.44 2.00 -22.68
CA VAL F 104 -57.51 3.06 -22.36
C VAL F 104 -56.34 2.91 -23.31
N SER F 105 -55.93 4.01 -23.94
CA SER F 105 -54.81 3.99 -24.86
C SER F 105 -53.59 4.62 -24.20
N THR F 106 -52.41 4.06 -24.52
CA THR F 106 -51.16 4.65 -24.09
C THR F 106 -50.12 4.44 -25.16
N ASP F 107 -49.30 5.47 -25.38
CA ASP F 107 -48.14 5.39 -26.26
C ASP F 107 -46.96 4.69 -25.59
N LEU F 108 -46.99 4.56 -24.27
CA LEU F 108 -45.87 3.94 -23.56
C LEU F 108 -45.68 2.49 -23.97
N LEU F 109 -46.76 1.77 -24.28
CA LEU F 109 -46.69 0.35 -24.56
C LEU F 109 -46.41 0.04 -26.02
N ARG F 110 -46.16 1.05 -26.84
CA ARG F 110 -45.85 0.83 -28.25
C ARG F 110 -44.58 -0.01 -28.37
N GLU F 111 -44.51 -0.78 -29.45
CA GLU F 111 -43.38 -1.69 -29.62
C GLU F 111 -42.09 -0.91 -29.79
N GLY F 112 -40.98 -1.52 -29.36
CA GLY F 112 -39.69 -0.88 -29.45
C GLY F 112 -38.58 -1.82 -29.04
N ALA F 113 -37.37 -1.26 -28.94
CA ALA F 113 -36.18 -2.00 -28.57
C ALA F 113 -35.81 -1.68 -27.12
N PRO F 114 -36.03 -2.60 -26.15
CA PRO F 114 -35.87 -2.22 -24.74
C PRO F 114 -34.43 -1.97 -24.32
N ILE F 115 -33.55 -2.97 -24.49
CA ILE F 115 -32.11 -2.82 -24.27
C ILE F 115 -31.39 -3.84 -25.14
N GLU F 116 -30.08 -3.67 -25.27
CA GLU F 116 -29.29 -4.62 -26.04
C GLU F 116 -29.46 -6.01 -25.43
N PRO F 117 -29.97 -7.00 -26.18
CA PRO F 117 -30.13 -8.33 -25.60
C PRO F 117 -28.80 -9.01 -25.37
N ASP F 118 -28.76 -9.84 -24.33
CA ASP F 118 -27.62 -10.70 -24.03
C ASP F 118 -28.19 -12.08 -23.78
N PRO F 119 -27.83 -13.11 -24.58
CA PRO F 119 -26.80 -13.07 -25.63
C PRO F 119 -27.24 -12.30 -26.88
N PRO F 120 -26.29 -11.73 -27.62
CA PRO F 120 -26.66 -11.04 -28.86
C PRO F 120 -27.23 -12.03 -29.87
N VAL F 121 -28.01 -11.51 -30.81
CA VAL F 121 -28.76 -12.35 -31.73
C VAL F 121 -28.63 -11.85 -33.17
N TRP F 124 -31.71 -9.81 -35.76
CA TRP F 124 -32.19 -8.60 -35.08
C TRP F 124 -31.02 -7.83 -34.49
N LYS F 125 -30.78 -6.64 -35.04
CA LYS F 125 -29.65 -5.81 -34.64
C LYS F 125 -29.99 -4.34 -34.88
N PRO F 126 -30.76 -3.71 -34.00
CA PRO F 126 -31.12 -2.30 -34.21
C PRO F 126 -29.96 -1.38 -33.91
N GLU F 127 -30.17 -0.09 -34.18
CA GLU F 127 -29.15 0.90 -33.89
C GLU F 127 -29.31 1.43 -32.46
N ALA F 128 -28.27 2.12 -31.98
CA ALA F 128 -28.18 2.45 -30.56
C ALA F 128 -29.22 3.51 -30.16
N VAL F 129 -29.55 4.44 -31.05
CA VAL F 129 -30.55 5.44 -30.71
C VAL F 129 -31.88 4.76 -30.41
N GLN F 130 -32.15 3.64 -31.08
CA GLN F 130 -33.39 2.91 -30.85
C GLN F 130 -33.44 2.37 -29.43
N TYR F 131 -32.35 1.75 -28.97
CA TYR F 131 -32.27 1.34 -27.58
C TYR F 131 -32.42 2.54 -26.65
N TYR F 132 -31.73 3.63 -26.95
CA TYR F 132 -31.73 4.81 -26.10
C TYR F 132 -33.14 5.39 -25.92
N GLU F 133 -33.91 5.49 -27.02
CA GLU F 133 -35.25 6.07 -26.96
C GLU F 133 -36.28 5.08 -26.42
N ASP F 134 -36.31 3.88 -27.02
CA ASP F 134 -37.32 2.89 -26.68
C ASP F 134 -37.11 2.33 -25.28
N GLY F 135 -35.86 2.18 -24.83
CA GLY F 135 -35.63 1.70 -23.49
C GLY F 135 -36.22 2.64 -22.45
N ALA F 136 -35.97 3.95 -22.61
CA ALA F 136 -36.57 4.91 -21.69
C ALA F 136 -38.08 4.80 -21.71
N ARG F 137 -38.68 4.68 -22.90
CA ARG F 137 -40.14 4.65 -22.96
C ARG F 137 -40.71 3.36 -22.37
N ILE F 138 -40.12 2.21 -22.71
CA ILE F 138 -40.61 0.92 -22.21
C ILE F 138 -40.42 0.82 -20.70
N GLU F 139 -39.31 1.35 -20.19
CA GLU F 139 -39.10 1.37 -18.74
C GLU F 139 -40.16 2.25 -18.08
N ALA F 140 -40.49 3.38 -18.70
CA ALA F 140 -41.58 4.20 -18.18
C ALA F 140 -42.89 3.42 -18.16
N ALA F 141 -43.16 2.67 -19.22
CA ALA F 141 -44.37 1.84 -19.25
C ALA F 141 -44.39 0.86 -18.08
N PHE F 142 -43.28 0.14 -17.89
CA PHE F 142 -43.16 -0.81 -16.80
C PHE F 142 -43.43 -0.13 -15.46
N ARG F 143 -42.80 1.02 -15.23
CA ARG F 143 -42.93 1.67 -13.93
C ARG F 143 -44.35 2.19 -13.71
N ASN F 144 -45.00 2.68 -14.75
CA ASN F 144 -46.32 3.29 -14.55
C ASN F 144 -47.41 2.24 -14.41
N TYR F 145 -47.26 1.07 -15.03
CA TYR F 145 -48.35 0.09 -15.02
C TYR F 145 -48.10 -1.15 -14.17
N ILE F 146 -46.85 -1.51 -13.92
CA ILE F 146 -46.53 -2.74 -13.19
C ILE F 146 -46.08 -2.34 -11.78
N HIS F 147 -46.95 -2.58 -10.80
CA HIS F 147 -46.68 -2.23 -9.40
C HIS F 147 -47.77 -2.88 -8.57
N ARG F 148 -47.58 -2.87 -7.25
CA ARG F 148 -48.59 -3.38 -6.36
C ARG F 148 -49.81 -2.47 -6.32
N ALA F 149 -50.93 -3.03 -5.90
CA ALA F 149 -52.19 -2.30 -5.86
C ALA F 149 -52.07 -1.05 -5.01
N ASP F 150 -52.83 -0.01 -5.38
CA ASP F 150 -52.89 1.18 -4.56
C ASP F 150 -53.50 0.83 -3.21
N ALA F 151 -53.03 1.50 -2.16
CA ALA F 151 -53.51 1.22 -0.81
C ALA F 151 -54.97 1.57 -0.61
N ARG F 152 -55.61 2.24 -1.56
CA ARG F 152 -57.04 2.47 -1.51
C ARG F 152 -57.81 1.52 -2.42
N GLN F 153 -57.12 0.64 -3.13
CA GLN F 153 -57.79 -0.33 -3.99
C GLN F 153 -58.43 -1.37 -3.08
N GLU F 154 -59.75 -1.50 -3.17
CA GLU F 154 -60.52 -2.31 -2.24
C GLU F 154 -60.65 -3.76 -2.70
N GLU F 155 -60.45 -4.04 -3.98
CA GLU F 155 -60.67 -5.36 -4.51
C GLU F 155 -59.57 -5.75 -5.49
N ASP F 156 -59.39 -7.05 -5.64
CA ASP F 156 -58.47 -7.57 -6.63
C ASP F 156 -58.87 -7.04 -8.00
N SER F 157 -57.88 -6.63 -8.79
CA SER F 157 -58.13 -6.11 -10.13
C SER F 157 -57.69 -7.14 -11.15
N TYR F 158 -58.40 -7.16 -12.28
CA TYR F 158 -58.04 -8.03 -13.39
C TYR F 158 -57.97 -7.15 -14.62
N GLU F 159 -56.77 -6.93 -15.13
CA GLU F 159 -56.50 -5.90 -16.12
C GLU F 159 -55.83 -6.53 -17.32
N ILE F 160 -56.26 -6.09 -18.51
CA ILE F 160 -55.75 -6.62 -19.76
C ILE F 160 -54.89 -5.55 -20.42
N PHE F 161 -53.66 -5.92 -20.77
CA PHE F 161 -52.72 -5.02 -21.43
C PHE F 161 -52.37 -5.62 -22.79
N ILE F 162 -52.91 -5.02 -23.85
CA ILE F 162 -52.70 -5.47 -25.22
C ILE F 162 -51.57 -4.64 -25.82
N CYS F 163 -50.41 -5.28 -25.98
CA CYS F 163 -49.26 -4.61 -26.58
C CYS F 163 -48.46 -5.60 -27.43
N HIS F 164 -47.15 -5.74 -27.16
CA HIS F 164 -46.25 -6.34 -28.13
C HIS F 164 -45.20 -7.22 -27.46
N ALA F 165 -44.52 -8.02 -28.29
CA ALA F 165 -43.60 -9.05 -27.79
C ALA F 165 -42.46 -8.45 -26.98
N ASN F 166 -41.71 -7.52 -27.56
CA ASN F 166 -40.55 -6.98 -26.85
C ASN F 166 -40.97 -6.30 -25.56
N VAL F 167 -42.05 -5.51 -25.63
CA VAL F 167 -42.55 -4.82 -24.44
C VAL F 167 -42.88 -5.82 -23.34
N ILE F 168 -43.66 -6.85 -23.69
CA ILE F 168 -44.13 -7.81 -22.70
C ILE F 168 -42.97 -8.60 -22.11
N ARG F 169 -42.06 -9.07 -22.95
CA ARG F 169 -40.94 -9.87 -22.45
C ARG F 169 -40.07 -9.05 -21.51
N TYR F 170 -39.81 -7.78 -21.87
CA TYR F 170 -39.07 -6.90 -20.99
C TYR F 170 -39.82 -6.65 -19.68
N ILE F 171 -41.14 -6.41 -19.77
CA ILE F 171 -41.96 -6.24 -18.58
C ILE F 171 -41.80 -7.43 -17.66
N VAL F 172 -41.82 -8.64 -18.22
CA VAL F 172 -41.73 -9.85 -17.40
C VAL F 172 -40.37 -9.92 -16.72
N CYS F 173 -39.30 -9.68 -17.48
CA CYS F 173 -37.97 -9.73 -16.87
C CYS F 173 -37.86 -8.73 -15.73
N ARG F 174 -38.37 -7.52 -15.94
CA ARG F 174 -38.29 -6.49 -14.90
C ARG F 174 -39.12 -6.85 -13.69
N ALA F 175 -40.35 -7.32 -13.90
CA ALA F 175 -41.26 -7.61 -12.80
C ALA F 175 -40.70 -8.70 -11.89
N LEU F 176 -40.01 -9.68 -12.49
CA LEU F 176 -39.39 -10.77 -11.74
C LEU F 176 -38.00 -10.41 -11.22
N GLN F 177 -37.55 -9.18 -11.49
CA GLN F 177 -36.22 -8.73 -11.05
C GLN F 177 -35.14 -9.68 -11.57
N PHE F 178 -35.32 -10.14 -12.80
CA PHE F 178 -34.31 -10.84 -13.58
C PHE F 178 -33.58 -9.85 -14.46
N PRO F 179 -32.34 -10.17 -14.87
CA PRO F 179 -31.59 -9.22 -15.70
C PRO F 179 -32.37 -8.87 -16.96
N PRO F 180 -32.70 -7.59 -17.14
CA PRO F 180 -33.58 -7.25 -18.28
C PRO F 180 -32.98 -7.58 -19.63
N GLU F 181 -31.65 -7.63 -19.72
CA GLU F 181 -31.00 -7.93 -21.00
C GLU F 181 -31.39 -9.30 -21.52
N GLY F 182 -32.06 -10.12 -20.70
CA GLY F 182 -32.50 -11.44 -21.09
C GLY F 182 -33.92 -11.49 -21.60
N TRP F 183 -34.52 -10.33 -21.92
CA TRP F 183 -35.89 -10.33 -22.40
C TRP F 183 -36.03 -11.12 -23.69
N LEU F 184 -34.97 -11.20 -24.49
CA LEU F 184 -35.00 -11.94 -25.74
C LEU F 184 -34.74 -13.43 -25.55
N ARG F 185 -34.49 -13.87 -24.32
CA ARG F 185 -34.47 -15.31 -24.02
C ARG F 185 -35.89 -15.86 -23.91
N LEU F 186 -36.91 -15.01 -24.00
CA LEU F 186 -38.30 -15.41 -24.03
C LEU F 186 -38.84 -15.31 -25.45
N SER F 187 -39.97 -15.98 -25.68
CA SER F 187 -40.63 -15.95 -26.98
C SER F 187 -42.14 -16.01 -26.75
N LEU F 188 -42.88 -15.19 -27.49
CA LEU F 188 -44.32 -15.07 -27.30
C LEU F 188 -45.03 -15.18 -28.65
N ASN F 189 -46.00 -16.08 -28.72
CA ASN F 189 -46.82 -16.23 -29.91
C ASN F 189 -47.79 -15.05 -30.04
N ASN F 190 -48.23 -14.82 -31.28
CA ASN F 190 -49.26 -13.83 -31.54
C ASN F 190 -50.52 -14.18 -30.77
N GLY F 191 -51.12 -13.19 -30.12
CA GLY F 191 -52.33 -13.41 -29.34
C GLY F 191 -52.13 -14.13 -28.03
N SER F 192 -50.90 -14.34 -27.60
CA SER F 192 -50.65 -15.10 -26.38
C SER F 192 -51.03 -14.29 -25.15
N ILE F 193 -51.34 -15.00 -24.07
CA ILE F 193 -51.71 -14.40 -22.79
C ILE F 193 -50.60 -14.68 -21.80
N THR F 194 -50.09 -13.62 -21.16
CA THR F 194 -49.05 -13.73 -20.13
C THR F 194 -49.63 -13.19 -18.84
N HIS F 195 -49.64 -14.01 -17.79
CA HIS F 195 -50.36 -13.69 -16.55
C HIS F 195 -49.36 -13.35 -15.45
N LEU F 196 -49.40 -12.11 -14.98
CA LEU F 196 -48.61 -11.63 -13.86
C LEU F 196 -49.51 -11.42 -12.66
N VAL F 197 -49.04 -11.80 -11.47
CA VAL F 197 -49.76 -11.56 -10.23
C VAL F 197 -48.85 -10.74 -9.33
N ILE F 198 -49.35 -9.60 -8.86
CA ILE F 198 -48.63 -8.75 -7.93
C ILE F 198 -49.41 -8.68 -6.64
N ARG F 199 -48.83 -9.25 -5.57
CA ARG F 199 -49.41 -9.30 -4.24
C ARG F 199 -49.21 -7.96 -3.53
N PRO F 200 -50.10 -7.64 -2.57
CA PRO F 200 -50.01 -6.32 -1.92
C PRO F 200 -48.71 -6.08 -1.19
N ASN F 201 -47.92 -7.11 -0.91
CA ASN F 201 -46.61 -6.94 -0.32
C ASN F 201 -45.50 -6.75 -1.34
N GLY F 202 -45.84 -6.58 -2.63
CA GLY F 202 -44.85 -6.34 -3.65
C GLY F 202 -44.27 -7.59 -4.29
N ARG F 203 -44.69 -8.77 -3.85
CA ARG F 203 -44.20 -10.00 -4.46
C ARG F 203 -44.81 -10.20 -5.84
N VAL F 204 -44.01 -10.75 -6.75
CA VAL F 204 -44.41 -10.91 -8.14
C VAL F 204 -44.35 -12.39 -8.50
N ALA F 205 -45.42 -12.90 -9.10
CA ALA F 205 -45.45 -14.26 -9.61
C ALA F 205 -45.80 -14.22 -11.10
N LEU F 206 -45.05 -14.96 -11.89
CA LEU F 206 -45.37 -15.19 -13.30
C LEU F 206 -46.09 -16.53 -13.38
N ARG F 207 -47.41 -16.49 -13.56
CA ARG F 207 -48.16 -17.73 -13.55
C ARG F 207 -48.18 -18.39 -14.93
N THR F 208 -48.28 -17.60 -16.00
CA THR F 208 -48.20 -18.13 -17.35
C THR F 208 -47.49 -17.13 -18.24
N LEU F 209 -46.78 -17.67 -19.23
CA LEU F 209 -46.09 -16.89 -20.25
C LEU F 209 -46.37 -17.51 -21.61
N GLY F 210 -46.83 -16.68 -22.55
CA GLY F 210 -47.03 -17.16 -23.91
C GLY F 210 -48.13 -18.18 -24.03
N ASP F 211 -49.15 -18.12 -23.17
CA ASP F 211 -50.23 -19.08 -23.20
C ASP F 211 -51.00 -18.92 -24.50
N THR F 212 -50.94 -19.95 -25.35
CA THR F 212 -51.79 -20.05 -26.53
C THR F 212 -52.41 -21.43 -26.63
N GLY F 213 -52.52 -22.14 -25.52
CA GLY F 213 -53.12 -23.47 -25.53
C GLY F 213 -54.57 -23.47 -25.94
N PHE F 214 -55.21 -22.31 -25.94
CA PHE F 214 -56.61 -22.18 -26.31
C PHE F 214 -56.80 -22.03 -27.82
N MET F 215 -55.69 -21.94 -28.62
CA MET F 215 -55.81 -21.86 -30.06
C MET F 215 -55.53 -23.22 -30.69
N PRO F 216 -56.23 -23.58 -31.77
CA PRO F 216 -55.87 -24.79 -32.50
C PRO F 216 -54.45 -24.72 -33.02
N PRO F 217 -53.66 -25.79 -32.87
CA PRO F 217 -52.24 -25.73 -33.26
C PRO F 217 -51.98 -25.13 -34.64
N ASP F 218 -52.86 -25.38 -35.61
CA ASP F 218 -52.64 -24.89 -36.97
C ASP F 218 -52.74 -23.37 -37.06
N LYS F 219 -53.15 -22.70 -35.99
CA LYS F 219 -53.32 -21.24 -36.02
C LYS F 219 -52.38 -20.50 -35.07
N ILE F 220 -51.34 -21.15 -34.56
CA ILE F 220 -50.39 -20.50 -33.67
C ILE F 220 -49.20 -20.02 -34.47
N THR F 221 -48.87 -18.73 -34.32
CA THR F 221 -47.73 -18.15 -35.01
C THR F 221 -46.95 -17.27 -34.04
N ARG F 222 -45.69 -17.01 -34.39
CA ARG F 222 -44.87 -16.01 -33.73
C ARG F 222 -44.62 -14.81 -34.62
N SER F 223 -45.04 -14.86 -35.88
CA SER F 223 -44.89 -13.74 -36.80
C SER F 223 -45.92 -13.86 -37.92
N ALA G 28 6.04 41.76 -28.30
CA ALA G 28 6.32 42.52 -27.10
C ALA G 28 7.78 42.97 -27.05
N LYS G 29 8.03 44.20 -27.49
CA LYS G 29 9.35 44.83 -27.38
C LYS G 29 9.38 46.03 -26.46
N ALA G 30 8.23 46.63 -26.19
CA ALA G 30 8.19 47.82 -25.37
C ALA G 30 8.17 47.44 -23.90
N THR G 31 8.60 48.36 -23.06
CA THR G 31 8.54 48.22 -21.62
C THR G 31 7.41 49.08 -21.09
N ARG G 32 6.68 48.56 -20.10
CA ARG G 32 5.57 49.31 -19.51
C ARG G 32 6.02 49.87 -18.17
N HIS G 33 5.89 51.18 -18.00
CA HIS G 33 6.14 51.85 -16.74
C HIS G 33 4.81 52.26 -16.11
N ILE G 34 4.50 51.68 -14.94
CA ILE G 34 3.25 51.89 -14.24
C ILE G 34 3.53 52.70 -12.98
N PHE G 35 2.94 53.88 -12.88
CA PHE G 35 3.08 54.73 -11.70
C PHE G 35 1.77 54.68 -10.93
N LEU G 36 1.76 53.91 -9.85
CA LEU G 36 0.60 53.79 -8.97
C LEU G 36 0.66 54.88 -7.91
N ILE G 37 -0.31 55.78 -7.92
CA ILE G 37 -0.35 56.91 -7.00
C ILE G 37 -1.49 56.67 -6.01
N ARG G 38 -1.17 56.80 -4.72
CA ARG G 38 -2.19 56.68 -3.70
C ARG G 38 -2.96 58.00 -3.60
N ALA G 39 -4.27 57.90 -3.44
CA ALA G 39 -5.07 59.10 -3.24
C ALA G 39 -4.54 59.91 -2.07
N SER G 40 -4.71 61.23 -2.14
CA SER G 40 -4.20 62.10 -1.10
C SER G 40 -5.09 62.01 0.15
N GLN G 41 -4.69 62.72 1.19
CA GLN G 41 -5.42 62.68 2.45
C GLN G 41 -6.85 63.17 2.27
N TYR G 42 -7.77 62.52 2.98
CA TYR G 42 -9.19 62.77 2.84
C TYR G 42 -9.84 62.71 4.21
N HIS G 43 -11.10 63.12 4.26
CA HIS G 43 -11.86 63.13 5.51
C HIS G 43 -12.46 61.76 5.78
N THR G 53 -14.00 63.22 0.77
CA THR G 53 -13.36 64.18 -0.13
C THR G 53 -12.00 64.60 0.43
N LEU G 54 -11.17 65.26 -0.39
CA LEU G 54 -9.85 65.65 0.05
C LEU G 54 -9.88 66.72 1.13
N THR G 55 -8.99 66.60 2.11
CA THR G 55 -8.69 67.66 3.06
C THR G 55 -7.84 68.74 2.39
N PRO G 56 -7.67 69.90 3.05
CA PRO G 56 -6.74 70.91 2.50
C PRO G 56 -5.32 70.39 2.30
N LEU G 57 -4.79 69.69 3.30
CA LEU G 57 -3.47 69.08 3.16
C LEU G 57 -3.44 68.08 2.01
N GLY G 58 -4.51 67.28 1.87
CA GLY G 58 -4.57 66.32 0.77
C GLY G 58 -4.48 66.98 -0.59
N ARG G 59 -5.16 68.12 -0.76
CA ARG G 59 -5.09 68.85 -2.02
C ARG G 59 -3.68 69.37 -2.25
N GLU G 60 -3.02 69.85 -1.19
CA GLU G 60 -1.62 70.27 -1.35
C GLU G 60 -0.75 69.08 -1.76
N GLN G 61 -0.99 67.91 -1.17
CA GLN G 61 -0.24 66.72 -1.51
C GLN G 61 -0.41 66.35 -2.98
N ALA G 62 -1.65 66.39 -3.47
CA ALA G 62 -1.89 66.11 -4.89
C ALA G 62 -1.16 67.12 -5.77
N GLU G 63 -1.11 68.38 -5.32
CA GLU G 63 -0.33 69.39 -6.04
C GLU G 63 1.13 69.00 -6.14
N LEU G 64 1.70 68.55 -5.02
CA LEU G 64 3.11 68.16 -5.04
C LEU G 64 3.35 66.95 -5.93
N THR G 65 2.47 65.95 -5.84
CA THR G 65 2.61 64.77 -6.68
C THR G 65 2.54 65.11 -8.16
N GLY G 66 1.60 65.99 -8.53
CA GLY G 66 1.52 66.43 -9.91
C GLY G 66 2.76 67.15 -10.36
N LEU G 67 3.27 68.07 -9.53
CA LEU G 67 4.52 68.75 -9.88
C LEU G 67 5.64 67.76 -10.14
N ARG G 68 5.79 66.77 -9.26
CA ARG G 68 6.86 65.79 -9.42
C ARG G 68 6.70 65.01 -10.73
N LEU G 69 5.51 64.44 -10.94
CA LEU G 69 5.27 63.66 -12.15
C LEU G 69 5.55 64.48 -13.40
N ALA G 70 5.12 65.74 -13.41
CA ALA G 70 5.38 66.58 -14.59
C ALA G 70 6.85 66.92 -14.71
N SER G 71 7.59 66.94 -13.60
CA SER G 71 9.01 67.26 -13.67
C SER G 71 9.86 66.06 -14.01
N LEU G 72 9.28 64.87 -14.12
CA LEU G 72 10.11 63.71 -14.45
C LEU G 72 10.61 63.70 -15.89
N GLY G 73 10.07 64.55 -16.77
CA GLY G 73 10.46 64.53 -18.16
C GLY G 73 9.95 63.34 -18.93
N LEU G 74 8.79 62.81 -18.56
CA LEU G 74 8.19 61.67 -19.22
C LEU G 74 6.92 62.13 -19.94
N LYS G 75 6.61 61.49 -21.07
CA LYS G 75 5.37 61.74 -21.80
C LYS G 75 4.41 60.61 -21.46
N PHE G 76 3.48 60.88 -20.55
CA PHE G 76 2.57 59.87 -20.05
C PHE G 76 1.46 59.56 -21.05
N ASN G 77 1.12 58.27 -21.15
CA ASN G 77 0.10 57.83 -22.09
C ASN G 77 -1.31 58.06 -21.54
N LYS G 78 -1.56 57.61 -20.32
CA LYS G 78 -2.90 57.68 -19.75
C LYS G 78 -2.80 57.91 -18.25
N ILE G 79 -3.88 58.46 -17.71
CA ILE G 79 -4.12 58.50 -16.28
C ILE G 79 -5.40 57.69 -16.06
N VAL G 80 -5.23 56.46 -15.60
CA VAL G 80 -6.36 55.63 -15.19
C VAL G 80 -6.55 55.85 -13.70
N HIS G 81 -7.78 56.12 -13.29
CA HIS G 81 -8.03 56.43 -11.89
C HIS G 81 -9.28 55.72 -11.42
N SER G 82 -9.25 55.32 -10.14
CA SER G 82 -10.44 54.84 -9.49
C SER G 82 -11.54 55.90 -9.57
N SER G 83 -12.79 55.45 -9.54
CA SER G 83 -13.94 56.33 -9.62
C SER G 83 -14.38 56.85 -8.26
N MET G 84 -13.60 56.61 -7.21
CA MET G 84 -13.93 57.12 -5.89
C MET G 84 -13.68 58.62 -5.82
N THR G 85 -14.47 59.30 -4.99
CA THR G 85 -14.39 60.76 -4.89
C THR G 85 -12.95 61.23 -4.70
N ARG G 86 -12.28 60.72 -3.67
CA ARG G 86 -10.93 61.19 -3.37
C ARG G 86 -9.99 60.88 -4.51
N ALA G 87 -10.21 59.76 -5.20
CA ALA G 87 -9.40 59.44 -6.38
C ALA G 87 -9.66 60.43 -7.50
N ILE G 88 -10.93 60.81 -7.69
CA ILE G 88 -11.27 61.79 -8.71
C ILE G 88 -10.64 63.14 -8.39
N GLU G 89 -10.61 63.51 -7.11
CA GLU G 89 -10.05 64.79 -6.72
C GLU G 89 -8.53 64.80 -6.89
N THR G 90 -7.86 63.75 -6.44
CA THR G 90 -6.42 63.62 -6.68
C THR G 90 -6.12 63.67 -8.17
N THR G 91 -6.94 63.00 -8.98
CA THR G 91 -6.72 63.04 -10.43
C THR G 91 -6.95 64.43 -10.99
N ASP G 92 -7.98 65.12 -10.52
CA ASP G 92 -8.22 66.47 -11.01
C ASP G 92 -7.04 67.38 -10.73
N ILE G 93 -6.51 67.34 -9.50
CA ILE G 93 -5.36 68.17 -9.18
C ILE G 93 -4.15 67.78 -10.01
N ILE G 94 -3.83 66.48 -10.08
CA ILE G 94 -2.64 66.05 -10.82
C ILE G 94 -2.76 66.39 -12.30
N SER G 95 -3.95 66.18 -12.88
CA SER G 95 -4.14 66.35 -14.32
C SER G 95 -3.84 67.76 -14.78
N ARG G 96 -4.03 68.75 -13.89
CA ARG G 96 -3.71 70.12 -14.27
C ARG G 96 -2.24 70.27 -14.64
N HIS G 97 -1.36 69.50 -14.00
CA HIS G 97 0.06 69.57 -14.32
C HIS G 97 0.43 68.70 -15.51
N LEU G 98 -0.45 67.79 -15.93
CA LEU G 98 -0.23 66.93 -17.09
C LEU G 98 -1.39 67.08 -18.07
N PRO G 99 -1.66 68.31 -18.55
CA PRO G 99 -2.75 68.48 -19.50
C PRO G 99 -2.41 67.79 -20.81
N GLY G 100 -3.44 67.23 -21.44
CA GLY G 100 -3.25 66.50 -22.68
C GLY G 100 -2.83 65.07 -22.52
N VAL G 101 -2.84 64.55 -21.29
CA VAL G 101 -2.67 63.13 -21.03
C VAL G 101 -4.06 62.57 -20.84
N CYS G 102 -4.43 61.58 -21.65
CA CYS G 102 -5.78 61.03 -21.58
C CYS G 102 -6.08 60.54 -20.17
N LYS G 103 -7.30 60.81 -19.70
CA LYS G 103 -7.75 60.38 -18.39
C LYS G 103 -8.83 59.32 -18.56
N VAL G 104 -8.83 58.36 -17.64
CA VAL G 104 -9.74 57.22 -17.69
C VAL G 104 -10.23 56.88 -16.30
N SER G 105 -11.55 56.68 -16.17
CA SER G 105 -12.17 56.30 -14.91
C SER G 105 -12.49 54.81 -14.94
N THR G 106 -12.35 54.15 -13.80
CA THR G 106 -12.68 52.73 -13.71
C THR G 106 -13.20 52.38 -12.32
N ASP G 107 -14.17 51.45 -12.27
CA ASP G 107 -14.60 50.88 -11.00
C ASP G 107 -13.67 49.78 -10.51
N LEU G 108 -12.83 49.21 -11.39
CA LEU G 108 -11.95 48.12 -10.97
C LEU G 108 -10.96 48.57 -9.91
N LEU G 109 -10.51 49.81 -9.96
CA LEU G 109 -9.47 50.30 -9.07
C LEU G 109 -10.04 50.89 -7.78
N ARG G 110 -11.35 50.84 -7.59
CA ARG G 110 -11.93 51.36 -6.35
C ARG G 110 -11.41 50.57 -5.15
N GLU G 111 -11.34 51.25 -4.01
CA GLU G 111 -10.78 50.63 -2.83
C GLU G 111 -11.64 49.46 -2.36
N GLY G 112 -10.99 48.49 -1.73
CA GLY G 112 -11.68 47.33 -1.22
C GLY G 112 -10.75 46.46 -0.42
N ALA G 113 -11.26 45.29 -0.03
CA ALA G 113 -10.49 44.32 0.73
C ALA G 113 -10.07 43.19 -0.19
N PRO G 114 -8.79 43.11 -0.61
CA PRO G 114 -8.44 42.11 -1.64
C PRO G 114 -8.49 40.70 -1.10
N ILE G 115 -7.78 40.43 -0.02
CA ILE G 115 -7.83 39.14 0.68
C ILE G 115 -7.45 39.36 2.13
N GLU G 116 -7.76 38.37 2.96
CA GLU G 116 -7.41 38.42 4.37
C GLU G 116 -5.89 38.53 4.53
N PRO G 117 -5.38 39.55 5.20
CA PRO G 117 -3.93 39.69 5.35
C PRO G 117 -3.36 38.65 6.31
N ASP G 118 -2.09 38.33 6.10
CA ASP G 118 -1.34 37.48 7.03
C ASP G 118 -0.05 38.22 7.33
N PRO G 119 0.23 38.59 8.59
CA PRO G 119 -0.52 38.26 9.82
C PRO G 119 -1.82 39.04 9.98
N PRO G 120 -2.76 38.50 10.75
CA PRO G 120 -4.02 39.20 10.96
C PRO G 120 -3.82 40.52 11.68
N VAL G 121 -4.65 41.50 11.32
CA VAL G 121 -4.81 42.74 12.07
C VAL G 121 -6.18 42.70 12.71
N SER G 122 -6.22 42.82 14.05
CA SER G 122 -7.45 42.75 14.81
C SER G 122 -8.05 44.13 15.09
N HIS G 123 -7.76 45.10 14.22
CA HIS G 123 -8.42 46.40 14.23
C HIS G 123 -9.21 46.62 12.96
N TRP G 124 -9.31 45.61 12.10
CA TRP G 124 -9.92 45.75 10.77
C TRP G 124 -10.32 44.36 10.32
N LYS G 125 -11.61 44.06 10.36
CA LYS G 125 -12.11 42.70 10.12
C LYS G 125 -13.34 42.77 9.22
N PRO G 126 -13.14 42.96 7.92
CA PRO G 126 -14.27 42.92 6.99
C PRO G 126 -14.86 41.52 6.88
N GLU G 127 -16.10 41.47 6.43
CA GLU G 127 -16.82 40.20 6.36
C GLU G 127 -16.44 39.44 5.09
N ALA G 128 -16.85 38.16 5.06
CA ALA G 128 -16.45 37.29 3.96
C ALA G 128 -17.02 37.77 2.64
N VAL G 129 -18.21 38.38 2.66
CA VAL G 129 -18.82 38.89 1.42
C VAL G 129 -17.93 39.96 0.80
N GLN G 130 -17.28 40.77 1.65
CA GLN G 130 -16.43 41.84 1.16
C GLN G 130 -15.18 41.29 0.48
N TYR G 131 -14.51 40.33 1.11
CA TYR G 131 -13.40 39.67 0.43
C TYR G 131 -13.88 39.03 -0.86
N TYR G 132 -15.03 38.36 -0.81
CA TYR G 132 -15.53 37.63 -1.96
C TYR G 132 -15.69 38.52 -3.18
N GLU G 133 -16.33 39.69 -3.02
CA GLU G 133 -16.53 40.55 -4.17
C GLU G 133 -15.29 41.40 -4.49
N ASP G 134 -14.73 42.06 -3.47
CA ASP G 134 -13.62 42.98 -3.69
C ASP G 134 -12.38 42.27 -4.20
N GLY G 135 -12.11 41.05 -3.72
CA GLY G 135 -10.98 40.30 -4.23
C GLY G 135 -11.12 40.03 -5.71
N ALA G 136 -12.30 39.57 -6.12
CA ALA G 136 -12.54 39.34 -7.55
C ALA G 136 -12.29 40.61 -8.34
N ARG G 137 -12.78 41.76 -7.84
CA ARG G 137 -12.64 43.01 -8.60
C ARG G 137 -11.19 43.48 -8.66
N ILE G 138 -10.49 43.44 -7.52
CA ILE G 138 -9.10 43.92 -7.47
C ILE G 138 -8.19 42.99 -8.27
N GLU G 139 -8.47 41.68 -8.24
CA GLU G 139 -7.71 40.76 -9.06
C GLU G 139 -7.96 41.02 -10.54
N ALA G 140 -9.20 41.33 -10.91
CA ALA G 140 -9.48 41.73 -12.28
C ALA G 140 -8.69 42.98 -12.67
N ALA G 141 -8.62 43.96 -11.75
CA ALA G 141 -7.82 45.15 -12.01
C ALA G 141 -6.36 44.79 -12.26
N PHE G 142 -5.80 43.95 -11.38
CA PHE G 142 -4.41 43.52 -11.55
C PHE G 142 -4.21 42.88 -12.92
N ARG G 143 -5.08 41.96 -13.30
CA ARG G 143 -4.89 41.22 -14.55
C ARG G 143 -5.06 42.13 -15.75
N ASN G 144 -5.96 43.10 -15.67
CA ASN G 144 -6.22 43.95 -16.83
C ASN G 144 -5.16 45.03 -16.99
N TYR G 145 -4.52 45.48 -15.90
CA TYR G 145 -3.60 46.61 -16.01
C TYR G 145 -2.13 46.23 -15.84
N ILE G 146 -1.82 45.11 -15.20
CA ILE G 146 -0.44 44.71 -14.95
C ILE G 146 -0.12 43.53 -15.88
N HIS G 147 0.68 43.79 -16.91
CA HIS G 147 1.08 42.77 -17.87
C HIS G 147 2.15 43.38 -18.76
N ARG G 148 2.81 42.50 -19.51
CA ARG G 148 3.79 42.95 -20.48
C ARG G 148 3.09 43.62 -21.66
N ALA G 149 3.85 44.46 -22.38
CA ALA G 149 3.29 45.19 -23.51
C ALA G 149 2.67 44.26 -24.54
N ASP G 150 1.60 44.73 -25.16
CA ASP G 150 1.01 44.03 -26.30
C ASP G 150 2.02 43.99 -27.45
N ALA G 151 1.90 42.98 -28.30
CA ALA G 151 2.83 42.85 -29.41
C ALA G 151 2.77 44.07 -30.31
N ARG G 152 1.61 44.73 -30.38
CA ARG G 152 1.46 45.91 -31.22
C ARG G 152 2.01 47.18 -30.59
N GLN G 153 2.35 47.17 -29.31
CA GLN G 153 2.92 48.36 -28.68
C GLN G 153 4.32 48.58 -29.22
N GLU G 154 4.56 49.74 -29.82
CA GLU G 154 5.82 49.99 -30.51
C GLU G 154 6.85 50.67 -29.62
N GLU G 155 6.41 51.57 -28.74
CA GLU G 155 7.30 52.35 -27.90
C GLU G 155 6.99 52.15 -26.43
N ASP G 156 8.00 52.37 -25.59
CA ASP G 156 7.83 52.28 -24.15
C ASP G 156 6.74 53.23 -23.67
N SER G 157 5.92 52.74 -22.74
CA SER G 157 4.78 53.47 -22.22
C SER G 157 5.02 53.94 -20.79
N TYR G 158 4.42 55.08 -20.46
CA TYR G 158 4.47 55.65 -19.11
C TYR G 158 3.05 55.99 -18.68
N GLU G 159 2.53 55.23 -17.71
CA GLU G 159 1.11 55.25 -17.37
C GLU G 159 0.94 55.51 -15.88
N ILE G 160 -0.06 56.33 -15.54
CA ILE G 160 -0.34 56.70 -14.16
C ILE G 160 -1.64 56.02 -13.74
N PHE G 161 -1.61 55.34 -12.61
CA PHE G 161 -2.80 54.69 -12.05
C PHE G 161 -3.03 55.30 -10.67
N ILE G 162 -4.04 56.15 -10.56
CA ILE G 162 -4.37 56.82 -9.30
C ILE G 162 -5.48 56.02 -8.63
N CYS G 163 -5.14 55.33 -7.55
CA CYS G 163 -6.13 54.58 -6.81
C CYS G 163 -5.86 54.64 -5.31
N HIS G 164 -5.76 53.50 -4.63
CA HIS G 164 -5.91 53.46 -3.18
C HIS G 164 -4.91 52.49 -2.56
N ALA G 165 -4.79 52.59 -1.24
CA ALA G 165 -3.75 51.90 -0.49
C ALA G 165 -3.83 50.39 -0.67
N ASN G 166 -4.97 49.79 -0.32
CA ASN G 166 -5.07 48.34 -0.39
C ASN G 166 -4.90 47.84 -1.82
N VAL G 167 -5.53 48.54 -2.78
CA VAL G 167 -5.43 48.11 -4.16
C VAL G 167 -3.98 48.12 -4.60
N ILE G 168 -3.27 49.22 -4.35
CA ILE G 168 -1.90 49.34 -4.82
C ILE G 168 -1.02 48.27 -4.20
N ARG G 169 -1.16 48.05 -2.88
CA ARG G 169 -0.31 47.06 -2.22
C ARG G 169 -0.59 45.65 -2.73
N TYR G 170 -1.86 45.31 -2.95
CA TYR G 170 -2.17 44.01 -3.53
C TYR G 170 -1.60 43.87 -4.93
N ILE G 171 -1.74 44.93 -5.74
CA ILE G 171 -1.17 44.93 -7.08
C ILE G 171 0.33 44.66 -7.00
N VAL G 172 1.00 45.29 -6.04
CA VAL G 172 2.45 45.14 -5.92
C VAL G 172 2.82 43.72 -5.55
N CYS G 173 2.13 43.14 -4.56
CA CYS G 173 2.43 41.77 -4.17
C CYS G 173 2.19 40.80 -5.33
N ARG G 174 1.10 40.97 -6.07
CA ARG G 174 0.82 40.07 -7.19
C ARG G 174 1.84 40.24 -8.31
N ALA G 175 2.17 41.48 -8.67
CA ALA G 175 3.06 41.72 -9.80
C ALA G 175 4.42 41.09 -9.59
N LEU G 176 4.90 41.09 -8.35
CA LEU G 176 6.17 40.47 -7.99
C LEU G 176 6.03 38.99 -7.71
N GLN G 177 4.83 38.43 -7.86
CA GLN G 177 4.56 37.02 -7.57
C GLN G 177 4.96 36.66 -6.15
N PHE G 178 4.68 37.57 -5.22
CA PHE G 178 4.78 37.33 -3.79
C PHE G 178 3.43 36.91 -3.24
N PRO G 179 3.40 36.21 -2.10
CA PRO G 179 2.12 35.79 -1.53
C PRO G 179 1.22 37.00 -1.32
N PRO G 180 0.06 37.04 -1.99
CA PRO G 180 -0.76 38.25 -1.92
C PRO G 180 -1.23 38.57 -0.52
N GLU G 181 -1.35 37.55 0.34
CA GLU G 181 -1.82 37.75 1.70
C GLU G 181 -0.92 38.68 2.49
N GLY G 182 0.25 39.04 1.96
CA GLY G 182 1.15 39.96 2.64
C GLY G 182 0.99 41.39 2.20
N TRP G 183 -0.13 41.72 1.54
CA TRP G 183 -0.31 43.09 1.07
C TRP G 183 -0.31 44.09 2.22
N LEU G 184 -0.74 43.67 3.41
CA LEU G 184 -0.76 44.58 4.55
C LEU G 184 0.59 44.69 5.24
N ARG G 185 1.60 43.95 4.79
CA ARG G 185 2.96 44.14 5.27
C ARG G 185 3.60 45.38 4.66
N LEU G 186 2.92 46.04 3.72
CA LEU G 186 3.35 47.29 3.13
C LEU G 186 2.54 48.46 3.67
N SER G 187 3.08 49.66 3.47
CA SER G 187 2.45 50.89 3.90
C SER G 187 2.74 51.96 2.86
N LEU G 188 1.72 52.76 2.55
CA LEU G 188 1.80 53.76 1.49
C LEU G 188 1.29 55.09 2.00
N ASN G 189 2.12 56.13 1.86
CA ASN G 189 1.70 57.48 2.23
C ASN G 189 0.72 58.03 1.21
N ASN G 190 -0.06 59.00 1.67
CA ASN G 190 -0.98 59.72 0.79
C ASN G 190 -0.20 60.44 -0.30
N GLY G 191 -0.68 60.31 -1.54
CA GLY G 191 -0.03 60.97 -2.66
C GLY G 191 1.29 60.38 -3.09
N SER G 192 1.68 59.23 -2.54
CA SER G 192 2.97 58.64 -2.86
C SER G 192 2.95 58.04 -4.25
N ILE G 193 4.14 57.91 -4.84
CA ILE G 193 4.31 57.33 -6.17
C ILE G 193 4.99 55.99 -6.00
N THR G 194 4.40 54.95 -6.61
CA THR G 194 4.95 53.61 -6.61
C THR G 194 5.26 53.25 -8.05
N HIS G 195 6.52 52.96 -8.34
CA HIS G 195 6.98 52.79 -9.72
C HIS G 195 7.20 51.31 -9.98
N LEU G 196 6.39 50.74 -10.87
CA LEU G 196 6.51 49.37 -11.32
C LEU G 196 6.96 49.34 -12.78
N VAL G 197 7.86 48.43 -13.12
CA VAL G 197 8.36 48.28 -14.49
C VAL G 197 8.12 46.84 -14.94
N ILE G 198 7.51 46.68 -16.12
CA ILE G 198 7.29 45.36 -16.71
C ILE G 198 8.08 45.30 -18.02
N ARG G 199 9.07 44.40 -18.06
CA ARG G 199 9.92 44.18 -19.22
C ARG G 199 9.19 43.33 -20.26
N PRO G 200 9.53 43.46 -21.53
CA PRO G 200 8.78 42.73 -22.57
C PRO G 200 8.84 41.21 -22.45
N ASN G 201 9.80 40.66 -21.71
CA ASN G 201 9.84 39.22 -21.47
C ASN G 201 9.06 38.80 -20.23
N GLY G 202 8.29 39.71 -19.65
CA GLY G 202 7.46 39.38 -18.50
C GLY G 202 8.10 39.60 -17.15
N ARG G 203 9.38 39.98 -17.11
CA ARG G 203 10.01 40.23 -15.82
C ARG G 203 9.49 41.54 -15.25
N VAL G 204 9.31 41.56 -13.92
CA VAL G 204 8.72 42.69 -13.22
C VAL G 204 9.73 43.20 -12.20
N ALA G 205 9.93 44.50 -12.19
CA ALA G 205 10.80 45.16 -11.22
C ALA G 205 9.99 46.20 -10.46
N LEU G 206 10.12 46.20 -9.13
CA LEU G 206 9.56 47.26 -8.30
C LEU G 206 10.65 48.31 -8.12
N ARG G 207 10.56 49.39 -8.90
CA ARG G 207 11.59 50.42 -8.87
CA ARG G 207 11.58 50.43 -8.87
C ARG G 207 11.47 51.32 -7.64
N THR G 208 10.25 51.53 -7.13
CA THR G 208 10.06 52.32 -5.93
C THR G 208 8.67 52.05 -5.37
N LEU G 209 8.55 52.16 -4.04
CA LEU G 209 7.30 51.97 -3.33
C LEU G 209 7.09 53.11 -2.34
N GLY G 210 5.92 53.75 -2.42
CA GLY G 210 5.55 54.76 -1.44
C GLY G 210 6.44 55.97 -1.47
N ASP G 211 7.00 56.30 -2.63
CA ASP G 211 7.90 57.43 -2.75
C ASP G 211 7.16 58.73 -2.47
N THR G 212 7.56 59.43 -1.41
CA THR G 212 7.09 60.77 -1.09
C THR G 212 8.25 61.70 -0.77
N GLY G 213 9.44 61.37 -1.29
CA GLY G 213 10.62 62.20 -1.04
C GLY G 213 10.50 63.61 -1.60
N PHE G 214 9.53 63.83 -2.49
CA PHE G 214 9.31 65.13 -3.11
C PHE G 214 8.41 66.04 -2.29
N MET G 215 7.85 65.54 -1.15
CA MET G 215 7.01 66.37 -0.30
C MET G 215 7.79 66.83 0.94
N PRO G 216 7.52 68.03 1.45
CA PRO G 216 8.11 68.42 2.73
C PRO G 216 7.71 67.46 3.83
N PRO G 217 8.66 67.02 4.67
CA PRO G 217 8.33 65.98 5.66
C PRO G 217 7.08 66.28 6.47
N ASP G 218 6.87 67.55 6.82
CA ASP G 218 5.71 67.98 7.61
C ASP G 218 4.40 67.88 6.86
N LYS G 219 4.41 67.53 5.57
CA LYS G 219 3.21 67.42 4.75
C LYS G 219 2.93 65.98 4.35
N ILE G 220 3.61 65.01 4.95
CA ILE G 220 3.48 63.59 4.60
C ILE G 220 2.55 62.91 5.58
N THR G 221 1.55 62.19 5.06
CA THR G 221 0.62 61.43 5.88
C THR G 221 0.34 60.05 5.30
N ARG G 222 -0.16 59.17 6.17
CA ARG G 222 -0.70 57.88 5.80
C ARG G 222 -2.20 57.77 6.06
N SER G 223 -2.80 58.77 6.70
CA SER G 223 -4.20 58.72 7.06
C SER G 223 -4.85 60.09 6.94
N HIS H 25 0.81 -36.40 38.36
CA HIS H 25 1.51 -36.01 37.14
C HIS H 25 2.78 -35.22 37.48
N TYR H 26 3.90 -35.93 37.59
CA TYR H 26 5.11 -35.36 38.13
C TYR H 26 5.78 -34.42 37.14
N LYS H 27 6.91 -33.87 37.57
CA LYS H 27 7.83 -33.11 36.74
C LYS H 27 9.07 -33.96 36.48
N ALA H 28 10.13 -33.32 35.96
CA ALA H 28 11.40 -33.99 35.72
C ALA H 28 12.37 -33.62 36.83
N LYS H 29 13.16 -34.60 37.27
CA LYS H 29 14.04 -34.42 38.42
C LYS H 29 15.46 -34.93 38.17
N ALA H 30 15.59 -35.92 37.30
CA ALA H 30 16.89 -36.55 37.06
C ALA H 30 17.63 -35.87 35.91
N THR H 31 18.95 -36.03 35.92
CA THR H 31 19.81 -35.59 34.83
C THR H 31 20.26 -36.82 34.05
N ARG H 32 20.32 -36.69 32.74
CA ARG H 32 20.76 -37.78 31.86
C ARG H 32 22.17 -37.48 31.37
N HIS H 33 23.08 -38.42 31.61
CA HIS H 33 24.42 -38.36 31.04
C HIS H 33 24.49 -39.35 29.88
N ILE H 34 24.68 -38.84 28.67
CA ILE H 34 24.68 -39.63 27.45
C ILE H 34 26.10 -39.69 26.91
N PHE H 35 26.64 -40.90 26.81
CA PHE H 35 27.98 -41.14 26.27
C PHE H 35 27.83 -41.74 24.86
N LEU H 36 28.04 -40.91 23.84
CA LEU H 36 27.95 -41.32 22.45
C LEU H 36 29.32 -41.81 21.98
N ILE H 37 29.38 -43.08 21.56
CA ILE H 37 30.63 -43.70 21.17
C ILE H 37 30.58 -43.99 19.68
N ARG H 38 31.63 -43.57 18.97
CA ARG H 38 31.76 -43.92 17.56
C ARG H 38 32.33 -45.33 17.47
N ALA H 39 31.78 -46.11 16.54
CA ALA H 39 32.30 -47.45 16.32
C ALA H 39 33.79 -47.39 16.00
N SER H 40 34.51 -48.44 16.39
CA SER H 40 35.94 -48.48 16.17
C SER H 40 36.24 -48.71 14.69
N GLN H 41 37.53 -48.68 14.36
CA GLN H 41 37.97 -48.82 12.97
C GLN H 41 37.53 -50.17 12.42
N TYR H 42 37.16 -50.17 11.14
CA TYR H 42 36.62 -51.35 10.49
C TYR H 42 37.16 -51.45 9.07
N HIS H 43 36.96 -52.62 8.48
CA HIS H 43 37.45 -52.91 7.12
C HIS H 43 36.43 -52.47 6.08
N ARG H 52 31.74 -55.92 6.85
CA ARG H 52 32.43 -54.72 7.32
C ARG H 52 32.63 -54.79 8.83
N THR H 53 33.65 -55.53 9.24
CA THR H 53 33.94 -55.80 10.64
C THR H 53 35.15 -55.00 11.10
N LEU H 54 35.36 -55.01 12.42
CA LEU H 54 36.47 -54.27 13.01
C LEU H 54 37.80 -54.81 12.52
N THR H 55 38.75 -53.90 12.29
CA THR H 55 40.12 -54.30 12.08
C THR H 55 40.70 -54.71 13.42
N PRO H 56 41.85 -55.38 13.43
CA PRO H 56 42.49 -55.64 14.73
C PRO H 56 42.72 -54.37 15.52
N LEU H 57 43.16 -53.31 14.84
CA LEU H 57 43.29 -52.01 15.49
C LEU H 57 41.95 -51.54 16.05
N GLY H 58 40.87 -51.74 15.30
CA GLY H 58 39.55 -51.38 15.80
C GLY H 58 39.21 -52.08 17.10
N ARG H 59 39.52 -53.37 17.19
CA ARG H 59 39.26 -54.11 18.42
C ARG H 59 40.07 -53.53 19.57
N GLU H 60 41.33 -53.18 19.30
CA GLU H 60 42.15 -52.56 20.34
C GLU H 60 41.56 -51.24 20.80
N GLN H 61 41.08 -50.42 19.84
CA GLN H 61 40.47 -49.15 20.18
C GLN H 61 39.25 -49.34 21.07
N ALA H 62 38.37 -50.28 20.71
CA ALA H 62 37.19 -50.56 21.51
C ALA H 62 37.58 -51.05 22.89
N GLU H 63 38.63 -51.86 22.97
CA GLU H 63 39.13 -52.31 24.27
C GLU H 63 39.55 -51.13 25.14
N LEU H 64 40.28 -50.18 24.57
CA LEU H 64 40.69 -49.00 25.34
C LEU H 64 39.49 -48.19 25.80
N THR H 65 38.50 -48.01 24.91
CA THR H 65 37.31 -47.25 25.28
C THR H 65 36.57 -47.93 26.43
N GLY H 66 36.45 -49.25 26.39
CA GLY H 66 35.82 -49.97 27.48
C GLY H 66 36.58 -49.83 28.78
N LEU H 67 37.91 -49.96 28.72
CA LEU H 67 38.73 -49.76 29.91
C LEU H 67 38.45 -48.39 30.53
N ARG H 68 38.42 -47.35 29.68
CA ARG H 68 38.18 -45.99 30.16
C ARG H 68 36.81 -45.85 30.81
N LEU H 69 35.76 -46.29 30.10
CA LEU H 69 34.41 -46.20 30.63
C LEU H 69 34.30 -46.91 31.96
N ALA H 70 34.92 -48.09 32.09
CA ALA H 70 34.89 -48.81 33.35
C ALA H 70 35.69 -48.10 34.43
N SER H 71 36.72 -47.34 34.05
CA SER H 71 37.53 -46.66 35.05
C SER H 71 36.92 -45.34 35.50
N LEU H 72 35.81 -44.91 34.92
CA LEU H 72 35.22 -43.66 35.38
C LEU H 72 34.53 -43.78 36.73
N GLY H 73 34.34 -44.99 37.24
CA GLY H 73 33.66 -45.13 38.52
C GLY H 73 32.18 -44.86 38.45
N LEU H 74 31.54 -45.20 37.33
CA LEU H 74 30.12 -44.99 37.11
C LEU H 74 29.36 -46.31 37.04
N LYS H 75 28.09 -46.27 37.45
CA LYS H 75 27.17 -47.39 37.30
C LYS H 75 26.31 -47.08 36.07
N PHE H 76 26.65 -47.67 34.93
CA PHE H 76 25.92 -47.42 33.69
C PHE H 76 24.60 -48.17 33.67
N ASN H 77 23.56 -47.49 33.17
CA ASN H 77 22.21 -48.04 33.12
C ASN H 77 21.97 -48.91 31.88
N LYS H 78 22.32 -48.41 30.69
CA LYS H 78 22.01 -49.10 29.44
C LYS H 78 23.17 -48.91 28.48
N ILE H 79 23.32 -49.88 27.57
CA ILE H 79 24.15 -49.73 26.37
C ILE H 79 23.21 -49.88 25.20
N VAL H 80 22.85 -48.76 24.59
CA VAL H 80 22.07 -48.74 23.36
C VAL H 80 23.05 -48.65 22.21
N HIS H 81 22.89 -49.52 21.21
CA HIS H 81 23.84 -49.56 20.11
C HIS H 81 23.13 -49.71 18.78
N SER H 82 23.72 -49.10 17.75
CA SER H 82 23.30 -49.34 16.39
C SER H 82 23.35 -50.82 16.07
N SER H 83 22.52 -51.24 15.12
CA SER H 83 22.48 -52.64 14.71
C SER H 83 23.49 -52.95 13.61
N MET H 84 24.37 -52.01 13.28
CA MET H 84 25.41 -52.27 12.31
C MET H 84 26.48 -53.19 12.89
N THR H 85 27.07 -54.01 12.02
CA THR H 85 28.04 -55.00 12.45
C THR H 85 29.14 -54.37 13.31
N ARG H 86 29.77 -53.32 12.80
CA ARG H 86 30.89 -52.72 13.53
C ARG H 86 30.45 -52.16 14.88
N ALA H 87 29.23 -51.62 14.96
CA ALA H 87 28.74 -51.16 16.25
C ALA H 87 28.52 -52.31 17.20
N ILE H 88 28.02 -53.44 16.69
CA ILE H 88 27.83 -54.62 17.54
C ILE H 88 29.17 -55.14 18.04
N GLU H 89 30.21 -55.08 17.20
CA GLU H 89 31.52 -55.56 17.64
C GLU H 89 32.10 -54.64 18.71
N THR H 90 32.01 -53.33 18.49
CA THR H 90 32.41 -52.36 19.52
C THR H 90 31.65 -52.59 20.82
N THR H 91 30.35 -52.88 20.72
CA THR H 91 29.56 -53.13 21.91
C THR H 91 29.99 -54.41 22.61
N ASP H 92 30.25 -55.46 21.84
CA ASP H 92 30.69 -56.71 22.45
C ASP H 92 31.97 -56.51 23.24
N ILE H 93 32.95 -55.81 22.65
CA ILE H 93 34.21 -55.60 23.35
C ILE H 93 33.99 -54.74 24.60
N ILE H 94 33.29 -53.60 24.45
CA ILE H 94 33.12 -52.66 25.56
C ILE H 94 32.33 -53.28 26.71
N SER H 95 31.27 -54.04 26.39
CA SER H 95 30.39 -54.58 27.42
C SER H 95 31.09 -55.56 28.36
N ARG H 96 32.16 -56.21 27.89
CA ARG H 96 32.90 -57.13 28.76
C ARG H 96 33.44 -56.41 29.99
N HIS H 97 33.76 -55.11 29.86
CA HIS H 97 34.27 -54.34 30.99
C HIS H 97 33.17 -53.80 31.90
N LEU H 98 31.91 -53.88 31.47
CA LEU H 98 30.77 -53.35 32.22
C LEU H 98 29.79 -54.47 32.53
N PRO H 99 30.18 -55.44 33.35
CA PRO H 99 29.27 -56.55 33.67
C PRO H 99 27.99 -56.06 34.33
N GLY H 100 26.88 -56.65 33.91
CA GLY H 100 25.58 -56.30 34.47
C GLY H 100 24.91 -55.09 33.86
N VAL H 101 25.43 -54.54 32.77
CA VAL H 101 24.82 -53.40 32.11
C VAL H 101 23.98 -53.89 30.94
N CYS H 102 22.69 -53.56 30.97
CA CYS H 102 21.78 -53.96 29.90
C CYS H 102 22.23 -53.44 28.55
N LYS H 103 22.12 -54.27 27.52
CA LYS H 103 22.43 -53.90 26.15
C LYS H 103 21.14 -53.87 25.33
N VAL H 104 21.05 -52.89 24.42
CA VAL H 104 19.84 -52.65 23.64
C VAL H 104 20.22 -52.30 22.20
N SER H 105 19.54 -52.92 21.25
CA SER H 105 19.76 -52.67 19.82
C SER H 105 18.67 -51.79 19.25
N THR H 106 19.05 -50.92 18.31
CA THR H 106 18.09 -50.12 17.56
C THR H 106 18.61 -49.93 16.13
N ASP H 107 17.69 -49.98 15.17
CA ASP H 107 18.01 -49.64 13.79
C ASP H 107 18.06 -48.14 13.55
N LEU H 108 17.49 -47.35 14.46
CA LEU H 108 17.48 -45.91 14.28
C LEU H 108 18.89 -45.32 14.26
N LEU H 109 19.83 -45.94 14.98
CA LEU H 109 21.17 -45.39 15.13
C LEU H 109 22.13 -45.87 14.06
N ARG H 110 21.67 -46.61 13.07
CA ARG H 110 22.55 -47.04 11.99
C ARG H 110 23.07 -45.82 11.22
N GLU H 111 24.26 -45.98 10.64
CA GLU H 111 24.90 -44.87 9.95
C GLU H 111 24.07 -44.44 8.74
N GLY H 112 24.19 -43.16 8.39
CA GLY H 112 23.47 -42.62 7.26
C GLY H 112 23.91 -41.20 7.00
N ALA H 113 23.22 -40.57 6.05
CA ALA H 113 23.48 -39.18 5.69
C ALA H 113 22.36 -38.31 6.25
N PRO H 114 22.60 -37.52 7.32
CA PRO H 114 21.47 -36.86 7.99
C PRO H 114 20.83 -35.78 7.12
N ILE H 115 21.61 -34.80 6.68
CA ILE H 115 21.17 -33.83 5.67
C ILE H 115 22.42 -33.31 4.97
N GLU H 116 22.19 -32.62 3.86
CA GLU H 116 23.28 -32.07 3.08
C GLU H 116 24.13 -31.11 3.90
N PRO H 117 25.43 -31.36 4.04
CA PRO H 117 26.27 -30.45 4.81
C PRO H 117 26.48 -29.12 4.12
N ASP H 118 26.67 -28.08 4.91
CA ASP H 118 27.08 -26.77 4.41
C ASP H 118 28.26 -26.31 5.23
N PRO H 119 29.43 -26.06 4.62
CA PRO H 119 29.69 -26.06 3.17
C PRO H 119 29.70 -27.46 2.58
N PRO H 120 29.35 -27.58 1.30
CA PRO H 120 29.34 -28.91 0.68
C PRO H 120 30.75 -29.43 0.46
N VAL H 121 30.89 -30.75 0.51
CA VAL H 121 32.15 -31.42 0.23
C VAL H 121 32.10 -31.95 -1.19
N SER H 122 33.18 -31.71 -1.96
CA SER H 122 33.19 -32.11 -3.36
C SER H 122 33.31 -33.62 -3.50
N HIS H 123 34.16 -34.24 -2.69
CA HIS H 123 34.47 -35.66 -2.82
C HIS H 123 33.39 -36.55 -2.22
N TRP H 124 32.19 -36.01 -1.99
CA TRP H 124 31.13 -36.78 -1.33
C TRP H 124 29.81 -36.06 -1.58
N LYS H 125 29.06 -36.53 -2.57
CA LYS H 125 27.80 -35.92 -2.98
C LYS H 125 26.72 -36.98 -3.04
N PRO H 126 26.26 -37.48 -1.89
CA PRO H 126 25.14 -38.43 -1.89
C PRO H 126 23.88 -37.85 -2.52
N GLU H 127 22.98 -38.75 -2.89
CA GLU H 127 21.79 -38.39 -3.64
C GLU H 127 20.74 -37.80 -2.71
N ALA H 128 19.93 -36.90 -3.25
CA ALA H 128 18.90 -36.25 -2.44
C ALA H 128 17.99 -37.28 -1.77
N VAL H 129 17.75 -38.41 -2.44
CA VAL H 129 16.92 -39.45 -1.84
C VAL H 129 17.56 -39.96 -0.55
N GLN H 130 18.89 -40.03 -0.51
CA GLN H 130 19.56 -40.50 0.70
C GLN H 130 19.34 -39.54 1.85
N TYR H 131 19.48 -38.24 1.61
CA TYR H 131 19.16 -37.28 2.65
C TYR H 131 17.70 -37.42 3.08
N TYR H 132 16.80 -37.54 2.11
CA TYR H 132 15.38 -37.64 2.40
C TYR H 132 15.06 -38.81 3.33
N GLU H 133 15.64 -39.98 3.08
CA GLU H 133 15.36 -41.17 3.91
C GLU H 133 16.17 -41.18 5.21
N ASP H 134 17.48 -41.00 5.10
CA ASP H 134 18.34 -41.09 6.27
C ASP H 134 18.08 -39.94 7.24
N GLY H 135 17.78 -38.75 6.74
CA GLY H 135 17.47 -37.66 7.64
C GLY H 135 16.28 -38.00 8.51
N ALA H 136 15.23 -38.54 7.91
CA ALA H 136 14.07 -38.95 8.69
C ALA H 136 14.47 -39.94 9.77
N ARG H 137 15.31 -40.92 9.42
CA ARG H 137 15.65 -41.96 10.41
C ARG H 137 16.57 -41.40 11.51
N ILE H 138 17.56 -40.60 11.13
CA ILE H 138 18.53 -40.06 12.08
C ILE H 138 17.84 -39.06 13.02
N GLU H 139 16.93 -38.25 12.47
CA GLU H 139 16.15 -37.33 13.29
C GLU H 139 15.23 -38.09 14.24
N ALA H 140 14.67 -39.21 13.77
CA ALA H 140 13.89 -40.05 14.68
C ALA H 140 14.74 -40.56 15.82
N ALA H 141 15.97 -40.97 15.54
CA ALA H 141 16.88 -41.39 16.60
C ALA H 141 17.10 -40.28 17.61
N PHE H 142 17.43 -39.08 17.12
CA PHE H 142 17.64 -37.94 18.00
C PHE H 142 16.44 -37.73 18.90
N ARG H 143 15.24 -37.74 18.33
CA ARG H 143 14.05 -37.44 19.11
C ARG H 143 13.75 -38.54 20.13
N ASN H 144 14.02 -39.80 19.77
CA ASN H 144 13.66 -40.88 20.68
C ASN H 144 14.63 -41.02 21.83
N TYR H 145 15.90 -40.65 21.64
CA TYR H 145 16.90 -40.89 22.68
C TYR H 145 17.43 -39.64 23.36
N ILE H 146 17.37 -38.48 22.73
CA ILE H 146 17.97 -37.26 23.26
C ILE H 146 16.87 -36.35 23.75
N HIS H 147 16.70 -36.27 25.07
CA HIS H 147 15.68 -35.46 25.72
C HIS H 147 15.95 -35.46 27.22
N ARG H 148 15.27 -34.56 27.92
CA ARG H 148 15.39 -34.50 29.36
C ARG H 148 14.74 -35.74 29.98
N ALA H 149 15.16 -36.05 31.20
CA ALA H 149 14.69 -37.26 31.87
C ALA H 149 13.16 -37.27 31.98
N ASP H 150 12.61 -38.48 31.87
CA ASP H 150 11.18 -38.71 32.12
C ASP H 150 10.83 -38.44 33.57
N ALA H 151 9.57 -38.06 33.80
CA ALA H 151 9.13 -37.77 35.16
C ALA H 151 9.24 -39.00 36.05
N ARG H 152 9.14 -40.20 35.47
CA ARG H 152 9.24 -41.43 36.24
C ARG H 152 10.67 -41.71 36.69
N GLN H 153 11.67 -41.15 36.01
CA GLN H 153 13.07 -41.41 36.34
C GLN H 153 13.45 -40.67 37.63
N GLU H 154 13.94 -41.43 38.61
CA GLU H 154 14.22 -40.92 39.95
C GLU H 154 15.68 -40.50 40.16
N GLU H 155 16.64 -41.19 39.54
CA GLU H 155 18.05 -40.93 39.78
C GLU H 155 18.75 -40.59 38.47
N ASP H 156 19.87 -39.87 38.60
CA ASP H 156 20.67 -39.53 37.43
C ASP H 156 21.06 -40.79 36.69
N SER H 157 20.96 -40.74 35.37
CA SER H 157 21.27 -41.90 34.53
C SER H 157 22.58 -41.69 33.78
N TYR H 158 23.28 -42.79 33.54
CA TYR H 158 24.49 -42.77 32.74
C TYR H 158 24.33 -43.84 31.66
N GLU H 159 24.21 -43.39 30.42
CA GLU H 159 23.79 -44.22 29.32
C GLU H 159 24.82 -44.15 28.20
N ILE H 160 25.09 -45.31 27.60
CA ILE H 160 26.08 -45.45 26.54
C ILE H 160 25.37 -45.73 25.23
N PHE H 161 25.66 -44.91 24.21
CA PHE H 161 25.09 -45.06 22.88
C PHE H 161 26.25 -45.29 21.90
N ILE H 162 26.39 -46.53 21.43
CA ILE H 162 27.44 -46.90 20.49
C ILE H 162 26.86 -46.86 19.08
N CYS H 163 27.29 -45.88 18.30
CA CYS H 163 26.87 -45.77 16.90
C CYS H 163 28.01 -45.25 16.03
N HIS H 164 27.78 -44.18 15.26
CA HIS H 164 28.64 -43.87 14.12
C HIS H 164 28.89 -42.36 14.03
N ALA H 165 29.86 -42.00 13.19
CA ALA H 165 30.35 -40.63 13.12
C ALA H 165 29.25 -39.64 12.73
N ASN H 166 28.62 -39.86 11.58
CA ASN H 166 27.61 -38.91 11.11
C ASN H 166 26.46 -38.80 12.09
N VAL H 167 26.01 -39.95 12.62
CA VAL H 167 24.91 -39.95 13.57
C VAL H 167 25.25 -39.10 14.79
N ILE H 168 26.41 -39.35 15.40
CA ILE H 168 26.77 -38.63 16.61
C ILE H 168 26.91 -37.14 16.33
N ARG H 169 27.55 -36.78 15.21
CA ARG H 169 27.73 -35.36 14.91
C ARG H 169 26.38 -34.66 14.67
N TYR H 170 25.47 -35.31 13.95
CA TYR H 170 24.15 -34.73 13.77
C TYR H 170 23.42 -34.59 15.10
N ILE H 171 23.47 -35.64 15.93
CA ILE H 171 22.83 -35.56 17.24
C ILE H 171 23.41 -34.41 18.04
N VAL H 172 24.72 -34.20 17.97
CA VAL H 172 25.34 -33.13 18.76
C VAL H 172 24.85 -31.78 18.28
N CYS H 173 24.84 -31.56 16.96
CA CYS H 173 24.35 -30.28 16.45
C CYS H 173 22.90 -30.06 16.86
N ARG H 174 22.07 -31.09 16.78
CA ARG H 174 20.65 -30.95 17.14
C ARG H 174 20.49 -30.70 18.64
N ALA H 175 21.23 -31.42 19.47
CA ALA H 175 21.09 -31.31 20.92
C ALA H 175 21.47 -29.92 21.41
N LEU H 176 22.47 -29.31 20.79
CA LEU H 176 22.87 -27.95 21.15
C LEU H 176 22.05 -26.91 20.41
N GLN H 177 21.09 -27.34 19.59
CA GLN H 177 20.27 -26.44 18.78
C GLN H 177 21.16 -25.55 17.92
N PHE H 178 22.24 -26.13 17.40
CA PHE H 178 23.06 -25.50 16.38
C PHE H 178 22.60 -25.97 15.01
N PRO H 179 22.85 -25.19 13.96
CA PRO H 179 22.33 -25.55 12.64
C PRO H 179 22.76 -26.95 12.25
N PRO H 180 21.81 -27.86 12.02
CA PRO H 180 22.19 -29.26 11.77
C PRO H 180 23.05 -29.41 10.53
N GLU H 181 22.90 -28.53 9.54
CA GLU H 181 23.75 -28.60 8.36
C GLU H 181 25.23 -28.47 8.68
N GLY H 182 25.59 -28.15 9.91
CA GLY H 182 26.98 -28.06 10.29
C GLY H 182 27.55 -29.33 10.90
N TRP H 183 26.85 -30.46 10.76
CA TRP H 183 27.34 -31.70 11.38
C TRP H 183 28.69 -32.10 10.81
N LEU H 184 28.98 -31.74 9.56
CA LEU H 184 30.24 -32.13 8.96
C LEU H 184 31.38 -31.17 9.33
N ARG H 185 31.08 -30.10 10.07
CA ARG H 185 32.11 -29.25 10.64
C ARG H 185 32.74 -29.86 11.88
N LEU H 186 32.22 -30.99 12.34
CA LEU H 186 32.78 -31.75 13.45
C LEU H 186 33.52 -32.96 12.91
N SER H 187 34.39 -33.53 13.75
CA SER H 187 35.18 -34.69 13.37
C SER H 187 35.36 -35.59 14.59
N LEU H 188 35.23 -36.89 14.38
CA LEU H 188 35.23 -37.86 15.46
C LEU H 188 36.18 -39.01 15.16
N ASN H 189 37.09 -39.28 16.09
CA ASN H 189 37.95 -40.45 16.00
C ASN H 189 37.16 -41.71 16.30
N ASN H 190 37.64 -42.83 15.78
CA ASN H 190 37.03 -44.12 16.07
C ASN H 190 37.15 -44.43 17.56
N GLY H 191 36.07 -44.92 18.16
CA GLY H 191 36.11 -45.25 19.58
C GLY H 191 36.11 -44.05 20.50
N SER H 192 35.94 -42.84 19.97
CA SER H 192 35.98 -41.64 20.79
C SER H 192 34.72 -41.53 21.63
N ILE H 193 34.82 -40.78 22.72
CA ILE H 193 33.72 -40.58 23.66
C ILE H 193 33.23 -39.14 23.53
N THR H 194 31.92 -38.98 23.33
CA THR H 194 31.29 -37.66 23.32
C THR H 194 30.28 -37.63 24.45
N HIS H 195 30.45 -36.69 25.38
CA HIS H 195 29.69 -36.66 26.61
C HIS H 195 28.68 -35.51 26.54
N LEU H 196 27.39 -35.85 26.51
CA LEU H 196 26.30 -34.91 26.57
C LEU H 196 25.64 -34.99 27.94
N VAL H 197 25.24 -33.84 28.47
CA VAL H 197 24.51 -33.77 29.72
C VAL H 197 23.19 -33.06 29.43
N ILE H 198 22.08 -33.71 29.76
CA ILE H 198 20.76 -33.11 29.61
C ILE H 198 20.16 -32.99 31.00
N ARG H 199 20.00 -31.75 31.47
CA ARG H 199 19.43 -31.47 32.78
C ARG H 199 17.91 -31.48 32.73
N PRO H 200 17.25 -31.73 33.87
CA PRO H 200 15.79 -31.89 33.87
C PRO H 200 15.01 -30.69 33.38
N ASN H 201 15.62 -29.50 33.32
CA ASN H 201 14.95 -28.33 32.76
C ASN H 201 15.16 -28.22 31.26
N GLY H 202 15.73 -29.25 30.63
CA GLY H 202 15.92 -29.26 29.20
C GLY H 202 17.22 -28.65 28.73
N ARG H 203 18.02 -28.10 29.62
CA ARG H 203 19.29 -27.51 29.21
C ARG H 203 20.29 -28.60 28.87
N VAL H 204 21.09 -28.35 27.85
CA VAL H 204 22.01 -29.33 27.30
C VAL H 204 23.42 -28.76 27.32
N ALA H 205 24.37 -29.55 27.82
CA ALA H 205 25.77 -29.19 27.85
C ALA H 205 26.59 -30.24 27.09
N LEU H 206 27.52 -29.78 26.26
CA LEU H 206 28.47 -30.67 25.60
C LEU H 206 29.74 -30.61 26.44
N ARG H 207 30.00 -31.66 27.23
CA ARG H 207 31.16 -31.66 28.10
C ARG H 207 32.42 -32.14 27.40
N THR H 208 32.29 -33.01 26.40
CA THR H 208 33.43 -33.43 25.61
C THR H 208 32.92 -33.96 24.28
N LEU H 209 33.72 -33.79 23.24
CA LEU H 209 33.40 -34.26 21.90
C LEU H 209 34.64 -34.95 21.33
N GLY H 210 34.48 -36.20 20.89
CA GLY H 210 35.57 -36.90 20.24
C GLY H 210 36.75 -37.20 21.12
N ASP H 211 36.52 -37.43 22.41
CA ASP H 211 37.60 -37.72 23.36
C ASP H 211 38.26 -39.08 23.05
N THR H 212 39.55 -39.04 22.73
CA THR H 212 40.37 -40.25 22.65
C THR H 212 41.70 -40.07 23.39
N GLY H 213 41.76 -39.18 24.37
CA GLY H 213 42.99 -38.96 25.11
C GLY H 213 43.46 -40.17 25.89
N PHE H 214 42.59 -41.14 26.10
CA PHE H 214 42.90 -42.37 26.84
C PHE H 214 43.52 -43.43 25.95
N MET H 215 43.66 -43.17 24.63
CA MET H 215 44.33 -44.01 23.66
C MET H 215 45.73 -43.48 23.37
N PRO H 216 46.71 -44.36 23.15
CA PRO H 216 48.02 -43.90 22.69
C PRO H 216 47.92 -43.18 21.36
N PRO H 217 48.59 -42.04 21.19
CA PRO H 217 48.44 -41.27 19.95
C PRO H 217 48.57 -42.11 18.69
N ASP H 218 49.47 -43.09 18.67
CA ASP H 218 49.70 -43.88 17.46
C ASP H 218 48.55 -44.82 17.12
N LYS H 219 47.55 -44.95 18.00
CA LYS H 219 46.42 -45.84 17.74
C LYS H 219 45.12 -45.09 17.52
N ILE H 220 45.19 -43.79 17.28
CA ILE H 220 44.01 -42.97 17.03
C ILE H 220 43.79 -42.89 15.54
N THR H 221 42.57 -43.24 15.11
CA THR H 221 42.21 -43.25 13.72
C THR H 221 40.89 -42.53 13.52
N ARG H 222 40.70 -42.04 12.31
CA ARG H 222 39.47 -41.45 11.84
C ARG H 222 38.83 -42.23 10.70
N SER H 223 39.50 -43.25 10.18
CA SER H 223 39.01 -44.01 9.06
C SER H 223 39.60 -45.40 9.06
N LYS I 27 26.69 7.13 42.61
CA LYS I 27 27.14 7.93 41.48
C LYS I 27 28.64 8.16 41.53
N ALA I 28 29.24 8.41 40.38
CA ALA I 28 30.66 8.72 40.32
C ALA I 28 30.90 10.15 40.80
N LYS I 29 32.17 10.47 41.07
CA LYS I 29 32.53 11.80 41.54
C LYS I 29 33.85 12.28 40.94
N ALA I 30 34.75 11.35 40.62
CA ALA I 30 36.07 11.75 40.15
C ALA I 30 36.08 11.90 38.63
N THR I 31 37.02 12.72 38.17
CA THR I 31 37.26 12.95 36.75
C THR I 31 38.53 12.24 36.31
N ARG I 32 38.52 11.68 35.10
CA ARG I 32 39.68 11.00 34.55
C ARG I 32 40.36 11.89 33.53
N HIS I 33 41.65 12.14 33.73
CA HIS I 33 42.49 12.84 32.77
C HIS I 33 43.39 11.82 32.07
N ILE I 34 43.21 11.64 30.78
CA ILE I 34 43.95 10.67 29.98
C ILE I 34 44.89 11.43 29.05
N PHE I 35 46.19 11.16 29.20
CA PHE I 35 47.21 11.78 28.37
C PHE I 35 47.71 10.72 27.39
N LEU I 36 47.25 10.81 26.14
CA LEU I 36 47.65 9.88 25.09
C LEU I 36 48.89 10.43 24.41
N ILE I 37 49.99 9.68 24.50
CA ILE I 37 51.27 10.11 23.99
C ILE I 37 51.63 9.22 22.80
N ARG I 38 51.97 9.84 21.68
CA ARG I 38 52.44 9.08 20.53
C ARG I 38 53.90 8.73 20.74
N ALA I 39 54.28 7.52 20.34
CA ALA I 39 55.67 7.10 20.40
C ALA I 39 56.55 8.08 19.62
N SER I 40 57.79 8.22 20.08
CA SER I 40 58.72 9.16 19.45
C SER I 40 59.20 8.62 18.11
N GLN I 41 60.04 9.40 17.44
CA GLN I 41 60.53 9.02 16.12
C GLN I 41 61.30 7.71 16.18
N TYR I 42 61.07 6.89 15.16
CA TYR I 42 61.56 5.52 15.13
C TYR I 42 61.98 5.14 13.72
N HIS I 43 62.68 4.00 13.63
CA HIS I 43 63.15 3.48 12.36
C HIS I 43 63.23 1.96 12.40
N THR I 53 62.68 0.84 16.58
CA THR I 53 63.33 1.49 17.71
C THR I 53 63.45 2.99 17.49
N LEU I 54 63.71 3.73 18.56
CA LEU I 54 63.80 5.17 18.48
C LEU I 54 65.04 5.61 17.72
N THR I 55 64.89 6.68 16.94
CA THR I 55 66.01 7.40 16.37
C THR I 55 66.64 8.24 17.48
N PRO I 56 67.85 8.75 17.26
CA PRO I 56 68.41 9.68 18.27
C PRO I 56 67.52 10.89 18.52
N LEU I 57 66.99 11.49 17.45
CA LEU I 57 66.03 12.57 17.63
C LEU I 57 64.82 12.09 18.41
N GLY I 58 64.34 10.88 18.12
CA GLY I 58 63.24 10.32 18.89
C GLY I 58 63.57 10.24 20.37
N ARG I 59 64.81 9.88 20.70
CA ARG I 59 65.22 9.84 22.09
C ARG I 59 65.11 11.21 22.73
N GLU I 60 65.56 12.25 22.01
CA GLU I 60 65.43 13.61 22.53
C GLU I 60 63.97 13.99 22.71
N GLN I 61 63.12 13.62 21.75
CA GLN I 61 61.70 13.92 21.85
C GLN I 61 61.08 13.29 23.09
N ALA I 62 61.38 12.01 23.33
CA ALA I 62 60.84 11.35 24.52
C ALA I 62 61.33 12.00 25.79
N GLU I 63 62.60 12.42 25.81
CA GLU I 63 63.12 13.14 26.98
C GLU I 63 62.36 14.44 27.21
N LEU I 64 62.08 15.18 26.12
CA LEU I 64 61.34 16.43 26.25
C LEU I 64 59.93 16.21 26.76
N THR I 65 59.25 15.19 26.22
CA THR I 65 57.90 14.89 26.67
C THR I 65 57.89 14.52 28.14
N GLY I 66 58.86 13.73 28.58
CA GLY I 66 58.95 13.39 30.00
C GLY I 66 59.18 14.61 30.86
N LEU I 67 60.09 15.49 30.45
CA LEU I 67 60.29 16.73 31.19
C LEU I 67 58.98 17.49 31.33
N ARG I 68 58.23 17.60 30.23
CA ARG I 68 56.98 18.35 30.26
C ARG I 68 55.98 17.75 31.24
N LEU I 69 55.76 16.43 31.13
CA LEU I 69 54.82 15.78 32.02
C LEU I 69 55.24 15.96 33.47
N ALA I 70 56.54 15.85 33.76
CA ALA I 70 57.01 16.02 35.13
C ALA I 70 56.84 17.46 35.60
N SER I 71 56.86 18.42 34.68
CA SER I 71 56.73 19.82 35.06
C SER I 71 55.28 20.26 35.17
N LEU I 72 54.32 19.40 34.83
CA LEU I 72 52.92 19.82 34.94
C LEU I 72 52.43 19.92 36.37
N GLY I 73 53.18 19.44 37.36
CA GLY I 73 52.71 19.49 38.73
C GLY I 73 51.59 18.53 39.03
N LEU I 74 51.59 17.36 38.40
CA LEU I 74 50.56 16.35 38.57
C LEU I 74 51.09 15.11 39.27
N LYS I 75 50.20 14.45 40.01
CA LYS I 75 50.47 13.15 40.61
C LYS I 75 49.84 12.10 39.70
N PHE I 76 50.65 11.52 38.81
CA PHE I 76 50.15 10.55 37.85
C PHE I 76 49.89 9.20 38.50
N ASN I 77 48.77 8.59 38.12
CA ASN I 77 48.36 7.31 38.69
C ASN I 77 49.07 6.14 38.03
N LYS I 78 49.07 6.08 36.70
CA LYS I 78 49.63 4.95 35.99
C LYS I 78 50.22 5.42 34.67
N ILE I 79 51.13 4.61 34.14
CA ILE I 79 51.60 4.73 32.77
C ILE I 79 51.22 3.43 32.08
N VAL I 80 50.15 3.45 31.29
CA VAL I 80 49.78 2.31 30.47
C VAL I 80 50.39 2.52 29.10
N HIS I 81 51.05 1.50 28.55
CA HIS I 81 51.74 1.68 27.29
C HIS I 81 51.52 0.47 26.39
N SER I 82 51.50 0.75 25.09
CA SER I 82 51.52 -0.30 24.08
C SER I 82 52.75 -1.17 24.28
N SER I 83 52.64 -2.43 23.83
CA SER I 83 53.73 -3.38 23.96
C SER I 83 54.68 -3.36 22.76
N MET I 84 54.51 -2.41 21.85
CA MET I 84 55.42 -2.28 20.72
C MET I 84 56.75 -1.69 21.17
N THR I 85 57.83 -2.11 20.50
CA THR I 85 59.17 -1.69 20.88
C THR I 85 59.26 -0.18 21.03
N ARG I 86 58.85 0.56 20.01
CA ARG I 86 59.00 2.00 20.07
C ARG I 86 58.21 2.60 21.23
N ALA I 87 57.04 2.02 21.52
CA ALA I 87 56.27 2.48 22.67
C ALA I 87 56.97 2.14 23.97
N ILE I 88 57.58 0.95 24.06
CA ILE I 88 58.31 0.56 25.27
C ILE I 88 59.50 1.51 25.48
N GLU I 89 60.14 1.90 24.40
CA GLU I 89 61.30 2.79 24.48
C GLU I 89 60.89 4.19 24.93
N THR I 90 59.84 4.74 24.31
CA THR I 90 59.31 6.01 24.75
C THR I 90 58.89 5.95 26.21
N THR I 91 58.30 4.83 26.63
CA THR I 91 57.85 4.68 28.01
C THR I 91 59.03 4.63 28.96
N ASP I 92 60.10 3.92 28.61
CA ASP I 92 61.27 3.91 29.48
C ASP I 92 61.77 5.32 29.69
N ILE I 93 61.97 6.05 28.59
CA ILE I 93 62.52 7.41 28.68
C ILE I 93 61.61 8.30 29.51
N ILE I 94 60.31 8.30 29.19
CA ILE I 94 59.37 9.16 29.91
C ILE I 94 59.28 8.76 31.37
N SER I 95 59.27 7.45 31.66
CA SER I 95 59.11 6.98 33.02
C SER I 95 60.28 7.42 33.89
N ARG I 96 61.45 7.60 33.28
CA ARG I 96 62.58 8.08 34.06
C ARG I 96 62.29 9.42 34.74
N HIS I 97 61.45 10.27 34.15
CA HIS I 97 61.09 11.55 34.75
C HIS I 97 59.97 11.45 35.76
N LEU I 98 59.29 10.31 35.84
CA LEU I 98 58.16 10.09 36.74
C LEU I 98 58.46 8.91 37.66
N PRO I 99 59.44 9.04 38.55
CA PRO I 99 59.80 7.90 39.40
C PRO I 99 58.65 7.50 40.31
N GLY I 100 58.47 6.20 40.46
CA GLY I 100 57.44 5.68 41.34
C GLY I 100 56.06 5.64 40.73
N VAL I 101 55.92 5.91 39.44
CA VAL I 101 54.63 5.79 38.77
C VAL I 101 54.60 4.42 38.09
N CYS I 102 53.61 3.62 38.48
CA CYS I 102 53.45 2.27 37.96
C CYS I 102 53.30 2.23 36.44
N LYS I 103 53.94 1.24 35.83
CA LYS I 103 53.86 0.99 34.39
C LYS I 103 53.13 -0.32 34.12
N VAL I 104 52.35 -0.33 33.04
CA VAL I 104 51.52 -1.45 32.65
C VAL I 104 51.65 -1.60 31.15
N SER I 105 51.81 -2.83 30.68
CA SER I 105 51.90 -3.10 29.25
C SER I 105 50.57 -3.65 28.74
N THR I 106 50.24 -3.32 27.49
CA THR I 106 49.06 -3.88 26.86
C THR I 106 49.37 -4.18 25.40
N ASP I 107 48.84 -5.32 24.94
CA ASP I 107 48.87 -5.64 23.52
C ASP I 107 47.73 -4.97 22.77
N LEU I 108 46.70 -4.52 23.48
CA LEU I 108 45.55 -3.91 22.85
C LEU I 108 45.91 -2.60 22.13
N LEU I 109 46.86 -1.86 22.67
CA LEU I 109 47.19 -0.52 22.18
C LEU I 109 48.23 -0.54 21.07
N ARG I 110 48.65 -1.71 20.61
CA ARG I 110 49.59 -1.78 19.51
C ARG I 110 49.02 -1.12 18.27
N GLU I 111 49.89 -0.60 17.42
CA GLU I 111 49.43 0.14 16.25
C GLU I 111 48.68 -0.79 15.30
N GLY I 112 47.75 -0.21 14.54
CA GLY I 112 46.99 -0.97 13.57
C GLY I 112 46.13 -0.06 12.72
N ALA I 113 45.32 -0.70 11.87
CA ALA I 113 44.38 -0.01 10.99
C ALA I 113 42.96 -0.16 11.55
N PRO I 114 42.36 0.87 12.15
CA PRO I 114 41.09 0.66 12.88
C PRO I 114 39.91 0.35 11.97
N ILE I 115 39.61 1.24 11.02
CA ILE I 115 38.63 0.98 9.97
C ILE I 115 39.05 1.82 8.76
N GLU I 116 38.46 1.51 7.61
CA GLU I 116 38.78 2.25 6.40
C GLU I 116 38.50 3.74 6.58
N PRO I 117 39.51 4.60 6.44
CA PRO I 117 39.27 6.03 6.60
C PRO I 117 38.48 6.61 5.44
N ASP I 118 37.73 7.66 5.74
CA ASP I 118 37.01 8.43 4.72
C ASP I 118 37.32 9.90 4.92
N PRO I 119 37.88 10.60 3.91
CA PRO I 119 38.12 10.13 2.54
C PRO I 119 39.29 9.16 2.45
N PRO I 120 39.30 8.28 1.45
CA PRO I 120 40.43 7.36 1.31
C PRO I 120 41.70 8.12 0.95
N VAL I 121 42.76 7.90 1.71
CA VAL I 121 44.05 8.47 1.38
C VAL I 121 44.74 7.57 0.36
N SER I 122 45.32 8.18 -0.67
CA SER I 122 45.68 7.45 -1.87
C SER I 122 46.90 6.56 -1.68
N HIS I 123 47.87 7.02 -0.89
CA HIS I 123 49.16 6.33 -0.82
C HIS I 123 49.17 5.16 0.16
N TRP I 124 48.03 4.81 0.75
CA TRP I 124 48.01 3.83 1.84
C TRP I 124 46.68 3.09 1.80
N LYS I 125 46.73 1.80 1.44
CA LYS I 125 45.52 0.98 1.31
C LYS I 125 45.82 -0.42 1.83
N PRO I 126 45.72 -0.63 3.14
CA PRO I 126 45.84 -1.98 3.68
C PRO I 126 44.67 -2.87 3.26
N GLU I 127 44.86 -4.17 3.43
CA GLU I 127 43.87 -5.14 3.00
C GLU I 127 42.73 -5.22 4.02
N ALA I 128 41.59 -5.75 3.55
CA ALA I 128 40.42 -5.87 4.40
C ALA I 128 40.73 -6.65 5.68
N VAL I 129 41.64 -7.61 5.60
CA VAL I 129 42.01 -8.41 6.77
C VAL I 129 42.56 -7.50 7.86
N GLN I 130 43.29 -6.46 7.47
CA GLN I 130 43.90 -5.59 8.46
C GLN I 130 42.83 -4.85 9.24
N TYR I 131 41.83 -4.30 8.55
CA TYR I 131 40.70 -3.70 9.26
C TYR I 131 39.98 -4.73 10.11
N TYR I 132 39.71 -5.91 9.54
CA TYR I 132 38.97 -6.95 10.26
C TYR I 132 39.65 -7.31 11.58
N GLU I 133 40.97 -7.50 11.56
CA GLU I 133 41.69 -7.87 12.77
C GLU I 133 41.92 -6.68 13.69
N ASP I 134 42.49 -5.59 13.17
CA ASP I 134 42.90 -4.48 14.01
C ASP I 134 41.72 -3.68 14.56
N GLY I 135 40.64 -3.53 13.80
CA GLY I 135 39.52 -2.78 14.31
C GLY I 135 38.98 -3.36 15.60
N ALA I 136 38.83 -4.69 15.64
CA ALA I 136 38.37 -5.34 16.86
C ALA I 136 39.29 -5.01 18.03
N ARG I 137 40.60 -5.06 17.81
CA ARG I 137 41.54 -4.83 18.92
C ARG I 137 41.57 -3.37 19.35
N ILE I 138 41.59 -2.43 18.40
CA ILE I 138 41.67 -1.02 18.78
C ILE I 138 40.37 -0.62 19.48
N GLU I 139 39.25 -1.18 19.01
CA GLU I 139 37.96 -0.94 19.65
C GLU I 139 37.93 -1.53 21.05
N ALA I 140 38.51 -2.72 21.24
CA ALA I 140 38.63 -3.30 22.57
C ALA I 140 39.45 -2.38 23.48
N ALA I 141 40.55 -1.84 22.95
CA ALA I 141 41.35 -0.90 23.73
C ALA I 141 40.52 0.31 24.15
N PHE I 142 39.78 0.89 23.19
CA PHE I 142 38.94 2.04 23.51
C PHE I 142 37.96 1.70 24.62
N ARG I 143 37.28 0.56 24.51
CA ARG I 143 36.24 0.23 25.49
C ARG I 143 36.84 -0.07 26.85
N ASN I 144 38.00 -0.72 26.90
CA ASN I 144 38.57 -1.10 28.17
C ASN I 144 39.24 0.07 28.88
N TYR I 145 39.75 1.05 28.13
CA TYR I 145 40.52 2.14 28.73
C TYR I 145 39.84 3.49 28.73
N ILE I 146 38.88 3.75 27.84
CA ILE I 146 38.22 5.05 27.74
C ILE I 146 36.80 4.91 28.29
N HIS I 147 36.57 5.46 29.48
CA HIS I 147 35.28 5.39 30.14
C HIS I 147 35.31 6.33 31.33
N ARG I 148 34.13 6.60 31.89
CA ARG I 148 34.06 7.43 33.08
C ARG I 148 34.66 6.68 34.28
N ALA I 149 35.10 7.45 35.26
CA ALA I 149 35.76 6.87 36.43
C ALA I 149 34.86 5.87 37.12
N ASP I 150 35.47 4.82 37.65
CA ASP I 150 34.72 3.88 38.49
C ASP I 150 34.24 4.63 39.73
N ALA I 151 33.09 4.22 40.26
CA ALA I 151 32.52 4.93 41.39
C ALA I 151 33.42 4.85 42.62
N ARG I 152 34.11 3.73 42.81
CA ARG I 152 34.99 3.60 43.96
C ARG I 152 36.07 4.66 43.94
N GLN I 153 36.66 4.93 42.77
CA GLN I 153 37.58 6.05 42.65
C GLN I 153 36.93 7.32 43.18
N GLU I 154 37.54 7.89 44.23
CA GLU I 154 37.04 9.07 44.90
C GLU I 154 37.72 10.34 44.42
N GLU I 155 38.97 10.25 44.00
CA GLU I 155 39.79 11.39 43.66
C GLU I 155 40.15 11.36 42.18
N ASP I 156 40.38 12.55 41.62
CA ASP I 156 40.75 12.66 40.22
C ASP I 156 42.03 11.89 39.93
N SER I 157 42.03 11.19 38.79
CA SER I 157 43.17 10.42 38.34
C SER I 157 43.82 11.12 37.14
N TYR I 158 45.13 10.96 37.02
CA TYR I 158 45.88 11.48 35.89
C TYR I 158 46.69 10.34 35.32
N GLU I 159 46.33 9.91 34.11
CA GLU I 159 46.81 8.66 33.56
C GLU I 159 47.46 8.91 32.21
N ILE I 160 48.61 8.25 31.99
CA ILE I 160 49.41 8.43 30.79
C ILE I 160 49.29 7.16 29.96
N PHE I 161 48.89 7.30 28.70
CA PHE I 161 48.77 6.19 27.76
C PHE I 161 49.71 6.44 26.59
N ILE I 162 50.81 5.68 26.55
CA ILE I 162 51.82 5.82 25.51
C ILE I 162 51.56 4.77 24.44
N CYS I 163 51.12 5.22 23.26
CA CYS I 163 50.92 4.29 22.14
C CYS I 163 51.25 4.94 20.80
N HIS I 164 50.32 4.94 19.84
CA HIS I 164 50.67 5.15 18.45
C HIS I 164 49.64 6.05 17.75
N ALA I 165 50.03 6.52 16.56
CA ALA I 165 49.27 7.55 15.85
C ALA I 165 47.86 7.09 15.52
N ASN I 166 47.73 5.98 14.78
CA ASN I 166 46.40 5.55 14.35
C ASN I 166 45.54 5.22 15.55
N VAL I 167 46.11 4.53 16.54
CA VAL I 167 45.36 4.16 17.74
C VAL I 167 44.84 5.40 18.45
N ILE I 168 45.71 6.38 18.68
CA ILE I 168 45.30 7.57 19.42
C ILE I 168 44.22 8.32 18.66
N ARG I 169 44.41 8.48 17.35
CA ARG I 169 43.43 9.24 16.57
C ARG I 169 42.07 8.55 16.58
N TYR I 170 42.05 7.22 16.44
CA TYR I 170 40.79 6.48 16.54
C TYR I 170 40.18 6.61 17.93
N ILE I 171 41.00 6.48 18.98
CA ILE I 171 40.53 6.65 20.35
C ILE I 171 39.83 7.99 20.49
N VAL I 172 40.43 9.04 19.92
CA VAL I 172 39.88 10.38 20.07
C VAL I 172 38.55 10.49 19.33
N CYS I 173 38.49 10.00 18.10
CA CYS I 173 37.22 10.09 17.36
C CYS I 173 36.12 9.34 18.10
N ARG I 174 36.41 8.16 18.62
CA ARG I 174 35.40 7.39 19.34
C ARG I 174 35.00 8.10 20.64
N ALA I 175 35.98 8.60 21.40
CA ALA I 175 35.69 9.23 22.68
C ALA I 175 34.79 10.45 22.51
N LEU I 176 34.98 11.19 21.43
CA LEU I 176 34.16 12.37 21.14
C LEU I 176 32.89 12.00 20.41
N GLN I 177 32.66 10.72 20.13
CA GLN I 177 31.48 10.27 19.40
C GLN I 177 31.38 10.98 18.05
N PHE I 178 32.53 11.20 17.44
CA PHE I 178 32.63 11.65 16.06
C PHE I 178 32.80 10.43 15.17
N PRO I 179 32.42 10.52 13.89
CA PRO I 179 32.46 9.34 13.03
C PRO I 179 33.87 8.75 12.99
N PRO I 180 34.04 7.49 13.39
CA PRO I 180 35.40 6.94 13.47
C PRO I 180 36.12 6.93 12.14
N GLU I 181 35.39 6.87 11.02
CA GLU I 181 36.03 6.87 9.71
C GLU I 181 36.85 8.12 9.48
N GLY I 182 36.73 9.13 10.34
CA GLY I 182 37.49 10.35 10.17
C GLY I 182 38.77 10.38 10.98
N TRP I 183 39.23 9.22 11.49
CA TRP I 183 40.43 9.24 12.31
C TRP I 183 41.64 9.76 11.55
N LEU I 184 41.65 9.60 10.23
CA LEU I 184 42.78 10.07 9.43
C LEU I 184 42.69 11.55 9.10
N ARG I 185 41.61 12.22 9.50
CA ARG I 185 41.52 13.67 9.45
C ARG I 185 42.29 14.35 10.57
N LEU I 186 42.81 13.58 11.51
CA LEU I 186 43.67 14.08 12.57
C LEU I 186 45.12 13.73 12.22
N SER I 187 46.04 14.46 12.86
CA SER I 187 47.47 14.27 12.63
C SER I 187 48.19 14.52 13.95
N LEU I 188 49.15 13.65 14.25
CA LEU I 188 49.84 13.68 15.54
C LEU I 188 51.35 13.62 15.34
N ASN I 189 52.06 14.57 15.95
CA ASN I 189 53.51 14.51 15.96
C ASN I 189 53.96 13.42 16.92
N ASN I 190 55.15 12.88 16.65
CA ASN I 190 55.75 11.91 17.56
C ASN I 190 56.06 12.55 18.90
N GLY I 191 55.78 11.82 19.98
CA GLY I 191 56.02 12.32 21.31
C GLY I 191 55.03 13.38 21.76
N SER I 192 54.00 13.64 20.97
CA SER I 192 53.02 14.66 21.27
C SER I 192 52.08 14.19 22.37
N ILE I 193 51.47 15.15 23.06
CA ILE I 193 50.56 14.89 24.17
C ILE I 193 49.15 15.28 23.73
N THR I 194 48.20 14.34 23.88
CA THR I 194 46.79 14.56 23.58
C THR I 194 46.01 14.38 24.88
N HIS I 195 45.27 15.41 25.28
CA HIS I 195 44.65 15.43 26.60
C HIS I 195 43.15 15.22 26.47
N LEU I 196 42.67 14.10 27.00
CA LEU I 196 41.26 13.77 27.09
C LEU I 196 40.78 13.94 28.52
N VAL I 197 39.59 14.51 28.69
CA VAL I 197 38.98 14.67 30.00
C VAL I 197 37.64 13.97 29.96
N ILE I 198 37.44 13.04 30.89
CA ILE I 198 36.19 12.29 31.03
C ILE I 198 35.60 12.64 32.39
N ARG I 199 34.47 13.33 32.37
CA ARG I 199 33.77 13.74 33.58
C ARG I 199 32.95 12.57 34.14
N PRO I 200 32.67 12.60 35.45
CA PRO I 200 31.98 11.46 36.07
C PRO I 200 30.60 11.16 35.48
N ASN I 201 29.98 12.09 34.75
CA ASN I 201 28.69 11.86 34.10
C ASN I 201 28.85 11.34 32.68
N GLY I 202 30.07 11.04 32.27
CA GLY I 202 30.33 10.43 30.97
C GLY I 202 30.60 11.42 29.86
N ARG I 203 30.49 12.71 30.11
CA ARG I 203 30.80 13.71 29.10
C ARG I 203 32.30 13.79 28.88
N VAL I 204 32.70 13.96 27.62
CA VAL I 204 34.11 13.92 27.19
C VAL I 204 34.46 15.23 26.51
N ALA I 205 35.55 15.83 26.95
CA ALA I 205 36.10 17.03 26.34
C ALA I 205 37.54 16.75 25.92
N LEU I 206 37.90 17.20 24.73
CA LEU I 206 39.28 17.12 24.25
C LEU I 206 39.93 18.46 24.55
N ARG I 207 40.90 18.48 25.48
CA ARG I 207 41.53 19.72 25.89
C ARG I 207 42.74 20.09 25.03
N THR I 208 43.42 19.09 24.46
CA THR I 208 44.55 19.35 23.58
C THR I 208 44.75 18.11 22.72
N LEU I 209 45.21 18.32 21.50
CA LEU I 209 45.49 17.22 20.58
C LEU I 209 46.82 17.48 19.88
N GLY I 210 47.74 16.53 19.98
CA GLY I 210 49.01 16.64 19.28
C GLY I 210 49.87 17.77 19.79
N ASP I 211 49.78 18.09 21.08
CA ASP I 211 50.55 19.18 21.66
C ASP I 211 52.04 18.85 21.62
N THR I 212 52.80 19.66 20.89
CA THR I 212 54.26 19.61 20.89
C THR I 212 54.88 20.99 21.09
N GLY I 213 54.15 21.93 21.69
CA GLY I 213 54.67 23.26 21.92
C GLY I 213 55.87 23.28 22.85
N PHE I 214 56.09 22.20 23.58
CA PHE I 214 57.21 22.09 24.51
C PHE I 214 58.48 21.60 23.84
N MET I 215 58.42 21.23 22.56
CA MET I 215 59.59 20.83 21.81
C MET I 215 60.09 21.98 20.94
N PRO I 216 61.39 22.12 20.74
CA PRO I 216 61.89 23.08 19.78
C PRO I 216 61.40 22.75 18.38
N PRO I 217 60.94 23.74 17.61
CA PRO I 217 60.40 23.45 16.27
C PRO I 217 61.30 22.56 15.43
N ASP I 218 62.61 22.71 15.55
CA ASP I 218 63.54 21.93 14.75
C ASP I 218 63.53 20.45 15.13
N LYS I 219 62.85 20.08 16.21
CA LYS I 219 62.80 18.70 16.66
C LYS I 219 61.40 18.09 16.57
N ILE I 220 60.48 18.72 15.84
CA ILE I 220 59.13 18.20 15.70
C ILE I 220 59.04 17.38 14.41
N THR I 221 58.51 16.16 14.54
CA THR I 221 58.32 15.29 13.39
C THR I 221 56.94 14.66 13.46
N ARG I 222 56.47 14.22 12.30
CA ARG I 222 55.28 13.39 12.19
C ARG I 222 55.59 11.99 11.71
N SER I 223 56.82 11.74 11.27
CA SER I 223 57.26 10.43 10.84
C SER I 223 58.78 10.36 10.86
N ALA J 28 -25.88 13.58 -40.25
CA ALA J 28 -26.89 14.63 -40.15
C ALA J 28 -26.43 15.89 -40.90
N LYS J 29 -27.37 16.57 -41.57
CA LYS J 29 -27.04 17.74 -42.36
C LYS J 29 -27.92 18.91 -41.98
N ALA J 30 -29.17 18.63 -41.60
CA ALA J 30 -30.13 19.68 -41.30
C ALA J 30 -30.09 20.02 -39.81
N THR J 31 -30.57 21.23 -39.51
CA THR J 31 -30.68 21.71 -38.13
C THR J 31 -32.14 21.66 -37.70
N ARG J 32 -32.38 21.29 -36.43
CA ARG J 32 -33.72 21.22 -35.89
C ARG J 32 -34.02 22.42 -34.99
N HIS J 33 -35.11 23.12 -35.30
CA HIS J 33 -35.63 24.22 -34.49
C HIS J 33 -36.87 23.74 -33.73
N ILE J 34 -36.78 23.71 -32.41
CA ILE J 34 -37.80 23.13 -31.54
C ILE J 34 -38.45 24.25 -30.75
N PHE J 35 -39.76 24.42 -30.91
CA PHE J 35 -40.51 25.42 -30.15
C PHE J 35 -41.34 24.71 -29.09
N LEU J 36 -40.88 24.75 -27.85
CA LEU J 36 -41.59 24.17 -26.71
C LEU J 36 -42.52 25.23 -26.14
N ILE J 37 -43.82 24.96 -26.18
CA ILE J 37 -44.84 25.92 -25.78
C ILE J 37 -45.57 25.38 -24.56
N ARG J 38 -45.69 26.21 -23.53
CA ARG J 38 -46.45 25.81 -22.35
C ARG J 38 -47.94 26.02 -22.62
N ALA J 39 -48.76 25.07 -22.20
CA ALA J 39 -50.20 25.23 -22.34
C ALA J 39 -50.62 26.51 -21.62
N SER J 40 -51.67 27.13 -22.14
CA SER J 40 -52.14 28.40 -21.58
C SER J 40 -52.82 28.15 -20.23
N GLN J 41 -53.23 29.25 -19.59
CA GLN J 41 -53.87 29.17 -18.29
C GLN J 41 -55.15 28.36 -18.38
N TYR J 42 -55.43 27.59 -17.33
CA TYR J 42 -56.57 26.68 -17.33
C TYR J 42 -57.22 26.70 -15.96
N HIS J 43 -58.36 26.02 -15.86
CA HIS J 43 -59.12 25.96 -14.63
C HIS J 43 -58.50 24.91 -13.72
N ARG J 52 -58.87 20.21 -16.26
CA ARG J 52 -59.97 20.94 -16.90
C ARG J 52 -59.48 21.82 -18.06
N THR J 53 -60.41 22.53 -18.68
CA THR J 53 -60.17 23.27 -19.90
C THR J 53 -59.57 24.65 -19.62
N LEU J 54 -59.22 25.33 -20.70
CA LEU J 54 -58.62 26.66 -20.63
C LEU J 54 -59.59 27.66 -20.03
N THR J 55 -59.04 28.61 -19.29
CA THR J 55 -59.82 29.74 -18.83
C THR J 55 -60.04 30.66 -20.02
N PRO J 56 -60.94 31.65 -19.92
CA PRO J 56 -61.07 32.61 -21.02
C PRO J 56 -59.75 33.30 -21.33
N LEU J 57 -59.04 33.75 -20.30
CA LEU J 57 -57.72 34.33 -20.49
C LEU J 57 -56.77 33.33 -21.14
N GLY J 58 -56.84 32.06 -20.73
CA GLY J 58 -56.03 31.04 -21.36
C GLY J 58 -56.27 30.96 -22.86
N ARG J 59 -57.54 31.03 -23.28
CA ARG J 59 -57.84 31.01 -24.69
C ARG J 59 -57.22 32.21 -25.39
N GLU J 60 -57.29 33.38 -24.74
CA GLU J 60 -56.66 34.58 -25.30
C GLU J 60 -55.15 34.40 -25.45
N GLN J 61 -54.51 33.83 -24.43
CA GLN J 61 -53.07 33.59 -24.48
C GLN J 61 -52.70 32.67 -25.64
N ALA J 62 -53.44 31.58 -25.78
CA ALA J 62 -53.16 30.64 -26.87
C ALA J 62 -53.34 31.32 -28.23
N GLU J 63 -54.36 32.17 -28.35
CA GLU J 63 -54.56 32.93 -29.58
C GLU J 63 -53.36 33.84 -29.88
N LEU J 64 -52.87 34.55 -28.87
CA LEU J 64 -51.69 35.40 -29.09
C LEU J 64 -50.48 34.58 -29.51
N THR J 65 -50.27 33.43 -28.86
CA THR J 65 -49.12 32.60 -29.23
C THR J 65 -49.24 32.10 -30.67
N GLY J 66 -50.43 31.65 -31.07
CA GLY J 66 -50.63 31.22 -32.45
C GLY J 66 -50.38 32.34 -33.43
N LEU J 67 -50.87 33.54 -33.11
CA LEU J 67 -50.57 34.71 -33.94
C LEU J 67 -49.08 34.90 -34.10
N ARG J 68 -48.32 34.80 -33.01
CA ARG J 68 -46.88 35.02 -33.08
C ARG J 68 -46.22 33.99 -34.01
N LEU J 69 -46.52 32.70 -33.77
CA LEU J 69 -45.92 31.66 -34.59
C LEU J 69 -46.27 31.86 -36.06
N ALA J 70 -47.51 32.26 -36.35
CA ALA J 70 -47.88 32.49 -37.74
C ALA J 70 -47.16 33.70 -38.31
N SER J 71 -46.79 34.65 -37.46
CA SER J 71 -46.11 35.86 -37.92
C SER J 71 -44.61 35.67 -38.05
N LEU J 72 -44.06 34.53 -37.64
CA LEU J 72 -42.61 34.35 -37.78
C LEU J 72 -42.17 34.08 -39.21
N GLY J 73 -43.08 33.76 -40.13
CA GLY J 73 -42.67 33.45 -41.49
C GLY J 73 -41.96 32.13 -41.65
N LEU J 74 -42.32 31.14 -40.84
CA LEU J 74 -41.75 29.80 -40.91
C LEU J 74 -42.79 28.81 -41.39
N LYS J 75 -42.33 27.78 -42.10
CA LYS J 75 -43.17 26.66 -42.51
C LYS J 75 -42.92 25.53 -41.53
N PHE J 76 -43.82 25.38 -40.57
CA PHE J 76 -43.64 24.39 -39.50
C PHE J 76 -43.91 22.97 -40.00
N ASN J 77 -43.08 22.03 -39.52
CA ASN J 77 -43.20 20.63 -39.90
C ASN J 77 -44.31 19.90 -39.14
N LYS J 78 -44.29 20.00 -37.81
CA LYS J 78 -45.24 19.24 -37.00
C LYS J 78 -45.61 20.04 -35.76
N ILE J 79 -46.77 19.73 -35.20
CA ILE J 79 -47.18 20.15 -33.87
C ILE J 79 -47.38 18.90 -33.04
N VAL J 80 -46.41 18.59 -32.18
CA VAL J 80 -46.53 17.51 -31.21
C VAL J 80 -47.05 18.11 -29.91
N HIS J 81 -48.08 17.50 -29.33
CA HIS J 81 -48.69 18.06 -28.13
C HIS J 81 -48.99 16.95 -27.13
N SER J 82 -48.87 17.30 -25.85
CA SER J 82 -49.33 16.43 -24.78
C SER J 82 -50.81 16.12 -24.98
N SER J 83 -51.23 14.99 -24.44
CA SER J 83 -52.62 14.56 -24.53
C SER J 83 -53.45 15.10 -23.37
N MET J 84 -52.89 16.00 -22.56
CA MET J 84 -53.66 16.61 -21.49
C MET J 84 -54.67 17.59 -22.08
N THR J 85 -55.81 17.74 -21.41
CA THR J 85 -56.89 18.59 -21.90
C THR J 85 -56.36 19.97 -22.31
N ARG J 86 -55.66 20.64 -21.40
CA ARG J 86 -55.20 22.00 -21.68
C ARG J 86 -54.22 22.04 -22.83
N ALA J 87 -53.37 21.01 -22.98
CA ALA J 87 -52.45 20.98 -24.11
C ALA J 87 -53.20 20.80 -25.41
N ILE J 88 -54.23 19.96 -25.43
CA ILE J 88 -55.03 19.77 -26.63
C ILE J 88 -55.74 21.06 -27.00
N GLU J 89 -56.21 21.80 -25.99
CA GLU J 89 -56.94 23.04 -26.25
C GLU J 89 -56.03 24.12 -26.82
N THR J 90 -54.85 24.31 -26.19
CA THR J 90 -53.90 25.26 -26.73
C THR J 90 -53.47 24.85 -28.14
N THR J 91 -53.35 23.55 -28.38
CA THR J 91 -52.95 23.06 -29.69
C THR J 91 -54.01 23.37 -30.74
N ASP J 92 -55.28 23.14 -30.41
CA ASP J 92 -56.34 23.46 -31.37
C ASP J 92 -56.34 24.95 -31.69
N ILE J 93 -56.25 25.80 -30.67
CA ILE J 93 -56.26 27.25 -30.91
C ILE J 93 -55.09 27.65 -31.79
N ILE J 94 -53.88 27.23 -31.43
CA ILE J 94 -52.69 27.61 -32.20
C ILE J 94 -52.80 27.08 -33.62
N SER J 95 -53.37 25.88 -33.76
CA SER J 95 -53.45 25.21 -35.05
C SER J 95 -54.30 25.97 -36.05
N ARG J 96 -55.29 26.73 -35.58
CA ARG J 96 -56.10 27.50 -36.50
C ARG J 96 -55.23 28.51 -37.27
N HIS J 97 -54.16 29.00 -36.65
CA HIS J 97 -53.26 29.95 -37.30
C HIS J 97 -52.20 29.29 -38.15
N LEU J 98 -51.98 28.00 -37.98
CA LEU J 98 -51.00 27.26 -38.77
C LEU J 98 -51.71 26.07 -39.41
N PRO J 99 -52.78 26.33 -40.17
CA PRO J 99 -53.49 25.21 -40.81
C PRO J 99 -52.62 24.57 -41.86
N GLY J 100 -52.75 23.25 -41.97
CA GLY J 100 -51.91 22.47 -42.85
C GLY J 100 -50.62 22.02 -42.20
N VAL J 101 -50.48 22.24 -40.90
CA VAL J 101 -49.35 21.73 -40.12
C VAL J 101 -49.79 20.45 -39.44
N CYS J 102 -49.02 19.39 -39.64
CA CYS J 102 -49.35 18.08 -39.08
C CYS J 102 -49.51 18.17 -37.56
N LYS J 103 -50.51 17.47 -37.04
CA LYS J 103 -50.78 17.40 -35.61
C LYS J 103 -50.46 15.99 -35.11
N VAL J 104 -49.85 15.92 -33.92
CA VAL J 104 -49.47 14.64 -33.34
C VAL J 104 -49.71 14.70 -31.83
N SER J 105 -50.28 13.64 -31.27
CA SER J 105 -50.50 13.51 -29.84
C SER J 105 -49.46 12.58 -29.23
N THR J 106 -49.08 12.87 -27.98
CA THR J 106 -48.21 11.99 -27.23
C THR J 106 -48.61 11.98 -25.76
N ASP J 107 -48.56 10.80 -25.15
CA ASP J 107 -48.69 10.67 -23.71
C ASP J 107 -47.37 10.96 -23.01
N LEU J 108 -46.26 10.92 -23.74
CA LEU J 108 -44.94 11.17 -23.17
C LEU J 108 -44.81 12.60 -22.66
N LEU J 109 -45.47 13.56 -23.30
CA LEU J 109 -45.31 14.97 -22.97
C LEU J 109 -46.27 15.42 -21.88
N ARG J 110 -47.05 14.51 -21.33
CA ARG J 110 -47.98 14.86 -20.25
C ARG J 110 -47.20 15.34 -19.03
N GLU J 111 -47.84 16.20 -18.24
CA GLU J 111 -47.19 16.78 -17.08
C GLU J 111 -46.89 15.73 -16.02
N GLY J 112 -45.83 15.98 -15.26
CA GLY J 112 -45.43 15.10 -14.17
C GLY J 112 -44.28 15.74 -13.41
N ALA J 113 -43.76 14.99 -12.44
CA ALA J 113 -42.63 15.44 -11.64
C ALA J 113 -41.37 14.67 -12.04
N PRO J 114 -40.43 15.25 -12.79
CA PRO J 114 -39.29 14.48 -13.31
C PRO J 114 -38.25 14.09 -12.28
N ILE J 115 -37.79 15.02 -11.44
CA ILE J 115 -36.86 14.71 -10.35
C ILE J 115 -37.16 15.60 -9.16
N GLU J 116 -36.69 15.15 -8.00
CA GLU J 116 -36.73 15.98 -6.81
C GLU J 116 -35.85 17.18 -7.10
N PRO J 117 -36.38 18.40 -7.08
CA PRO J 117 -35.56 19.57 -7.40
C PRO J 117 -34.56 19.88 -6.31
N ASP J 118 -33.44 20.46 -6.74
CA ASP J 118 -32.43 20.99 -5.83
C ASP J 118 -32.13 22.42 -6.25
N PRO J 119 -32.36 23.42 -5.39
CA PRO J 119 -32.76 23.28 -3.97
C PRO J 119 -34.22 22.87 -3.78
N PRO J 120 -34.54 22.24 -2.63
CA PRO J 120 -35.91 21.85 -2.33
C PRO J 120 -36.86 23.03 -2.20
N PRO J 126 -44.11 15.61 -3.44
CA PRO J 126 -44.56 14.45 -4.22
C PRO J 126 -43.86 13.19 -3.75
N GLU J 127 -44.60 12.10 -3.57
CA GLU J 127 -43.99 10.88 -3.07
C GLU J 127 -42.93 10.37 -4.04
N ALA J 128 -42.05 9.51 -3.53
CA ALA J 128 -40.94 9.00 -4.34
C ALA J 128 -41.43 8.33 -5.61
N VAL J 129 -42.61 7.69 -5.56
CA VAL J 129 -43.10 6.97 -6.74
C VAL J 129 -43.33 7.90 -7.91
N GLN J 130 -43.79 9.12 -7.66
CA GLN J 130 -44.08 9.99 -8.79
C GLN J 130 -42.80 10.38 -9.50
N TYR J 131 -41.75 10.72 -8.75
CA TYR J 131 -40.47 10.92 -9.39
C TYR J 131 -40.07 9.68 -10.16
N TYR J 132 -40.23 8.51 -9.54
CA TYR J 132 -39.82 7.24 -10.15
C TYR J 132 -40.52 6.98 -11.49
N GLU J 133 -41.84 7.19 -11.53
CA GLU J 133 -42.65 6.92 -12.72
C GLU J 133 -42.52 8.03 -13.77
N ASP J 134 -42.82 9.26 -13.35
CA ASP J 134 -42.84 10.38 -14.28
C ASP J 134 -41.45 10.73 -14.78
N GLY J 135 -40.40 10.53 -13.97
CA GLY J 135 -39.06 10.77 -14.46
C GLY J 135 -38.73 9.89 -15.64
N ALA J 136 -39.03 8.59 -15.53
CA ALA J 136 -38.83 7.71 -16.68
C ALA J 136 -39.64 8.20 -17.86
N ARG J 137 -40.89 8.61 -17.64
CA ARG J 137 -41.71 8.99 -18.79
C ARG J 137 -41.19 10.27 -19.46
N ILE J 138 -40.88 11.29 -18.68
CA ILE J 138 -40.38 12.55 -19.24
C ILE J 138 -38.99 12.39 -19.83
N GLU J 139 -38.15 11.54 -19.23
CA GLU J 139 -36.85 11.27 -19.83
C GLU J 139 -37.02 10.60 -21.19
N ALA J 140 -38.01 9.70 -21.30
CA ALA J 140 -38.34 9.12 -22.59
C ALA J 140 -38.82 10.19 -23.57
N ALA J 141 -39.65 11.12 -23.09
CA ALA J 141 -40.10 12.21 -23.94
C ALA J 141 -38.90 12.99 -24.48
N PHE J 142 -37.99 13.35 -23.58
CA PHE J 142 -36.78 14.07 -23.95
C PHE J 142 -36.00 13.30 -25.01
N ARG J 143 -35.77 12.00 -24.78
CA ARG J 143 -34.93 11.24 -25.69
C ARG J 143 -35.58 11.06 -27.04
N ASN J 144 -36.90 10.91 -27.08
CA ASN J 144 -37.57 10.69 -28.36
C ASN J 144 -37.73 11.97 -29.16
N TYR J 145 -37.82 13.13 -28.51
CA TYR J 145 -38.10 14.36 -29.25
C TYR J 145 -36.95 15.35 -29.34
N ILE J 146 -35.98 15.30 -28.44
CA ILE J 146 -34.87 16.25 -28.43
C ILE J 146 -33.61 15.52 -28.89
N HIS J 147 -33.17 15.80 -30.12
CA HIS J 147 -32.00 15.16 -30.69
C HIS J 147 -31.67 15.86 -32.00
N ARG J 148 -30.49 15.57 -32.53
CA ARG J 148 -30.10 16.07 -33.84
C ARG J 148 -30.92 15.41 -34.96
N ALA J 149 -30.99 16.10 -36.08
CA ALA J 149 -31.77 15.63 -37.22
C ALA J 149 -31.33 14.26 -37.70
N ASP J 150 -32.30 13.48 -38.19
CA ASP J 150 -31.99 12.22 -38.84
C ASP J 150 -31.18 12.48 -40.11
N ALA J 151 -30.36 11.50 -40.49
CA ALA J 151 -29.49 11.68 -41.66
C ALA J 151 -30.31 11.86 -42.93
N ARG J 152 -31.49 11.25 -43.02
CA ARG J 152 -32.31 11.40 -44.21
C ARG J 152 -32.85 12.82 -44.35
N GLN J 153 -33.13 13.49 -43.22
CA GLN J 153 -33.68 14.84 -43.27
C GLN J 153 -32.73 15.75 -44.05
N GLU J 154 -33.24 16.34 -45.13
CA GLU J 154 -32.44 17.16 -46.03
C GLU J 154 -32.51 18.65 -45.73
N GLU J 155 -33.66 19.14 -45.28
CA GLU J 155 -33.86 20.56 -45.06
C GLU J 155 -34.17 20.81 -43.59
N ASP J 156 -33.84 22.01 -43.12
CA ASP J 156 -34.09 22.38 -41.74
C ASP J 156 -35.57 22.26 -41.41
N SER J 157 -35.84 21.70 -40.23
CA SER J 157 -37.20 21.50 -39.76
C SER J 157 -37.51 22.46 -38.62
N TYR J 158 -38.79 22.85 -38.53
CA TYR J 158 -39.27 23.72 -37.47
C TYR J 158 -40.49 23.08 -36.82
N GLU J 159 -40.36 22.66 -35.58
CA GLU J 159 -41.32 21.80 -34.91
C GLU J 159 -41.81 22.46 -33.63
N ILE J 160 -43.12 22.38 -33.40
CA ILE J 160 -43.78 23.01 -32.27
C ILE J 160 -44.21 21.91 -31.31
N PHE J 161 -43.79 22.02 -30.05
CA PHE J 161 -44.13 21.06 -29.01
C PHE J 161 -44.92 21.77 -27.92
N ILE J 162 -46.22 21.49 -27.87
CA ILE J 162 -47.13 22.13 -26.92
C ILE J 162 -47.29 21.18 -25.74
N CYS J 163 -46.71 21.55 -24.60
CA CYS J 163 -46.87 20.73 -23.40
C CYS J 163 -46.95 21.58 -22.13
N HIS J 164 -46.08 21.33 -21.15
CA HIS J 164 -46.32 21.77 -19.79
C HIS J 164 -45.03 22.28 -19.15
N ALA J 165 -45.20 22.97 -18.02
CA ALA J 165 -44.11 23.69 -17.38
C ALA J 165 -42.97 22.76 -16.98
N ASN J 166 -43.27 21.76 -16.15
CA ASN J 166 -42.22 20.90 -15.62
C ASN J 166 -41.51 20.16 -16.74
N VAL J 167 -42.28 19.63 -17.70
CA VAL J 167 -41.70 18.88 -18.80
C VAL J 167 -40.74 19.76 -19.58
N ILE J 168 -41.18 20.97 -19.95
CA ILE J 168 -40.33 21.84 -20.75
C ILE J 168 -39.06 22.21 -19.99
N ARG J 169 -39.19 22.56 -18.70
CA ARG J 169 -38.00 22.94 -17.94
C ARG J 169 -37.01 21.79 -17.83
N TYR J 170 -37.50 20.58 -17.58
CA TYR J 170 -36.62 19.42 -17.55
C TYR J 170 -35.98 19.19 -18.92
N ILE J 171 -36.76 19.32 -19.99
CA ILE J 171 -36.26 19.20 -21.35
C ILE J 171 -35.11 20.16 -21.57
N VAL J 172 -35.27 21.40 -21.11
CA VAL J 172 -34.23 22.40 -21.34
C VAL J 172 -32.98 22.05 -20.56
N CYS J 173 -33.12 21.67 -19.30
CA CYS J 173 -31.94 21.29 -18.53
C CYS J 173 -31.21 20.13 -19.19
N ARG J 174 -31.95 19.12 -19.66
CA ARG J 174 -31.31 17.97 -20.28
C ARG J 174 -30.63 18.35 -21.59
N ALA J 175 -31.31 19.13 -22.43
CA ALA J 175 -30.78 19.49 -23.74
C ALA J 175 -29.49 20.30 -23.62
N LEU J 176 -29.42 21.16 -22.61
CA LEU J 176 -28.21 21.95 -22.36
C LEU J 176 -27.20 21.20 -21.50
N GLN J 177 -27.51 19.97 -21.11
CA GLN J 177 -26.65 19.17 -20.24
C GLN J 177 -26.33 19.92 -18.95
N PHE J 178 -27.31 20.62 -18.43
CA PHE J 178 -27.24 21.21 -17.11
C PHE J 178 -27.87 20.28 -16.09
N PRO J 179 -27.50 20.38 -14.81
CA PRO J 179 -28.02 19.45 -13.81
C PRO J 179 -29.53 19.43 -13.80
N PRO J 180 -30.14 18.28 -14.09
CA PRO J 180 -31.61 18.25 -14.23
C PRO J 180 -32.34 18.63 -12.96
N GLU J 181 -31.75 18.40 -11.80
CA GLU J 181 -32.36 18.79 -10.54
C GLU J 181 -32.56 20.29 -10.43
N GLY J 182 -32.01 21.07 -11.36
CA GLY J 182 -32.20 22.49 -11.37
C GLY J 182 -33.34 22.92 -12.27
N TRP J 183 -34.20 21.97 -12.68
CA TRP J 183 -35.30 22.32 -13.56
C TRP J 183 -36.24 23.32 -12.89
N LEU J 184 -36.31 23.32 -11.56
CA LEU J 184 -37.17 24.25 -10.86
C LEU J 184 -36.51 25.61 -10.66
N ARG J 185 -35.26 25.79 -11.08
CA ARG J 185 -34.64 27.10 -11.11
C ARG J 185 -35.09 27.92 -12.31
N LEU J 186 -35.85 27.31 -13.21
CA LEU J 186 -36.45 27.99 -14.35
C LEU J 186 -37.93 28.22 -14.08
N SER J 187 -38.51 29.15 -14.83
CA SER J 187 -39.92 29.50 -14.70
C SER J 187 -40.46 29.90 -16.07
N LEU J 188 -41.67 29.42 -16.39
CA LEU J 188 -42.25 29.60 -17.72
C LEU J 188 -43.68 30.11 -17.62
N ASN J 189 -43.98 31.20 -18.32
CA ASN J 189 -45.33 31.72 -18.40
C ASN J 189 -46.22 30.85 -19.27
N ASN J 190 -47.53 30.95 -19.02
CA ASN J 190 -48.53 30.26 -19.83
C ASN J 190 -48.45 30.76 -21.26
N GLY J 191 -48.48 29.82 -22.21
CA GLY J 191 -48.42 30.18 -23.62
C GLY J 191 -47.07 30.64 -24.11
N SER J 192 -46.03 30.54 -23.28
CA SER J 192 -44.72 31.05 -23.64
C SER J 192 -44.04 30.15 -24.66
N ILE J 193 -43.07 30.73 -25.37
CA ILE J 193 -42.31 30.06 -26.42
C ILE J 193 -40.88 29.88 -25.94
N THR J 194 -40.39 28.64 -25.99
CA THR J 194 -39.01 28.31 -25.67
C THR J 194 -38.35 27.69 -26.90
N HIS J 195 -37.29 28.32 -27.40
CA HIS J 195 -36.68 27.97 -28.68
C HIS J 195 -35.36 27.26 -28.46
N LEU J 196 -35.32 25.98 -28.85
CA LEU J 196 -34.12 25.17 -28.82
C LEU J 196 -33.63 24.96 -30.25
N VAL J 197 -32.31 24.99 -30.44
CA VAL J 197 -31.69 24.71 -31.73
C VAL J 197 -30.71 23.56 -31.56
N ILE J 198 -30.88 22.52 -32.36
CA ILE J 198 -29.96 21.38 -32.37
C ILE J 198 -29.31 21.33 -33.74
N ARG J 199 -28.01 21.58 -33.77
CA ARG J 199 -27.21 21.55 -34.99
C ARG J 199 -26.88 20.11 -35.35
N PRO J 200 -26.63 19.83 -36.64
CA PRO J 200 -26.39 18.44 -37.05
C PRO J 200 -25.22 17.77 -36.36
N ASN J 201 -24.34 18.53 -35.72
CA ASN J 201 -23.25 17.95 -34.93
C ASN J 201 -23.66 17.69 -33.49
N GLY J 202 -24.94 17.85 -33.16
CA GLY J 202 -25.46 17.53 -31.84
C GLY J 202 -25.34 18.66 -30.84
N ARG J 203 -24.70 19.76 -31.19
CA ARG J 203 -24.58 20.87 -30.27
C ARG J 203 -25.92 21.60 -30.17
N VAL J 204 -26.23 22.08 -28.97
CA VAL J 204 -27.54 22.63 -28.67
C VAL J 204 -27.40 24.06 -28.18
N ALA J 205 -28.22 24.95 -28.72
CA ALA J 205 -28.29 26.34 -28.29
C ALA J 205 -29.69 26.64 -27.81
N LEU J 206 -29.81 27.29 -26.66
CA LEU J 206 -31.08 27.78 -26.15
C LEU J 206 -31.20 29.24 -26.53
N ARG J 207 -32.10 29.56 -27.45
CA ARG J 207 -32.19 30.92 -27.96
C ARG J 207 -33.17 31.78 -27.17
N THR J 208 -34.30 31.22 -26.71
CA THR J 208 -35.24 31.95 -25.87
C THR J 208 -35.90 30.97 -24.90
N LEU J 209 -36.22 31.48 -23.71
CA LEU J 209 -36.87 30.69 -22.67
C LEU J 209 -38.01 31.52 -22.08
N GLY J 210 -39.22 30.96 -22.10
CA GLY J 210 -40.36 31.61 -21.48
C GLY J 210 -40.76 32.90 -22.17
N ASP J 211 -40.54 32.98 -23.47
CA ASP J 211 -40.85 34.18 -24.24
C ASP J 211 -42.35 34.43 -24.27
N THR J 212 -42.78 35.56 -23.70
CA THR J 212 -44.15 36.04 -23.84
C THR J 212 -44.20 37.52 -24.22
N GLY J 213 -43.13 38.02 -24.87
CA GLY J 213 -43.09 39.42 -25.25
C GLY J 213 -44.16 39.82 -26.24
N PHE J 214 -44.79 38.84 -26.88
CA PHE J 214 -45.86 39.07 -27.85
C PHE J 214 -47.23 39.20 -27.19
N MET J 215 -47.31 39.01 -25.88
CA MET J 215 -48.56 39.19 -25.16
C MET J 215 -48.58 40.53 -24.47
N PRO J 216 -49.73 41.22 -24.39
CA PRO J 216 -49.81 42.40 -23.55
C PRO J 216 -49.52 42.04 -22.10
N PRO J 217 -48.69 42.82 -21.41
CA PRO J 217 -48.29 42.43 -20.05
C PRO J 217 -49.45 42.05 -19.15
N ASP J 218 -50.61 42.70 -19.30
CA ASP J 218 -51.75 42.44 -18.42
C ASP J 218 -52.37 41.07 -18.64
N LYS J 219 -51.95 40.33 -19.67
CA LYS J 219 -52.51 39.03 -19.96
C LYS J 219 -51.48 37.91 -19.78
N ILE J 220 -50.36 38.20 -19.13
CA ILE J 220 -49.32 37.21 -18.90
C ILE J 220 -49.56 36.59 -17.54
N THR J 221 -49.60 35.26 -17.49
CA THR J 221 -49.84 34.53 -16.26
C THR J 221 -48.82 33.41 -16.15
N ARG J 222 -48.63 32.95 -14.92
CA ARG J 222 -47.89 31.72 -14.68
C ARG J 222 -48.74 30.64 -14.02
N SER J 223 -49.99 30.95 -13.66
CA SER J 223 -50.90 29.99 -13.06
C SER J 223 -52.34 30.42 -13.26
N LYS K 27 -20.36 -30.76 -35.17
CA LYS K 27 -21.06 -29.64 -34.54
C LYS K 27 -22.55 -29.94 -34.44
N ALA K 28 -23.17 -29.46 -33.36
CA ALA K 28 -24.61 -29.63 -33.19
C ALA K 28 -25.35 -29.06 -34.39
N LYS K 29 -26.28 -29.85 -34.92
CA LYS K 29 -27.09 -29.45 -36.08
C LYS K 29 -28.57 -29.32 -35.77
N ALA K 30 -29.10 -30.17 -34.89
CA ALA K 30 -30.52 -30.21 -34.58
C ALA K 30 -30.87 -29.31 -33.40
N THR K 31 -32.14 -28.93 -33.35
CA THR K 31 -32.72 -28.18 -32.25
C THR K 31 -33.55 -29.12 -31.37
N ARG K 32 -33.48 -28.92 -30.07
CA ARG K 32 -34.22 -29.74 -29.12
C ARG K 32 -35.42 -28.98 -28.59
N HIS K 33 -36.60 -29.58 -28.72
CA HIS K 33 -37.82 -29.04 -28.15
C HIS K 33 -38.18 -29.86 -26.91
N ILE K 34 -38.15 -29.22 -25.75
CA ILE K 34 -38.39 -29.85 -24.46
C ILE K 34 -39.72 -29.36 -23.91
N PHE K 35 -40.65 -30.29 -23.70
CA PHE K 35 -41.98 -29.99 -23.17
C PHE K 35 -42.03 -30.48 -21.72
N LEU K 36 -41.92 -29.53 -20.79
CA LEU K 36 -41.95 -29.82 -19.37
C LEU K 36 -43.38 -29.77 -18.88
N ILE K 37 -43.90 -30.90 -18.40
CA ILE K 37 -45.28 -31.01 -17.93
C ILE K 37 -45.24 -31.22 -16.43
N ARG K 38 -45.99 -30.38 -15.71
CA ARG K 38 -46.13 -30.54 -14.28
C ARG K 38 -47.15 -31.62 -13.98
N ALA K 39 -46.86 -32.46 -12.99
CA ALA K 39 -47.80 -33.47 -12.56
C ALA K 39 -49.14 -32.83 -12.19
N SER K 40 -50.22 -33.58 -12.40
CA SER K 40 -51.56 -33.08 -12.16
C SER K 40 -51.87 -33.03 -10.65
N GLN K 41 -53.07 -32.52 -10.35
CA GLN K 41 -53.52 -32.40 -8.97
C GLN K 41 -53.57 -33.76 -8.30
N TYR K 42 -53.13 -33.82 -7.05
CA TYR K 42 -53.02 -35.08 -6.32
C TYR K 42 -53.34 -34.86 -4.86
N HIS K 43 -53.44 -35.98 -4.13
CA HIS K 43 -53.68 -35.96 -2.69
C HIS K 43 -52.37 -35.84 -1.93
N ARG K 52 -50.23 -40.86 -2.19
CA ARG K 52 -49.92 -39.56 -2.78
C ARG K 52 -50.34 -39.54 -4.24
N THR K 53 -51.55 -40.02 -4.52
CA THR K 53 -52.01 -40.28 -5.87
C THR K 53 -52.88 -39.13 -6.40
N LEU K 54 -53.15 -39.17 -7.70
CA LEU K 54 -53.93 -38.15 -8.37
C LEU K 54 -55.37 -38.10 -7.87
N THR K 55 -55.91 -36.89 -7.75
CA THR K 55 -57.35 -36.72 -7.55
C THR K 55 -58.06 -36.95 -8.87
N PRO K 56 -59.39 -37.12 -8.84
CA PRO K 56 -60.13 -37.23 -10.11
C PRO K 56 -59.94 -36.02 -11.01
N LEU K 57 -60.00 -34.81 -10.44
CA LEU K 57 -59.73 -33.61 -11.21
C LEU K 57 -58.33 -33.65 -11.83
N GLY K 58 -57.33 -34.08 -11.06
CA GLY K 58 -56.00 -34.25 -11.61
C GLY K 58 -55.97 -35.20 -12.79
N ARG K 59 -56.73 -36.29 -12.68
CA ARG K 59 -56.83 -37.26 -13.78
C ARG K 59 -57.39 -36.62 -15.04
N GLU K 60 -58.44 -35.82 -14.90
CA GLU K 60 -58.97 -35.11 -16.07
C GLU K 60 -57.93 -34.14 -16.63
N GLN K 61 -57.20 -33.44 -15.75
CA GLN K 61 -56.14 -32.55 -16.22
C GLN K 61 -55.13 -33.30 -17.06
N ALA K 62 -54.69 -34.46 -16.59
CA ALA K 62 -53.71 -35.24 -17.34
C ALA K 62 -54.28 -35.66 -18.68
N GLU K 63 -55.57 -36.02 -18.71
CA GLU K 63 -56.19 -36.40 -19.98
C GLU K 63 -56.18 -35.25 -20.97
N LEU K 64 -56.52 -34.05 -20.47
CA LEU K 64 -56.56 -32.87 -21.34
C LEU K 64 -55.17 -32.55 -21.88
N THR K 65 -54.15 -32.63 -21.02
CA THR K 65 -52.79 -32.36 -21.47
C THR K 65 -52.37 -33.35 -22.54
N GLY K 66 -52.71 -34.63 -22.35
CA GLY K 66 -52.41 -35.63 -23.36
C GLY K 66 -53.10 -35.33 -24.68
N LEU K 67 -54.39 -34.96 -24.63
CA LEU K 67 -55.10 -34.56 -25.84
C LEU K 67 -54.37 -33.43 -26.56
N ARG K 68 -53.95 -32.40 -25.81
CA ARG K 68 -53.28 -31.25 -26.41
C ARG K 68 -51.97 -31.68 -27.09
N LEU K 69 -51.14 -32.40 -26.34
CA LEU K 69 -49.86 -32.86 -26.87
C LEU K 69 -50.07 -33.69 -28.13
N ALA K 70 -51.09 -34.55 -28.12
CA ALA K 70 -51.37 -35.37 -29.30
C ALA K 70 -51.91 -34.53 -30.44
N SER K 71 -52.55 -33.40 -30.15
CA SER K 71 -53.11 -32.56 -31.20
C SER K 71 -52.08 -31.62 -31.80
N LEU K 72 -50.86 -31.59 -31.29
CA LEU K 72 -49.85 -30.69 -31.85
C LEU K 72 -49.30 -31.14 -33.20
N GLY K 73 -49.51 -32.39 -33.59
CA GLY K 73 -48.94 -32.82 -34.86
C GLY K 73 -47.43 -32.97 -34.82
N LEU K 74 -46.88 -33.34 -33.68
CA LEU K 74 -45.45 -33.52 -33.49
C LEU K 74 -45.12 -35.00 -33.33
N LYS K 75 -43.92 -35.37 -33.74
CA LYS K 75 -43.40 -36.72 -33.53
C LYS K 75 -42.51 -36.67 -32.29
N PHE K 76 -43.07 -37.05 -31.15
CA PHE K 76 -42.32 -37.02 -29.90
C PHE K 76 -41.35 -38.19 -29.86
N ASN K 77 -40.13 -37.91 -29.42
CA ASN K 77 -39.11 -38.95 -29.38
C ASN K 77 -39.23 -39.79 -28.11
N LYS K 78 -39.33 -39.12 -26.95
CA LYS K 78 -39.36 -39.82 -25.67
C LYS K 78 -40.25 -39.07 -24.69
N ILE K 79 -40.73 -39.79 -23.69
CA ILE K 79 -41.35 -39.22 -22.50
C ILE K 79 -40.50 -39.62 -21.30
N VAL K 80 -39.73 -38.68 -20.77
CA VAL K 80 -39.00 -38.89 -19.53
C VAL K 80 -39.86 -38.39 -18.39
N HIS K 81 -40.00 -39.17 -17.32
CA HIS K 81 -40.88 -38.79 -16.23
C HIS K 81 -40.22 -39.07 -14.89
N SER K 82 -40.54 -38.23 -13.92
CA SER K 82 -40.18 -38.49 -12.53
C SER K 82 -40.73 -39.83 -12.07
N SER K 83 -40.06 -40.43 -11.09
CA SER K 83 -40.46 -41.72 -10.54
C SER K 83 -41.45 -41.59 -9.39
N MET K 84 -41.95 -40.38 -9.11
CA MET K 84 -42.96 -40.20 -8.08
C MET K 84 -44.32 -40.69 -8.57
N THR K 85 -45.14 -41.15 -7.62
CA THR K 85 -46.44 -41.71 -7.96
C THR K 85 -47.24 -40.81 -8.89
N ARG K 86 -47.46 -39.55 -8.50
CA ARG K 86 -48.29 -38.69 -9.34
C ARG K 86 -47.65 -38.47 -10.70
N ALA K 87 -46.31 -38.42 -10.76
CA ALA K 87 -45.66 -38.25 -12.04
C ALA K 87 -45.85 -39.47 -12.92
N ILE K 88 -45.76 -40.66 -12.32
CA ILE K 88 -46.00 -41.89 -13.09
C ILE K 88 -47.43 -41.95 -13.58
N GLU K 89 -48.39 -41.50 -12.76
CA GLU K 89 -49.79 -41.55 -13.15
C GLU K 89 -50.09 -40.56 -14.27
N THR K 90 -49.59 -39.32 -14.14
CA THR K 90 -49.74 -38.36 -15.23
C THR K 90 -49.12 -38.91 -16.50
N THR K 91 -47.99 -39.62 -16.36
CA THR K 91 -47.32 -40.19 -17.52
C THR K 91 -48.18 -41.27 -18.16
N ASP K 92 -48.78 -42.16 -17.36
CA ASP K 92 -49.63 -43.20 -17.92
C ASP K 92 -50.79 -42.58 -18.70
N ILE K 93 -51.48 -41.64 -18.06
CA ILE K 93 -52.64 -41.01 -18.69
C ILE K 93 -52.23 -40.33 -19.99
N ILE K 94 -51.19 -39.49 -19.93
CA ILE K 94 -50.76 -38.77 -21.12
C ILE K 94 -50.30 -39.76 -22.18
N SER K 95 -49.65 -40.85 -21.76
CA SER K 95 -49.11 -41.84 -22.68
C SER K 95 -50.21 -42.50 -23.47
N ARG K 96 -51.42 -42.59 -22.89
CA ARG K 96 -52.52 -43.16 -23.66
C ARG K 96 -52.76 -42.39 -24.95
N HIS K 97 -52.52 -41.08 -24.95
CA HIS K 97 -52.72 -40.26 -26.14
C HIS K 97 -51.51 -40.24 -27.06
N LEU K 98 -50.35 -40.72 -26.60
CA LEU K 98 -49.13 -40.75 -27.40
C LEU K 98 -48.69 -42.21 -27.49
N PRO K 99 -49.51 -43.06 -28.09
CA PRO K 99 -49.18 -44.49 -28.13
C PRO K 99 -47.90 -44.73 -28.92
N GLY K 100 -47.08 -45.64 -28.41
CA GLY K 100 -45.85 -45.97 -29.07
C GLY K 100 -44.72 -45.01 -28.83
N VAL K 101 -44.87 -44.07 -27.90
CA VAL K 101 -43.80 -43.15 -27.54
C VAL K 101 -43.08 -43.72 -26.32
N CYS K 102 -41.78 -43.93 -26.47
CA CYS K 102 -40.99 -44.52 -25.40
C CYS K 102 -41.09 -43.69 -24.11
N LYS K 103 -41.25 -44.39 -22.99
CA LYS K 103 -41.28 -43.79 -21.67
C LYS K 103 -40.06 -44.21 -20.86
N VAL K 104 -39.53 -43.29 -20.07
CA VAL K 104 -38.33 -43.53 -19.28
C VAL K 104 -38.52 -42.87 -17.93
N SER K 105 -38.16 -43.59 -16.87
CA SER K 105 -38.28 -43.11 -15.50
C SER K 105 -36.94 -42.59 -15.00
N THR K 106 -37.00 -41.56 -14.15
CA THR K 106 -35.81 -41.02 -13.51
C THR K 106 -36.11 -40.61 -12.08
N ASP K 107 -35.15 -40.88 -11.20
CA ASP K 107 -35.19 -40.35 -9.84
C ASP K 107 -34.66 -38.92 -9.77
N LEU K 108 -33.95 -38.46 -10.81
CA LEU K 108 -33.39 -37.11 -10.81
C LEU K 108 -34.49 -36.06 -10.77
N LEU K 109 -35.63 -36.34 -11.40
CA LEU K 109 -36.69 -35.37 -11.57
C LEU K 109 -37.70 -35.38 -10.43
N ARG K 110 -37.47 -36.20 -9.40
CA ARG K 110 -38.37 -36.19 -8.26
C ARG K 110 -38.38 -34.81 -7.61
N GLU K 111 -39.50 -34.45 -7.02
CA GLU K 111 -39.65 -33.12 -6.44
C GLU K 111 -38.71 -32.93 -5.26
N GLY K 112 -38.32 -31.68 -5.04
CA GLY K 112 -37.45 -31.36 -3.93
C GLY K 112 -37.28 -29.87 -3.80
N ALA K 113 -36.38 -29.48 -2.88
CA ALA K 113 -36.07 -28.08 -2.64
C ALA K 113 -34.71 -27.73 -3.25
N PRO K 114 -34.66 -27.03 -4.39
CA PRO K 114 -33.38 -26.85 -5.09
C PRO K 114 -32.43 -25.90 -4.37
N ILE K 115 -32.93 -24.71 -4.03
CA ILE K 115 -32.17 -23.72 -3.28
C ILE K 115 -33.15 -22.90 -2.46
N GLU K 116 -32.62 -22.21 -1.46
CA GLU K 116 -33.44 -21.30 -0.68
C GLU K 116 -33.98 -20.21 -1.62
N PRO K 117 -35.28 -20.05 -1.76
CA PRO K 117 -35.80 -19.03 -2.65
C PRO K 117 -35.58 -17.63 -2.10
N ASP K 118 -35.41 -16.67 -3.01
CA ASP K 118 -35.34 -15.26 -2.68
C ASP K 118 -36.31 -14.55 -3.60
N PRO K 119 -37.32 -13.83 -3.07
CA PRO K 119 -37.51 -13.53 -1.66
C PRO K 119 -37.98 -14.71 -0.82
N PRO K 120 -37.67 -14.68 0.48
CA PRO K 120 -38.08 -15.79 1.36
C PRO K 120 -39.58 -15.92 1.47
N VAL K 121 -40.00 -17.10 1.90
CA VAL K 121 -41.39 -17.41 2.22
C VAL K 121 -41.43 -18.08 3.59
N SER K 122 -42.34 -17.64 4.44
CA SER K 122 -42.48 -18.21 5.78
C SER K 122 -43.43 -19.39 5.81
N HIS K 123 -44.25 -19.58 4.77
CA HIS K 123 -45.10 -20.77 4.69
C HIS K 123 -44.29 -22.04 4.44
N TRP K 124 -43.06 -21.90 3.97
CA TRP K 124 -42.27 -23.04 3.51
C TRP K 124 -40.82 -22.78 3.89
N LYS K 125 -40.33 -23.51 4.91
CA LYS K 125 -38.99 -23.31 5.45
C LYS K 125 -38.31 -24.65 5.65
N PRO K 126 -38.00 -25.35 4.56
CA PRO K 126 -37.24 -26.60 4.67
C PRO K 126 -35.85 -26.34 5.23
N GLU K 127 -35.27 -27.39 5.80
CA GLU K 127 -33.99 -27.26 6.50
C GLU K 127 -32.81 -27.50 5.56
N ALA K 128 -31.62 -27.15 6.05
CA ALA K 128 -30.46 -27.06 5.17
C ALA K 128 -30.09 -28.40 4.56
N VAL K 129 -30.31 -29.51 5.29
CA VAL K 129 -30.02 -30.81 4.71
C VAL K 129 -30.85 -31.01 3.45
N GLN K 130 -32.08 -30.49 3.44
CA GLN K 130 -32.95 -30.67 2.28
C GLN K 130 -32.43 -29.90 1.07
N TYR K 131 -32.02 -28.64 1.26
CA TYR K 131 -31.38 -27.91 0.17
C TYR K 131 -30.12 -28.63 -0.29
N TYR K 132 -29.31 -29.07 0.66
CA TYR K 132 -28.04 -29.74 0.37
C TYR K 132 -28.24 -30.96 -0.52
N GLU K 133 -29.24 -31.80 -0.21
CA GLU K 133 -29.47 -33.01 -1.00
C GLU K 133 -30.24 -32.72 -2.30
N ASP K 134 -31.39 -32.04 -2.18
CA ASP K 134 -32.26 -31.84 -3.33
C ASP K 134 -31.61 -30.94 -4.37
N GLY K 135 -30.85 -29.92 -3.93
CA GLY K 135 -30.17 -29.07 -4.88
C GLY K 135 -29.20 -29.87 -5.73
N ALA K 136 -28.38 -30.71 -5.09
CA ALA K 136 -27.47 -31.54 -5.85
C ALA K 136 -28.21 -32.40 -6.86
N ARG K 137 -29.32 -33.02 -6.45
CA ARG K 137 -30.03 -33.92 -7.34
C ARG K 137 -30.70 -33.17 -8.50
N ILE K 138 -31.37 -32.07 -8.20
CA ILE K 138 -32.05 -31.31 -9.26
C ILE K 138 -31.05 -30.64 -10.18
N GLU K 139 -29.92 -30.17 -9.67
CA GLU K 139 -28.89 -29.59 -10.53
C GLU K 139 -28.32 -30.65 -11.46
N ALA K 140 -28.11 -31.87 -10.94
CA ALA K 140 -27.70 -32.95 -11.82
C ALA K 140 -28.76 -33.22 -12.90
N ALA K 141 -30.03 -33.19 -12.51
CA ALA K 141 -31.10 -33.36 -13.50
C ALA K 141 -31.02 -32.31 -14.60
N PHE K 142 -30.90 -31.04 -14.20
CA PHE K 142 -30.79 -29.96 -15.18
C PHE K 142 -29.62 -30.20 -16.12
N ARG K 143 -28.45 -30.53 -15.56
CA ARG K 143 -27.26 -30.68 -16.40
C ARG K 143 -27.38 -31.87 -17.35
N ASN K 144 -28.01 -32.96 -16.89
CA ASN K 144 -28.09 -34.14 -17.73
C ASN K 144 -29.16 -34.03 -18.81
N TYR K 145 -30.23 -33.26 -18.57
CA TYR K 145 -31.34 -33.24 -19.53
C TYR K 145 -31.47 -31.95 -20.33
N ILE K 146 -30.95 -30.84 -19.84
CA ILE K 146 -31.08 -29.53 -20.50
C ILE K 146 -29.73 -29.16 -21.11
N HIS K 147 -29.64 -29.24 -22.44
CA HIS K 147 -28.43 -28.91 -23.17
C HIS K 147 -28.75 -28.92 -24.65
N ARG K 148 -27.82 -28.40 -25.45
CA ARG K 148 -28.00 -28.42 -26.89
C ARG K 148 -27.86 -29.85 -27.43
N ALA K 149 -28.48 -30.07 -28.59
CA ALA K 149 -28.44 -31.39 -29.21
C ALA K 149 -26.99 -31.80 -29.49
N ASP K 150 -26.72 -33.09 -29.36
CA ASP K 150 -25.44 -33.63 -29.78
C ASP K 150 -25.26 -33.51 -31.29
N ALA K 151 -24.00 -33.39 -31.72
CA ALA K 151 -23.71 -33.32 -33.15
C ALA K 151 -24.15 -34.59 -33.86
N ARG K 152 -24.23 -35.71 -33.13
CA ARG K 152 -24.74 -36.95 -33.69
C ARG K 152 -26.23 -36.85 -34.02
N GLN K 153 -26.98 -36.04 -33.29
CA GLN K 153 -28.42 -35.95 -33.50
C GLN K 153 -28.69 -35.38 -34.89
N GLU K 154 -29.44 -36.14 -35.69
CA GLU K 154 -29.62 -35.77 -37.09
C GLU K 154 -30.87 -34.92 -37.32
N GLU K 155 -31.94 -35.18 -36.59
CA GLU K 155 -33.19 -34.45 -36.75
C GLU K 155 -33.60 -33.85 -35.43
N ASP K 156 -34.39 -32.77 -35.52
CA ASP K 156 -34.90 -32.10 -34.32
C ASP K 156 -35.65 -33.08 -33.43
N SER K 157 -35.45 -32.93 -32.12
CA SER K 157 -36.07 -33.80 -31.15
C SER K 157 -37.23 -33.10 -30.47
N TYR K 158 -38.24 -33.88 -30.12
CA TYR K 158 -39.39 -33.39 -29.37
C TYR K 158 -39.60 -34.31 -28.18
N GLU K 159 -39.30 -33.80 -26.99
CA GLU K 159 -39.17 -34.60 -25.77
C GLU K 159 -40.08 -34.04 -24.69
N ILE K 160 -40.74 -34.94 -23.97
CA ILE K 160 -41.68 -34.59 -22.91
C ILE K 160 -41.07 -34.99 -21.57
N PHE K 161 -41.02 -34.05 -20.64
CA PHE K 161 -40.51 -34.29 -19.30
C PHE K 161 -41.62 -34.02 -18.29
N ILE K 162 -42.16 -35.09 -17.71
CA ILE K 162 -43.26 -35.02 -16.76
C ILE K 162 -42.67 -35.07 -15.35
N CYS K 163 -42.71 -33.93 -14.65
CA CYS K 163 -42.26 -33.89 -13.26
C CYS K 163 -43.07 -32.90 -12.43
N HIS K 164 -42.42 -31.95 -11.77
CA HIS K 164 -43.05 -31.23 -10.66
C HIS K 164 -42.69 -29.75 -10.68
N ALA K 165 -43.42 -29.01 -9.85
CA ALA K 165 -43.39 -27.54 -9.86
C ALA K 165 -41.99 -27.01 -9.59
N ASN K 166 -41.40 -27.38 -8.45
CA ASN K 166 -40.11 -26.81 -8.07
C ASN K 166 -39.04 -27.19 -9.08
N VAL K 167 -39.02 -28.45 -9.51
CA VAL K 167 -38.03 -28.91 -10.47
C VAL K 167 -38.12 -28.11 -11.77
N ILE K 168 -39.34 -28.00 -12.32
CA ILE K 168 -39.51 -27.32 -13.60
C ILE K 168 -39.12 -25.85 -13.49
N ARG K 169 -39.56 -25.21 -12.41
CA ARG K 169 -39.27 -23.79 -12.25
C ARG K 169 -37.76 -23.55 -12.13
N TYR K 170 -37.07 -24.42 -11.38
CA TYR K 170 -35.63 -24.32 -11.26
C TYR K 170 -34.94 -24.57 -12.59
N ILE K 171 -35.37 -25.60 -13.32
CA ILE K 171 -34.80 -25.87 -14.64
C ILE K 171 -34.99 -24.66 -15.56
N VAL K 172 -36.15 -24.03 -15.50
CA VAL K 172 -36.39 -22.88 -16.36
C VAL K 172 -35.44 -21.76 -16.01
N CYS K 173 -35.29 -21.47 -14.72
CA CYS K 173 -34.35 -20.43 -14.31
C CYS K 173 -32.92 -20.75 -14.76
N ARG K 174 -32.52 -22.02 -14.63
CA ARG K 174 -31.15 -22.40 -15.00
C ARG K 174 -30.93 -22.30 -16.51
N ALA K 175 -31.86 -22.82 -17.30
CA ALA K 175 -31.68 -22.84 -18.74
C ALA K 175 -31.61 -21.44 -19.31
N LEU K 176 -32.39 -20.50 -18.75
CA LEU K 176 -32.36 -19.13 -19.22
C LEU K 176 -31.26 -18.31 -18.54
N GLN K 177 -30.46 -18.93 -17.67
CA GLN K 177 -29.37 -18.25 -16.97
C GLN K 177 -29.87 -17.04 -16.20
N PHE K 178 -31.03 -17.17 -15.58
CA PHE K 178 -31.56 -16.25 -14.59
C PHE K 178 -31.19 -16.71 -13.19
N PRO K 179 -31.16 -15.82 -12.21
CA PRO K 179 -30.77 -16.21 -10.87
C PRO K 179 -31.67 -17.34 -10.37
N PRO K 180 -31.11 -18.51 -10.08
CA PRO K 180 -31.98 -19.65 -9.76
C PRO K 180 -32.84 -19.43 -8.53
N GLU K 181 -32.39 -18.61 -7.57
CA GLU K 181 -33.19 -18.35 -6.38
C GLU K 181 -34.55 -17.74 -6.69
N GLY K 182 -34.79 -17.34 -7.93
CA GLY K 182 -36.07 -16.78 -8.29
C GLY K 182 -37.03 -17.81 -8.84
N TRP K 183 -36.74 -19.10 -8.63
CA TRP K 183 -37.62 -20.14 -9.15
C TRP K 183 -39.01 -20.05 -8.51
N LEU K 184 -39.09 -19.54 -7.29
CA LEU K 184 -40.38 -19.40 -6.63
C LEU K 184 -41.12 -18.14 -7.06
N ARG K 185 -40.51 -17.31 -7.91
CA ARG K 185 -41.19 -16.21 -8.55
C ARG K 185 -42.04 -16.68 -9.73
N LEU K 186 -41.96 -17.95 -10.09
CA LEU K 186 -42.81 -18.53 -11.11
C LEU K 186 -43.91 -19.36 -10.47
N SER K 187 -44.94 -19.65 -11.26
CA SER K 187 -46.07 -20.45 -10.82
C SER K 187 -46.49 -21.32 -11.99
N LEU K 188 -46.79 -22.59 -11.69
CA LEU K 188 -47.12 -23.56 -12.71
C LEU K 188 -48.41 -24.25 -12.30
N ASN K 189 -49.40 -24.21 -13.19
CA ASN K 189 -50.64 -24.92 -12.95
C ASN K 189 -50.42 -26.41 -13.13
N ASN K 190 -51.27 -27.21 -12.46
CA ASN K 190 -51.23 -28.66 -12.63
C ASN K 190 -51.48 -29.04 -14.07
N GLY K 191 -50.66 -29.96 -14.59
CA GLY K 191 -50.78 -30.41 -15.96
C GLY K 191 -50.34 -29.40 -16.99
N SER K 192 -49.75 -28.29 -16.58
CA SER K 192 -49.38 -27.23 -17.51
C SER K 192 -48.16 -27.64 -18.33
N ILE K 193 -48.02 -27.00 -19.50
CA ILE K 193 -46.91 -27.28 -20.42
C ILE K 193 -46.00 -26.06 -20.46
N THR K 194 -44.70 -26.31 -20.28
CA THR K 194 -43.65 -25.30 -20.38
C THR K 194 -42.72 -25.71 -21.53
N HIS K 195 -42.57 -24.84 -22.51
CA HIS K 195 -41.90 -25.18 -23.76
C HIS K 195 -40.53 -24.51 -23.81
N LEU K 196 -39.47 -25.33 -23.76
CA LEU K 196 -38.10 -24.86 -23.92
C LEU K 196 -37.60 -25.28 -25.28
N VAL K 197 -36.87 -24.38 -25.95
CA VAL K 197 -36.25 -24.67 -27.23
C VAL K 197 -34.75 -24.41 -27.07
N ILE K 198 -33.93 -25.39 -27.41
CA ILE K 198 -32.49 -25.24 -27.35
C ILE K 198 -31.94 -25.39 -28.76
N ARG K 199 -31.39 -24.29 -29.29
CA ARG K 199 -30.81 -24.27 -30.61
C ARG K 199 -29.40 -24.87 -30.57
N PRO K 200 -28.92 -25.41 -31.68
CA PRO K 200 -27.61 -26.11 -31.67
C PRO K 200 -26.45 -25.21 -31.28
N ASN K 201 -26.62 -23.89 -31.29
CA ASN K 201 -25.59 -22.97 -30.85
C ASN K 201 -25.62 -22.71 -29.35
N GLY K 202 -26.42 -23.48 -28.61
CA GLY K 202 -26.51 -23.33 -27.17
C GLY K 202 -27.50 -22.29 -26.71
N ARG K 203 -28.10 -21.55 -27.64
CA ARG K 203 -29.06 -20.53 -27.30
C ARG K 203 -30.37 -21.16 -26.85
N VAL K 204 -31.02 -20.55 -25.86
CA VAL K 204 -32.20 -21.10 -25.22
C VAL K 204 -33.32 -20.10 -25.34
N ALA K 205 -34.49 -20.56 -25.77
CA ALA K 205 -35.69 -19.75 -25.85
C ALA K 205 -36.79 -20.40 -25.03
N LEU K 206 -37.49 -19.62 -24.21
CA LEU K 206 -38.68 -20.09 -23.50
C LEU K 206 -39.89 -19.61 -24.28
N ARG K 207 -40.58 -20.54 -24.95
CA ARG K 207 -41.72 -20.18 -25.79
C ARG K 207 -43.03 -20.19 -25.03
N THR K 208 -43.13 -20.93 -23.94
CA THR K 208 -44.35 -20.93 -23.14
C THR K 208 -44.01 -21.41 -21.74
N LEU K 209 -44.72 -20.88 -20.76
CA LEU K 209 -44.57 -21.29 -19.37
C LEU K 209 -45.94 -21.45 -18.75
N GLY K 210 -46.20 -22.63 -18.17
CA GLY K 210 -47.46 -22.85 -17.48
C GLY K 210 -48.68 -22.81 -18.39
N ASP K 211 -48.52 -23.23 -19.64
CA ASP K 211 -49.63 -23.21 -20.59
C ASP K 211 -50.70 -24.19 -20.17
N THR K 212 -51.88 -23.68 -19.83
CA THR K 212 -53.08 -24.48 -19.60
C THR K 212 -54.28 -23.89 -20.34
N GLY K 213 -54.05 -23.13 -21.40
CA GLY K 213 -55.14 -22.54 -22.16
C GLY K 213 -56.02 -23.58 -22.82
N PHE K 214 -55.55 -24.82 -22.91
CA PHE K 214 -56.28 -25.92 -23.52
C PHE K 214 -57.23 -26.60 -22.55
N MET K 215 -57.24 -26.17 -21.26
CA MET K 215 -58.15 -26.70 -20.25
C MET K 215 -59.32 -25.75 -20.03
N PRO K 216 -60.50 -26.29 -19.74
CA PRO K 216 -61.60 -25.42 -19.30
C PRO K 216 -61.21 -24.68 -18.03
N PRO K 217 -61.48 -23.37 -17.97
CA PRO K 217 -61.00 -22.59 -16.82
C PRO K 217 -61.32 -23.18 -15.46
N ASP K 218 -62.49 -23.77 -15.27
CA ASP K 218 -62.88 -24.31 -13.97
C ASP K 218 -62.09 -25.56 -13.58
N LYS K 219 -61.24 -26.08 -14.45
CA LYS K 219 -60.45 -27.28 -14.17
C LYS K 219 -58.97 -26.95 -14.02
N ILE K 220 -58.63 -25.68 -13.87
CA ILE K 220 -57.25 -25.22 -13.73
C ILE K 220 -56.97 -25.04 -12.24
N THR K 221 -55.92 -25.71 -11.76
CA THR K 221 -55.53 -25.64 -10.35
C THR K 221 -54.01 -25.53 -10.28
N ARG K 222 -53.53 -25.09 -9.11
CA ARG K 222 -52.11 -25.12 -8.80
C ARG K 222 -51.74 -26.08 -7.68
N SER K 223 -52.71 -26.70 -7.02
CA SER K 223 -52.40 -27.70 -6.00
C SER K 223 -53.60 -28.60 -5.76
N HIS L 25 22.35 -52.42 -20.23
CA HIS L 25 21.37 -52.11 -21.27
C HIS L 25 20.38 -51.07 -20.78
N TYR L 26 19.60 -50.51 -21.69
CA TYR L 26 18.52 -49.63 -21.27
C TYR L 26 17.36 -50.46 -20.76
N LYS L 27 17.10 -50.35 -19.50
CA LYS L 27 16.33 -51.32 -18.84
C LYS L 27 14.85 -50.87 -18.73
N ALA L 28 13.95 -51.85 -18.51
CA ALA L 28 12.51 -51.66 -18.20
C ALA L 28 12.22 -51.32 -16.75
N LYS L 29 11.31 -50.33 -16.53
CA LYS L 29 10.99 -49.89 -15.17
C LYS L 29 10.01 -50.85 -14.48
N ALA L 30 10.34 -51.23 -13.24
CA ALA L 30 9.57 -52.19 -12.45
C ALA L 30 8.55 -51.50 -11.55
N THR L 31 7.49 -52.24 -11.24
CA THR L 31 6.45 -51.84 -10.31
C THR L 31 6.55 -52.64 -9.03
N ARG L 32 6.28 -52.00 -7.90
CA ARG L 32 6.31 -52.63 -6.59
C ARG L 32 4.91 -52.92 -6.09
N HIS L 33 4.65 -54.18 -5.75
CA HIS L 33 3.42 -54.59 -5.09
C HIS L 33 3.76 -54.83 -3.62
N ILE L 34 3.19 -54.02 -2.75
CA ILE L 34 3.49 -54.01 -1.32
C ILE L 34 2.27 -54.55 -0.59
N PHE L 35 2.46 -55.64 0.15
CA PHE L 35 1.39 -56.24 0.95
C PHE L 35 1.64 -55.90 2.41
N LEU L 36 0.90 -54.91 2.92
CA LEU L 36 0.97 -54.48 4.31
C LEU L 36 0.00 -55.33 5.11
N ILE L 37 0.54 -56.14 6.02
CA ILE L 37 -0.24 -57.09 6.79
C ILE L 37 -0.23 -56.65 8.25
N ARG L 38 -1.41 -56.55 8.86
CA ARG L 38 -1.50 -56.23 10.28
C ARG L 38 -1.30 -57.48 11.15
N ALA L 39 -0.55 -57.30 12.23
CA ALA L 39 -0.33 -58.38 13.19
C ALA L 39 -1.65 -58.91 13.72
N SER L 40 -1.65 -60.19 14.08
CA SER L 40 -2.84 -60.86 14.58
C SER L 40 -3.15 -60.46 16.02
N GLN L 41 -4.27 -60.97 16.52
CA GLN L 41 -4.72 -60.70 17.88
C GLN L 41 -3.70 -61.20 18.90
N TYR L 42 -3.52 -60.45 19.98
CA TYR L 42 -2.50 -60.77 20.96
C TYR L 42 -3.01 -60.50 22.37
N HIS L 43 -2.22 -60.94 23.34
CA HIS L 43 -2.54 -60.76 24.76
C HIS L 43 -2.05 -59.40 25.23
N ARG L 52 3.77 -60.36 25.53
CA ARG L 52 2.78 -59.81 24.60
C ARG L 52 2.65 -60.72 23.38
N THR L 53 2.39 -62.00 23.62
CA THR L 53 2.34 -62.99 22.55
C THR L 53 0.97 -63.02 21.88
N LEU L 54 0.92 -63.68 20.73
CA LEU L 54 -0.34 -63.85 20.01
C LEU L 54 -1.27 -64.76 20.82
N THR L 55 -2.56 -64.46 20.77
CA THR L 55 -3.55 -65.37 21.32
C THR L 55 -3.73 -66.56 20.39
N PRO L 56 -4.38 -67.63 20.85
CA PRO L 56 -4.66 -68.74 19.93
C PRO L 56 -5.45 -68.31 18.70
N LEU L 57 -6.48 -67.48 18.87
CA LEU L 57 -7.18 -66.93 17.72
C LEU L 57 -6.23 -66.12 16.84
N GLY L 58 -5.33 -65.34 17.45
CA GLY L 58 -4.36 -64.61 16.67
C GLY L 58 -3.49 -65.53 15.82
N ARG L 59 -3.06 -66.65 16.41
CA ARG L 59 -2.26 -67.62 15.66
C ARG L 59 -3.06 -68.20 14.50
N GLU L 60 -4.34 -68.51 14.73
CA GLU L 60 -5.21 -68.99 13.65
C GLU L 60 -5.34 -67.95 12.53
N GLN L 61 -5.54 -66.68 12.91
CA GLN L 61 -5.64 -65.60 11.93
C GLN L 61 -4.37 -65.53 11.09
N ALA L 62 -3.21 -65.61 11.74
CA ALA L 62 -1.95 -65.57 11.02
C ALA L 62 -1.83 -66.74 10.06
N GLU L 63 -2.27 -67.93 10.49
CA GLU L 63 -2.23 -69.09 9.61
C GLU L 63 -3.09 -68.85 8.37
N LEU L 64 -4.28 -68.27 8.57
CA LEU L 64 -5.16 -68.00 7.43
C LEU L 64 -4.53 -67.01 6.47
N THR L 65 -3.92 -65.94 7.00
CA THR L 65 -3.30 -64.93 6.16
C THR L 65 -2.15 -65.55 5.34
N GLY L 66 -1.32 -66.38 5.98
CA GLY L 66 -0.25 -67.03 5.25
C GLY L 66 -0.77 -67.92 4.14
N LEU L 67 -1.82 -68.70 4.44
CA LEU L 67 -2.44 -69.55 3.43
C LEU L 67 -2.88 -68.73 2.22
N ARG L 68 -3.54 -67.61 2.47
CA ARG L 68 -4.02 -66.77 1.37
C ARG L 68 -2.86 -66.26 0.53
N LEU L 69 -1.86 -65.67 1.19
CA LEU L 69 -0.72 -65.11 0.47
C LEU L 69 -0.06 -66.17 -0.40
N ALA L 70 0.10 -67.37 0.15
CA ALA L 70 0.72 -68.45 -0.62
C ALA L 70 -0.18 -68.91 -1.75
N SER L 71 -1.49 -68.73 -1.63
CA SER L 71 -2.39 -69.17 -2.69
C SER L 71 -2.53 -68.14 -3.79
N LEU L 72 -1.94 -66.95 -3.66
CA LEU L 72 -2.09 -65.97 -4.74
C LEU L 72 -1.31 -66.26 -6.02
N GLY L 73 -0.36 -67.19 -6.03
CA GLY L 73 0.44 -67.41 -7.22
C GLY L 73 1.49 -66.36 -7.50
N LEU L 74 2.02 -65.72 -6.46
CA LEU L 74 3.08 -64.74 -6.59
C LEU L 74 4.33 -65.33 -5.95
N LYS L 75 5.50 -64.95 -6.48
CA LYS L 75 6.79 -65.32 -5.88
C LYS L 75 7.26 -64.10 -5.08
N PHE L 76 7.06 -64.15 -3.78
CA PHE L 76 7.37 -63.01 -2.93
C PHE L 76 8.87 -62.83 -2.74
N ASN L 77 9.31 -61.57 -2.80
CA ASN L 77 10.71 -61.19 -2.68
C ASN L 77 11.16 -61.13 -1.22
N LYS L 78 10.38 -60.48 -0.37
CA LYS L 78 10.80 -60.19 0.99
C LYS L 78 9.63 -60.30 1.96
N ILE L 79 9.97 -60.59 3.21
CA ILE L 79 9.07 -60.41 4.35
C ILE L 79 9.78 -59.43 5.28
N VAL L 80 9.38 -58.16 5.23
CA VAL L 80 9.87 -57.16 6.17
C VAL L 80 8.86 -57.08 7.30
N HIS L 81 9.34 -57.13 8.55
CA HIS L 81 8.44 -57.17 9.68
C HIS L 81 8.94 -56.26 10.80
N SER L 82 7.98 -55.69 11.52
CA SER L 82 8.27 -54.98 12.75
C SER L 82 8.98 -55.91 13.73
N SER L 83 9.76 -55.31 14.63
CA SER L 83 10.49 -56.07 15.63
C SER L 83 9.66 -56.29 16.89
N MET L 84 8.38 -55.94 16.87
CA MET L 84 7.52 -56.20 18.01
C MET L 84 7.22 -57.69 18.10
N THR L 85 7.05 -58.18 19.33
CA THR L 85 6.85 -59.60 19.57
C THR L 85 5.74 -60.16 18.68
N ARG L 86 4.56 -59.54 18.74
CA ARG L 86 3.43 -60.07 17.97
C ARG L 86 3.72 -60.03 16.47
N ALA L 87 4.48 -59.05 16.01
CA ALA L 87 4.82 -59.00 14.59
C ALA L 87 5.74 -60.16 14.21
N ILE L 88 6.70 -60.49 15.07
CA ILE L 88 7.58 -61.61 14.78
C ILE L 88 6.79 -62.92 14.79
N GLU L 89 5.82 -63.04 15.70
CA GLU L 89 5.04 -64.27 15.75
C GLU L 89 4.18 -64.41 14.50
N THR L 90 3.51 -63.33 14.10
CA THR L 90 2.78 -63.32 12.83
C THR L 90 3.70 -63.63 11.65
N THR L 91 4.92 -63.10 11.67
CA THR L 91 5.86 -63.39 10.58
C THR L 91 6.25 -64.85 10.56
N ASP L 92 6.56 -65.42 11.72
CA ASP L 92 6.93 -66.83 11.77
C ASP L 92 5.78 -67.70 11.25
N ILE L 93 4.55 -67.43 11.69
CA ILE L 93 3.42 -68.22 11.21
C ILE L 93 3.25 -68.08 9.70
N ILE L 94 3.24 -66.84 9.20
CA ILE L 94 3.00 -66.62 7.77
C ILE L 94 4.11 -67.26 6.93
N SER L 95 5.35 -67.17 7.40
CA SER L 95 6.50 -67.67 6.64
C SER L 95 6.41 -69.16 6.39
N ARG L 96 5.65 -69.89 7.20
CA ARG L 96 5.48 -71.33 7.02
C ARG L 96 4.99 -71.67 5.63
N HIS L 97 4.10 -70.86 5.10
CA HIS L 97 3.48 -71.07 3.79
C HIS L 97 4.29 -70.46 2.66
N LEU L 98 5.33 -69.69 2.97
CA LEU L 98 6.17 -69.02 1.99
C LEU L 98 7.61 -69.51 2.15
N PRO L 99 7.87 -70.80 1.93
CA PRO L 99 9.22 -71.32 2.13
C PRO L 99 10.20 -70.68 1.15
N GLY L 100 11.39 -70.37 1.65
CA GLY L 100 12.41 -69.77 0.82
C GLY L 100 12.28 -68.28 0.62
N VAL L 101 11.39 -67.62 1.38
CA VAL L 101 11.21 -66.18 1.29
C VAL L 101 12.03 -65.50 2.38
N CYS L 102 12.90 -64.59 1.94
CA CYS L 102 13.76 -63.84 2.86
C CYS L 102 12.95 -63.07 3.90
N LYS L 103 13.44 -63.08 5.14
CA LYS L 103 12.85 -62.32 6.22
C LYS L 103 13.81 -61.23 6.70
N VAL L 104 13.25 -60.06 7.04
CA VAL L 104 14.00 -58.88 7.45
C VAL L 104 13.27 -58.20 8.60
N SER L 105 14.01 -57.85 9.65
CA SER L 105 13.46 -57.17 10.80
C SER L 105 13.83 -55.69 10.74
N THR L 106 12.90 -54.84 11.18
CA THR L 106 13.17 -53.42 11.29
C THR L 106 12.42 -52.87 12.50
N ASP L 107 13.10 -51.98 13.23
CA ASP L 107 12.48 -51.26 14.33
C ASP L 107 11.67 -50.07 13.86
N LEU L 108 11.84 -49.65 12.61
CA LEU L 108 11.10 -48.51 12.08
C LEU L 108 9.60 -48.80 12.05
N LEU L 109 9.22 -50.06 11.86
CA LEU L 109 7.82 -50.42 11.66
C LEU L 109 7.09 -50.72 12.97
N ARG L 110 7.73 -50.53 14.11
CA ARG L 110 7.08 -50.76 15.39
C ARG L 110 5.91 -49.81 15.57
N GLU L 111 4.91 -50.24 16.34
CA GLU L 111 3.70 -49.47 16.52
C GLU L 111 3.98 -48.17 17.25
N GLY L 112 3.15 -47.16 16.97
CA GLY L 112 3.30 -45.88 17.60
C GLY L 112 2.15 -44.95 17.23
N ALA L 113 2.27 -43.70 17.69
CA ALA L 113 1.27 -42.68 17.39
C ALA L 113 1.85 -41.77 16.32
N PRO L 114 1.42 -41.88 15.06
CA PRO L 114 2.13 -41.17 13.98
C PRO L 114 1.95 -39.67 14.01
N ILE L 115 0.69 -39.23 14.07
CA ILE L 115 0.36 -37.81 14.15
C ILE L 115 -0.96 -37.71 14.91
N GLU L 116 -1.24 -36.54 15.45
CA GLU L 116 -2.50 -36.36 16.14
C GLU L 116 -3.64 -36.55 15.13
N PRO L 117 -4.56 -37.48 15.34
CA PRO L 117 -5.63 -37.67 14.37
C PRO L 117 -6.58 -36.49 14.34
N ASP L 118 -7.15 -36.27 13.15
CA ASP L 118 -8.17 -35.25 12.96
C ASP L 118 -9.36 -35.90 12.26
N PRO L 119 -10.55 -35.92 12.88
CA PRO L 119 -10.93 -35.25 14.13
C PRO L 119 -10.27 -35.83 15.38
N PRO L 120 -10.15 -35.02 16.44
CA PRO L 120 -9.46 -35.48 17.65
C PRO L 120 -10.15 -36.66 18.31
N VAL L 121 -9.48 -37.20 19.32
CA VAL L 121 -9.99 -38.34 20.08
C VAL L 121 -10.06 -37.97 21.55
N PRO L 126 -2.34 -40.07 23.81
CA PRO L 126 -0.91 -39.92 24.11
C PRO L 126 -0.48 -38.49 23.82
N GLU L 127 0.22 -37.85 24.76
CA GLU L 127 0.51 -36.44 24.60
C GLU L 127 1.48 -36.19 23.44
N ALA L 128 1.67 -34.90 23.15
CA ALA L 128 2.46 -34.49 21.99
C ALA L 128 3.86 -35.11 21.98
N VAL L 129 4.41 -35.43 23.15
CA VAL L 129 5.76 -36.00 23.18
C VAL L 129 5.82 -37.29 22.36
N GLN L 130 4.80 -38.14 22.48
CA GLN L 130 4.80 -39.39 21.72
C GLN L 130 4.55 -39.14 20.25
N TYR L 131 3.68 -38.18 19.91
CA TYR L 131 3.58 -37.83 18.50
C TYR L 131 4.95 -37.41 17.97
N TYR L 132 5.67 -36.60 18.74
CA TYR L 132 6.97 -36.09 18.33
C TYR L 132 7.93 -37.23 18.04
N GLU L 133 7.96 -38.25 18.91
CA GLU L 133 8.89 -39.36 18.73
C GLU L 133 8.41 -40.34 17.65
N ASP L 134 7.18 -40.85 17.81
CA ASP L 134 6.66 -41.89 16.93
C ASP L 134 6.42 -41.36 15.51
N GLY L 135 5.98 -40.11 15.36
CA GLY L 135 5.80 -39.58 14.02
C GLY L 135 7.09 -39.57 13.24
N ALA L 136 8.16 -39.09 13.86
CA ALA L 136 9.46 -39.12 13.18
C ALA L 136 9.83 -40.53 12.79
N ARG L 137 9.66 -41.50 13.69
CA ARG L 137 10.07 -42.86 13.36
C ARG L 137 9.20 -43.48 12.27
N ILE L 138 7.87 -43.32 12.38
CA ILE L 138 6.96 -43.91 11.41
C ILE L 138 7.11 -43.25 10.04
N GLU L 139 7.35 -41.94 10.02
CA GLU L 139 7.61 -41.24 8.75
C GLU L 139 8.90 -41.72 8.13
N ALA L 140 9.93 -42.00 8.95
CA ALA L 140 11.15 -42.60 8.43
C ALA L 140 10.84 -43.96 7.81
N ALA L 141 10.01 -44.75 8.48
CA ALA L 141 9.60 -46.04 7.92
C ALA L 141 8.96 -45.86 6.55
N PHE L 142 7.99 -44.93 6.47
CA PHE L 142 7.32 -44.66 5.20
C PHE L 142 8.32 -44.30 4.11
N ARG L 143 9.25 -43.39 4.41
CA ARG L 143 10.17 -42.92 3.37
C ARG L 143 11.14 -44.02 2.95
N ASN L 144 11.56 -44.86 3.88
CA ASN L 144 12.56 -45.88 3.58
C ASN L 144 11.94 -47.08 2.86
N TYR L 145 10.65 -47.35 3.07
CA TYR L 145 10.05 -48.54 2.50
C TYR L 145 9.02 -48.30 1.40
N ILE L 146 8.39 -47.13 1.36
CA ILE L 146 7.32 -46.85 0.41
C ILE L 146 7.85 -45.90 -0.65
N HIS L 147 8.06 -46.41 -1.85
CA HIS L 147 8.61 -45.61 -2.95
C HIS L 147 8.50 -46.43 -4.23
N ARG L 148 8.73 -45.75 -5.34
CA ARG L 148 8.78 -46.46 -6.61
C ARG L 148 9.99 -47.38 -6.62
N ALA L 149 9.94 -48.38 -7.50
CA ALA L 149 11.01 -49.36 -7.55
C ALA L 149 12.36 -48.67 -7.71
N ASP L 150 13.40 -49.30 -7.18
CA ASP L 150 14.74 -48.77 -7.36
C ASP L 150 15.03 -48.65 -8.85
N ALA L 151 15.85 -47.67 -9.21
CA ALA L 151 16.11 -47.41 -10.62
C ALA L 151 16.73 -48.61 -11.31
N ARG L 152 17.53 -49.40 -10.58
CA ARG L 152 18.18 -50.58 -11.13
C ARG L 152 17.29 -51.82 -11.09
N GLN L 153 16.09 -51.71 -10.53
CA GLN L 153 15.18 -52.84 -10.41
C GLN L 153 14.20 -52.82 -11.57
N GLU L 154 14.16 -53.94 -12.26
CA GLU L 154 13.42 -54.10 -13.49
C GLU L 154 12.31 -55.10 -13.47
N GLU L 155 12.42 -56.09 -12.62
CA GLU L 155 11.45 -57.15 -12.55
C GLU L 155 10.53 -56.80 -11.39
N ASP L 156 9.24 -56.94 -11.63
CA ASP L 156 8.27 -56.60 -10.60
C ASP L 156 8.54 -57.36 -9.31
N SER L 157 8.43 -56.65 -8.20
CA SER L 157 8.66 -57.20 -6.88
C SER L 157 7.34 -57.35 -6.15
N TYR L 158 7.26 -58.38 -5.30
CA TYR L 158 6.09 -58.62 -4.47
C TYR L 158 6.57 -58.77 -3.03
N GLU L 159 6.24 -57.79 -2.19
CA GLU L 159 6.87 -57.63 -0.89
C GLU L 159 5.81 -57.59 0.19
N ILE L 160 6.09 -58.28 1.30
CA ILE L 160 5.17 -58.40 2.43
C ILE L 160 5.74 -57.61 3.60
N PHE L 161 4.94 -56.68 4.13
CA PHE L 161 5.33 -55.88 5.28
C PHE L 161 4.36 -56.16 6.42
N ILE L 162 4.83 -56.90 7.41
CA ILE L 162 4.01 -57.30 8.56
C ILE L 162 4.30 -56.31 9.68
N CYS L 163 3.33 -55.44 9.98
CA CYS L 163 3.49 -54.50 11.07
C CYS L 163 2.15 -54.27 11.79
N HIS L 164 1.70 -53.02 11.91
CA HIS L 164 0.68 -52.68 12.89
C HIS L 164 -0.32 -51.68 12.32
N ALA L 165 -1.44 -51.55 13.02
CA ALA L 165 -2.59 -50.78 12.52
C ALA L 165 -2.24 -49.32 12.27
N ASN L 166 -1.74 -48.62 13.29
CA ASN L 166 -1.47 -47.20 13.12
C ASN L 166 -0.43 -46.96 12.04
N VAL L 167 0.63 -47.78 12.04
CA VAL L 167 1.69 -47.62 11.05
C VAL L 167 1.12 -47.78 9.64
N ILE L 168 0.36 -48.86 9.41
CA ILE L 168 -0.17 -49.12 8.08
C ILE L 168 -1.12 -48.02 7.65
N ARG L 169 -1.99 -47.56 8.56
CA ARG L 169 -2.95 -46.52 8.20
C ARG L 169 -2.23 -45.22 7.83
N TYR L 170 -1.19 -44.88 8.59
CA TYR L 170 -0.39 -43.69 8.28
C TYR L 170 0.30 -43.82 6.93
N ILE L 171 0.90 -44.99 6.68
CA ILE L 171 1.52 -45.26 5.37
C ILE L 171 0.51 -45.12 4.26
N VAL L 172 -0.70 -45.63 4.47
CA VAL L 172 -1.71 -45.61 3.41
C VAL L 172 -2.07 -44.17 3.09
N CYS L 173 -2.28 -43.36 4.13
CA CYS L 173 -2.60 -41.95 3.91
C CYS L 173 -1.45 -41.23 3.20
N ARG L 174 -0.21 -41.50 3.61
CA ARG L 174 0.94 -40.82 3.03
C ARG L 174 1.15 -41.22 1.56
N ALA L 175 1.09 -42.52 1.28
CA ALA L 175 1.36 -43.02 -0.06
C ALA L 175 0.35 -42.48 -1.08
N LEU L 176 -0.90 -42.33 -0.65
CA LEU L 176 -1.94 -41.76 -1.51
C LEU L 176 -1.95 -40.25 -1.47
N GLN L 177 -1.03 -39.64 -0.73
CA GLN L 177 -0.94 -38.18 -0.61
C GLN L 177 -2.27 -37.61 -0.15
N PHE L 178 -2.90 -38.31 0.77
CA PHE L 178 -4.04 -37.87 1.54
C PHE L 178 -3.55 -37.32 2.87
N PRO L 179 -4.30 -36.42 3.50
CA PRO L 179 -3.82 -35.79 4.73
C PRO L 179 -3.50 -36.83 5.78
N PRO L 180 -2.26 -36.89 6.26
CA PRO L 180 -1.91 -37.96 7.21
C PRO L 180 -2.74 -37.90 8.48
N GLU L 181 -3.23 -36.71 8.85
CA GLU L 181 -4.08 -36.58 10.03
C GLU L 181 -5.34 -37.42 9.95
N GLY L 182 -5.65 -38.00 8.78
CA GLY L 182 -6.80 -38.84 8.61
C GLY L 182 -6.52 -40.31 8.77
N TRP L 183 -5.36 -40.67 9.35
CA TRP L 183 -5.03 -42.09 9.47
C TRP L 183 -6.03 -42.82 10.36
N LEU L 184 -6.67 -42.12 11.30
CA LEU L 184 -7.64 -42.79 12.17
C LEU L 184 -9.01 -42.91 11.51
N ARG L 185 -9.19 -42.35 10.33
CA ARG L 185 -10.41 -42.57 9.56
C ARG L 185 -10.42 -43.92 8.84
N LEU L 186 -9.30 -44.64 8.90
CA LEU L 186 -9.19 -45.99 8.39
C LEU L 186 -9.22 -46.97 9.55
N SER L 187 -9.53 -48.24 9.24
CA SER L 187 -9.62 -49.26 10.27
C SER L 187 -9.16 -50.58 9.67
N LEU L 188 -8.39 -51.34 10.43
CA LEU L 188 -7.77 -52.57 9.92
C LEU L 188 -8.00 -53.74 10.86
N ASN L 189 -8.54 -54.84 10.32
CA ASN L 189 -8.68 -56.05 11.10
C ASN L 189 -7.31 -56.70 11.31
N ASN L 190 -7.23 -57.51 12.37
CA ASN L 190 -6.02 -58.28 12.63
C ASN L 190 -5.75 -59.26 11.49
N GLY L 191 -4.49 -59.31 11.06
CA GLY L 191 -4.11 -60.20 9.98
C GLY L 191 -4.59 -59.77 8.62
N SER L 192 -5.15 -58.57 8.49
CA SER L 192 -5.70 -58.10 7.24
C SER L 192 -4.59 -57.78 6.25
N ILE L 193 -4.94 -57.81 4.97
CA ILE L 193 -4.02 -57.55 3.87
C ILE L 193 -4.41 -56.23 3.21
N THR L 194 -3.44 -55.33 3.07
CA THR L 194 -3.59 -54.05 2.38
C THR L 194 -2.62 -54.04 1.21
N HIS L 195 -3.13 -53.86 0.01
CA HIS L 195 -2.34 -54.04 -1.21
C HIS L 195 -2.07 -52.66 -1.83
N LEU L 196 -0.80 -52.27 -1.85
CA LEU L 196 -0.33 -51.06 -2.51
C LEU L 196 0.37 -51.42 -3.81
N VAL L 197 0.14 -50.60 -4.84
CA VAL L 197 0.86 -50.71 -6.10
C VAL L 197 1.53 -49.38 -6.35
N ILE L 198 2.86 -49.40 -6.49
CA ILE L 198 3.64 -48.21 -6.78
C ILE L 198 4.29 -48.43 -8.14
N ARG L 199 3.84 -47.65 -9.12
CA ARG L 199 4.34 -47.70 -10.49
C ARG L 199 5.60 -46.85 -10.64
N PRO L 200 6.44 -47.18 -11.62
CA PRO L 200 7.72 -46.46 -11.76
C PRO L 200 7.59 -44.98 -12.02
N ASN L 201 6.42 -44.49 -12.43
CA ASN L 201 6.22 -43.06 -12.57
C ASN L 201 5.75 -42.41 -11.27
N GLY L 202 5.76 -43.16 -10.17
CA GLY L 202 5.42 -42.64 -8.86
C GLY L 202 3.96 -42.69 -8.51
N ARG L 203 3.09 -43.09 -9.43
CA ARG L 203 1.67 -43.15 -9.14
C ARG L 203 1.36 -44.35 -8.26
N VAL L 204 0.40 -44.16 -7.35
CA VAL L 204 0.08 -45.14 -6.33
C VAL L 204 -1.39 -45.55 -6.45
N ALA L 205 -1.64 -46.85 -6.41
CA ALA L 205 -2.99 -47.39 -6.38
C ALA L 205 -3.17 -48.24 -5.12
N LEU L 206 -4.29 -48.04 -4.43
CA LEU L 206 -4.68 -48.90 -3.30
C LEU L 206 -5.66 -49.95 -3.81
N ARG L 207 -5.19 -51.19 -4.03
CA ARG L 207 -6.03 -52.24 -4.62
C ARG L 207 -7.08 -52.72 -3.62
N THR L 208 -6.65 -53.03 -2.41
CA THR L 208 -7.51 -53.44 -1.30
C THR L 208 -6.99 -52.78 -0.02
N LEU L 209 -7.89 -52.55 0.93
CA LEU L 209 -7.53 -52.07 2.27
C LEU L 209 -8.22 -52.96 3.29
N GLY L 210 -7.47 -53.53 4.23
CA GLY L 210 -8.06 -54.31 5.31
C GLY L 210 -8.75 -55.58 4.88
N ASP L 211 -8.28 -56.21 3.81
CA ASP L 211 -8.90 -57.44 3.31
C ASP L 211 -8.74 -58.58 4.31
N THR L 212 -9.86 -59.05 4.84
CA THR L 212 -9.93 -60.29 5.62
C THR L 212 -11.06 -61.19 5.13
N GLY L 213 -11.47 -61.03 3.87
CA GLY L 213 -12.54 -61.86 3.32
C GLY L 213 -12.20 -63.32 3.28
N PHE L 214 -10.92 -63.66 3.43
CA PHE L 214 -10.43 -65.03 3.41
C PHE L 214 -10.52 -65.70 4.78
N MET L 215 -10.96 -64.95 5.83
CA MET L 215 -11.17 -65.52 7.15
C MET L 215 -12.65 -65.78 7.39
N PRO L 216 -12.99 -66.82 8.14
CA PRO L 216 -14.39 -67.02 8.56
C PRO L 216 -14.86 -65.85 9.39
N PRO L 217 -16.06 -65.32 9.12
CA PRO L 217 -16.50 -64.12 9.84
C PRO L 217 -16.32 -64.19 11.35
N ASP L 218 -16.51 -65.38 11.94
CA ASP L 218 -16.44 -65.52 13.38
C ASP L 218 -15.02 -65.39 13.93
N LYS L 219 -14.00 -65.31 13.08
CA LYS L 219 -12.62 -65.19 13.53
C LYS L 219 -12.00 -63.85 13.18
N ILE L 220 -12.80 -62.85 12.81
CA ILE L 220 -12.30 -61.53 12.44
C ILE L 220 -12.35 -60.66 13.68
N THR L 221 -11.22 -60.02 14.01
CA THR L 221 -11.13 -59.17 15.19
C THR L 221 -10.42 -57.88 14.82
N ARG L 222 -10.59 -56.88 15.69
CA ARG L 222 -9.84 -55.63 15.61
C ARG L 222 -8.86 -55.46 16.76
N SER L 223 -8.91 -56.31 17.78
CA SER L 223 -7.96 -56.26 18.89
C SER L 223 -7.94 -57.58 19.62
N GLY M 3 29.33 8.19 7.78
CA GLY M 3 30.11 9.41 7.95
C GLY M 3 30.97 9.71 6.74
N VAL M 4 30.33 10.17 5.65
CA VAL M 4 30.97 10.28 4.35
C VAL M 4 31.49 11.68 4.08
N TRP M 5 32.76 11.77 3.70
CA TRP M 5 33.41 13.03 3.39
C TRP M 5 32.78 13.66 2.14
N ASP M 6 32.47 14.95 2.21
CA ASP M 6 31.97 15.67 1.05
C ASP M 6 33.13 16.36 0.34
N PRO M 7 33.50 15.95 -0.88
CA PRO M 7 34.65 16.56 -1.55
C PRO M 7 34.39 17.98 -2.04
N ASN M 8 33.14 18.45 -2.06
CA ASN M 8 32.82 19.79 -2.52
C ASN M 8 32.31 20.66 -1.38
N TRP M 9 32.82 20.42 -0.17
CA TRP M 9 32.34 21.16 1.00
C TRP M 9 32.54 22.66 0.82
N ASP M 10 33.63 23.07 0.17
CA ASP M 10 33.92 24.47 -0.02
C ASP M 10 33.50 24.98 -1.39
N ARG M 11 32.81 24.14 -2.18
CA ARG M 11 32.42 24.53 -3.53
C ARG M 11 33.64 24.96 -4.35
N ARG M 12 34.61 24.06 -4.53
CA ARG M 12 35.82 24.46 -5.25
C ARG M 12 36.48 23.24 -5.85
N GLU M 13 35.69 22.35 -6.45
CA GLU M 13 36.23 21.18 -7.11
C GLU M 13 36.03 21.26 -8.62
N GLY N 3 22.34 -20.40 8.64
CA GLY N 3 23.12 -21.62 8.71
C GLY N 3 23.90 -21.92 7.44
N VAL N 4 24.21 -20.88 6.66
CA VAL N 4 24.97 -21.02 5.42
C VAL N 4 26.40 -20.57 5.69
N TRP N 5 27.36 -21.41 5.31
CA TRP N 5 28.76 -21.12 5.57
C TRP N 5 29.20 -19.89 4.80
N ASP N 6 29.87 -18.97 5.51
CA ASP N 6 30.46 -17.81 4.87
C ASP N 6 31.91 -18.15 4.52
N PRO N 7 32.27 -18.33 3.27
CA PRO N 7 33.65 -18.77 2.95
C PRO N 7 34.69 -17.68 3.17
N ASN N 8 34.29 -16.44 3.37
CA ASN N 8 35.23 -15.34 3.56
C ASN N 8 35.16 -14.80 5.00
N TRP N 9 34.84 -15.68 5.94
CA TRP N 9 34.70 -15.28 7.34
C TRP N 9 35.97 -14.63 7.87
N ASP N 10 37.13 -15.05 7.40
CA ASP N 10 38.40 -14.53 7.87
C ASP N 10 38.98 -13.46 6.94
N ARG N 11 38.21 -12.98 5.97
CA ARG N 11 38.67 -11.97 5.01
C ARG N 11 39.90 -12.41 4.23
N ARG N 12 40.05 -13.72 4.04
CA ARG N 12 41.22 -14.29 3.37
C ARG N 12 40.83 -15.15 2.17
N GLU N 13 39.70 -14.86 1.54
CA GLU N 13 39.28 -15.62 0.36
C GLU N 13 40.03 -15.12 -0.88
N GLY O 3 3.62 29.96 2.88
CA GLY O 3 3.36 31.34 2.50
C GLY O 3 2.69 32.13 3.62
N VAL O 4 2.82 31.62 4.84
CA VAL O 4 2.13 32.14 6.02
C VAL O 4 3.14 32.77 6.98
N TRP O 5 2.78 33.94 7.50
CA TRP O 5 3.65 34.73 8.37
C TRP O 5 4.01 33.99 9.65
N ASP O 6 5.32 34.00 9.97
CA ASP O 6 5.85 33.43 11.20
C ASP O 6 6.03 34.51 12.27
N PRO O 7 5.31 34.47 13.39
CA PRO O 7 5.45 35.54 14.39
C PRO O 7 6.76 35.52 15.16
N ASN O 8 7.55 34.45 15.11
CA ASN O 8 8.80 34.34 15.86
C ASN O 8 10.02 34.35 14.95
N TRP O 9 9.94 35.08 13.85
CA TRP O 9 11.02 35.08 12.87
C TRP O 9 12.35 35.52 13.49
N ASP O 10 12.33 36.47 14.42
CA ASP O 10 13.56 36.94 15.03
C ASP O 10 13.85 36.30 16.38
N ARG O 11 13.01 35.35 16.81
CA ARG O 11 13.20 34.69 18.10
C ARG O 11 13.28 35.72 19.22
N ARG O 12 12.21 36.48 19.41
CA ARG O 12 12.19 37.55 20.40
C ARG O 12 10.75 37.87 20.78
N GLY P 3 -24.35 20.58 -9.40
CA GLY P 3 -25.50 19.71 -9.23
C GLY P 3 -26.28 19.99 -7.96
N VAL P 4 -25.57 20.26 -6.87
CA VAL P 4 -26.18 20.51 -5.57
C VAL P 4 -26.10 22.00 -5.29
N TRP P 5 -27.23 22.60 -4.97
CA TRP P 5 -27.31 24.04 -4.75
C TRP P 5 -26.47 24.44 -3.54
N ASP P 6 -25.64 25.47 -3.71
CA ASP P 6 -24.89 26.03 -2.60
C ASP P 6 -25.73 27.17 -2.04
N PRO P 7 -26.30 27.03 -0.83
CA PRO P 7 -27.20 28.08 -0.32
C PRO P 7 -26.48 29.36 0.06
N ASN P 8 -25.15 29.36 0.10
CA ASN P 8 -24.35 30.50 0.48
C ASN P 8 -23.53 31.03 -0.69
N TRP P 9 -24.08 30.93 -1.91
CA TRP P 9 -23.34 31.29 -3.11
C TRP P 9 -22.87 32.74 -3.08
N ASP P 10 -23.70 33.63 -2.55
CA ASP P 10 -23.40 35.06 -2.45
C ASP P 10 -22.93 35.44 -1.06
N ARG P 11 -22.57 34.46 -0.23
CA ARG P 11 -22.38 34.73 1.20
C ARG P 11 -23.75 35.27 1.63
N ARG P 12 -23.84 36.28 2.47
CA ARG P 12 -25.14 36.85 2.80
C ARG P 12 -26.14 35.84 3.37
N GLU P 13 -25.71 34.63 3.73
CA GLU P 13 -26.65 33.63 4.26
C GLU P 13 -26.75 33.74 5.78
N GLY Q 3 -6.09 -30.74 5.84
CA GLY Q 3 -7.47 -31.18 5.77
C GLY Q 3 -8.12 -31.31 7.13
N VAL Q 4 -8.69 -30.22 7.63
CA VAL Q 4 -9.35 -30.23 8.94
C VAL Q 4 -10.78 -30.73 8.78
N TRP Q 5 -11.16 -31.69 9.62
CA TRP Q 5 -12.45 -32.35 9.55
C TRP Q 5 -13.61 -31.39 9.78
N ASP Q 6 -14.60 -31.44 8.90
CA ASP Q 6 -15.82 -30.65 9.02
C ASP Q 6 -16.89 -31.49 9.72
N PRO Q 7 -17.30 -31.16 10.94
CA PRO Q 7 -18.27 -32.02 11.65
C PRO Q 7 -19.68 -31.96 11.10
N ASN Q 8 -20.02 -30.99 10.25
CA ASN Q 8 -21.37 -30.85 9.69
C ASN Q 8 -21.36 -31.12 8.19
N TRP Q 9 -20.51 -32.04 7.75
CA TRP Q 9 -20.37 -32.34 6.33
C TRP Q 9 -21.70 -32.78 5.71
N ASP Q 10 -22.53 -33.49 6.45
CA ASP Q 10 -23.82 -33.97 5.94
C ASP Q 10 -24.97 -33.05 6.34
N ARG Q 11 -24.67 -31.89 6.91
CA ARG Q 11 -25.68 -30.92 7.34
C ARG Q 11 -26.63 -31.50 8.38
N ARG Q 12 -26.18 -32.49 9.15
CA ARG Q 12 -27.03 -33.16 10.13
C ARG Q 12 -26.54 -32.96 11.56
N GLU Q 13 -25.64 -31.99 11.76
CA GLU Q 13 -25.37 -31.32 13.05
C GLU Q 13 -23.92 -30.81 13.04
N GLY R 3 -28.51 -10.54 -7.33
CA GLY R 3 -29.63 -11.42 -7.58
C GLY R 3 -30.65 -11.44 -6.44
N VAL R 4 -30.51 -10.49 -5.52
CA VAL R 4 -31.34 -10.41 -4.32
C VAL R 4 -32.57 -9.54 -4.56
N TRP R 5 -33.73 -10.06 -4.17
CA TRP R 5 -35.00 -9.37 -4.39
C TRP R 5 -35.06 -8.05 -3.63
N ASP R 6 -35.46 -7.00 -4.35
CA ASP R 6 -35.69 -5.68 -3.75
C ASP R 6 -37.17 -5.51 -3.42
N PRO R 7 -37.55 -5.45 -2.14
CA PRO R 7 -38.98 -5.35 -1.80
C PRO R 7 -39.61 -3.99 -2.10
N ASN R 8 -38.80 -2.95 -2.38
CA ASN R 8 -39.32 -1.62 -2.65
C ASN R 8 -39.11 -1.24 -4.11
N TRP R 9 -39.18 -2.24 -4.99
CA TRP R 9 -38.93 -2.04 -6.42
C TRP R 9 -39.89 -1.02 -7.02
N ASP R 10 -41.13 -0.98 -6.55
CA ASP R 10 -42.15 -0.07 -7.09
C ASP R 10 -42.31 1.20 -6.29
N ARG R 11 -41.41 1.46 -5.33
CA ARG R 11 -41.50 2.64 -4.47
C ARG R 11 -42.86 2.66 -3.78
N ARG R 12 -43.12 1.63 -2.99
CA ARG R 12 -44.41 1.47 -2.33
C ARG R 12 -44.29 0.55 -1.12
N GLU R 13 -43.11 0.50 -0.50
CA GLU R 13 -42.89 -0.29 0.69
C GLU R 13 -43.07 0.58 1.94
N GLY S 3 7.75 30.90 -4.26
CA GLY S 3 8.95 31.65 -4.56
C GLY S 3 9.62 31.22 -5.85
N VAL S 4 8.93 30.47 -6.71
CA VAL S 4 9.47 30.11 -8.00
C VAL S 4 8.62 30.82 -9.05
N TRP S 5 9.27 31.62 -9.90
CA TRP S 5 8.61 32.52 -10.84
C TRP S 5 7.88 31.77 -11.97
N ASP S 6 6.63 32.18 -12.24
CA ASP S 6 5.89 31.68 -13.39
C ASP S 6 6.07 32.64 -14.54
N PRO S 7 6.77 32.28 -15.62
CA PRO S 7 6.99 33.22 -16.72
C PRO S 7 5.75 33.52 -17.55
N ASN S 8 4.68 32.76 -17.36
CA ASN S 8 3.44 32.95 -18.11
C ASN S 8 2.35 33.52 -17.20
N TRP S 9 2.77 34.33 -16.23
CA TRP S 9 1.84 34.89 -15.25
C TRP S 9 0.77 35.74 -15.91
N ASP S 10 1.11 36.47 -16.97
CA ASP S 10 0.16 37.31 -17.66
C ASP S 10 -0.39 36.67 -18.94
N ARG S 11 -0.09 35.39 -19.16
CA ARG S 11 -0.55 34.68 -20.36
C ARG S 11 -0.14 35.40 -21.64
N ARG S 12 1.11 35.85 -21.71
CA ARG S 12 1.57 36.54 -22.90
C ARG S 12 2.99 36.10 -23.23
N GLU S 13 3.32 34.86 -22.89
CA GLU S 13 4.67 34.33 -23.05
C GLU S 13 4.86 33.70 -24.43
N GLY T 3 19.92 -19.81 17.06
CA GLY T 3 20.25 -18.53 17.66
C GLY T 3 19.62 -18.35 19.02
N VAL T 4 18.29 -18.44 19.08
CA VAL T 4 17.54 -18.32 20.32
C VAL T 4 17.08 -19.71 20.75
N TRP T 5 17.38 -20.06 22.00
CA TRP T 5 17.10 -21.40 22.53
C TRP T 5 15.61 -21.66 22.66
N ASP T 6 15.19 -22.85 22.19
CA ASP T 6 13.81 -23.30 22.37
C ASP T 6 13.73 -24.19 23.61
N PRO T 7 13.06 -23.75 24.69
CA PRO T 7 13.05 -24.57 25.92
C PRO T 7 12.21 -25.83 25.82
N ASN T 8 11.37 -25.97 24.80
CA ASN T 8 10.51 -27.13 24.63
C ASN T 8 10.90 -27.96 23.42
N TRP T 9 12.20 -28.01 23.13
CA TRP T 9 12.69 -28.74 21.97
C TRP T 9 12.32 -30.22 22.02
N ASP T 10 12.26 -30.82 23.21
CA ASP T 10 11.94 -32.23 23.34
C ASP T 10 10.48 -32.49 23.68
N ARG T 11 9.65 -31.44 23.67
CA ARG T 11 8.23 -31.57 24.00
C ARG T 11 8.06 -32.24 25.36
N ARG T 12 8.58 -31.53 26.38
CA ARG T 12 8.59 -32.03 27.75
C ARG T 12 8.68 -30.94 28.80
N GLU T 13 8.28 -29.71 28.49
CA GLU T 13 8.26 -28.63 29.47
C GLU T 13 7.07 -28.74 30.40
N GLY U 3 26.06 12.38 15.73
CA GLY U 3 25.71 13.77 15.97
C GLY U 3 24.90 13.93 17.24
N VAL U 4 24.11 12.93 17.57
CA VAL U 4 23.37 12.89 18.83
C VAL U 4 24.20 12.13 19.85
N TRP U 5 24.47 12.77 20.98
CA TRP U 5 25.29 12.18 22.03
C TRP U 5 24.56 11.03 22.72
N ASP U 6 25.25 9.90 22.87
CA ASP U 6 24.72 8.77 23.62
C ASP U 6 25.25 8.86 25.05
N PRO U 7 24.41 9.12 26.05
CA PRO U 7 24.94 9.29 27.42
C PRO U 7 25.44 8.00 28.06
N ASN U 8 25.15 6.84 27.50
CA ASN U 8 25.58 5.56 28.05
C ASN U 8 26.61 4.86 27.18
N TRP U 9 27.46 5.64 26.50
CA TRP U 9 28.43 5.07 25.57
C TRP U 9 29.36 4.07 26.25
N ASP U 10 29.69 4.30 27.53
CA ASP U 10 30.60 3.42 28.25
C ASP U 10 29.87 2.40 29.12
N ARG U 11 28.55 2.30 29.01
CA ARG U 11 27.76 1.37 29.82
C ARG U 11 28.04 1.59 31.31
N ARG U 12 27.74 2.80 31.77
CA ARG U 12 28.05 3.19 33.14
C ARG U 12 27.18 4.36 33.57
N GLU U 13 25.89 4.31 33.23
CA GLU U 13 24.96 5.36 33.62
C GLU U 13 24.03 4.89 34.73
N GLY V 3 -18.22 18.46 -15.56
CA GLY V 3 -19.16 19.08 -16.48
C GLY V 3 -18.58 19.18 -17.88
N VAL V 4 -18.36 18.02 -18.49
CA VAL V 4 -17.81 17.93 -19.84
C VAL V 4 -18.92 17.60 -20.82
N TRP V 5 -19.02 18.38 -21.90
CA TRP V 5 -20.04 18.17 -22.90
C TRP V 5 -19.85 16.80 -23.55
N ASP V 6 -20.93 16.03 -23.61
CA ASP V 6 -20.91 14.73 -24.28
C ASP V 6 -21.41 14.91 -25.71
N PRO V 7 -20.56 14.74 -26.73
CA PRO V 7 -21.02 14.95 -28.10
C PRO V 7 -21.98 13.88 -28.61
N ASN V 8 -22.11 12.75 -27.90
CA ASN V 8 -22.98 11.65 -28.31
C ASN V 8 -24.17 11.51 -27.38
N TRP V 9 -24.65 12.63 -26.83
CA TRP V 9 -25.74 12.57 -25.87
C TRP V 9 -26.98 11.92 -26.46
N ASP V 10 -27.23 12.11 -27.76
CA ASP V 10 -28.41 11.54 -28.41
C ASP V 10 -28.11 10.28 -29.21
N ARG V 11 -26.88 9.77 -29.15
CA ARG V 11 -26.47 8.56 -29.88
C ARG V 11 -26.82 8.67 -31.36
N ARG V 12 -26.16 9.63 -32.00
CA ARG V 12 -26.40 9.89 -33.41
C ARG V 12 -25.15 10.49 -34.04
N GLU V 13 -24.01 10.45 -33.35
CA GLU V 13 -22.73 10.83 -33.91
C GLU V 13 -22.20 9.76 -34.86
N GLY W 3 -25.18 -10.12 -15.30
CA GLY W 3 -25.92 -11.23 -15.85
C GLY W 3 -25.56 -11.50 -17.31
N VAL W 4 -24.33 -11.96 -17.51
CA VAL W 4 -23.78 -12.17 -18.86
C VAL W 4 -24.02 -13.60 -19.30
N TRP W 5 -24.54 -13.76 -20.51
CA TRP W 5 -24.78 -15.10 -21.03
C TRP W 5 -23.45 -15.82 -21.20
N ASP W 6 -23.35 -17.03 -20.64
CA ASP W 6 -22.18 -17.87 -20.86
C ASP W 6 -22.50 -18.86 -21.97
N PRO W 7 -21.85 -18.76 -23.14
CA PRO W 7 -22.21 -19.68 -24.24
C PRO W 7 -21.79 -21.12 -24.00
N ASN W 8 -21.01 -21.40 -22.95
CA ASN W 8 -20.57 -22.75 -22.67
C ASN W 8 -21.23 -23.31 -21.41
N TRP W 9 -22.49 -22.90 -21.18
CA TRP W 9 -23.22 -23.32 -20.00
C TRP W 9 -23.35 -24.83 -19.92
N ASP W 10 -23.51 -25.49 -21.07
CA ASP W 10 -23.67 -26.94 -21.13
C ASP W 10 -22.37 -27.65 -21.49
N ARG W 11 -21.24 -26.93 -21.55
CA ARG W 11 -19.97 -27.52 -21.93
C ARG W 11 -20.07 -28.22 -23.28
N ARG W 12 -20.43 -27.45 -24.31
CA ARG W 12 -20.60 -28.02 -25.64
C ARG W 12 -20.46 -26.94 -26.71
N GLU W 13 -19.59 -25.97 -26.47
CA GLU W 13 -19.30 -24.95 -27.47
C GLU W 13 -18.04 -25.34 -28.24
N VAL X 4 -3.71 -32.38 -5.65
CA VAL X 4 -2.60 -31.95 -6.48
C VAL X 4 -1.43 -32.90 -6.24
N TRP X 5 -1.26 -33.84 -7.15
CA TRP X 5 -0.28 -34.90 -6.98
C TRP X 5 1.14 -34.34 -7.06
N ASP X 6 1.98 -34.76 -6.10
CA ASP X 6 3.40 -34.43 -6.15
C ASP X 6 4.11 -35.60 -6.81
N PRO X 7 4.62 -35.45 -8.06
CA PRO X 7 5.22 -36.60 -8.74
C PRO X 7 6.56 -37.03 -8.20
N ASN X 8 7.23 -36.23 -7.37
CA ASN X 8 8.53 -36.58 -6.82
C ASN X 8 8.46 -36.79 -5.31
N TRP X 9 7.33 -37.32 -4.82
CA TRP X 9 7.15 -37.51 -3.39
C TRP X 9 8.25 -38.37 -2.79
N ASP X 10 8.75 -39.34 -3.54
CA ASP X 10 9.77 -40.25 -3.04
C ASP X 10 11.19 -39.85 -3.44
N ARG X 11 11.37 -38.69 -4.08
CA ARG X 11 12.68 -38.25 -4.55
C ARG X 11 13.31 -39.31 -5.45
N ARG X 12 12.63 -39.58 -6.58
CA ARG X 12 13.10 -40.64 -7.47
C ARG X 12 12.62 -40.42 -8.90
N GLU X 13 12.48 -39.16 -9.31
CA GLU X 13 12.06 -38.84 -10.66
C GLU X 13 13.27 -38.65 -11.57
MG MG Y . 37.90 33.88 23.67
MG MG Z . 36.75 -9.72 33.88
MG MG AA . 44.38 -16.32 37.21
MG MG BA . 39.97 -20.83 32.79
MG MG CA . 45.08 -22.94 6.85
MG MG DA . 34.52 -19.94 10.50
MG MG EA . 25.53 49.35 -4.35
MG MG FA . 32.79 65.48 -0.94
MG MG GA . -23.49 42.44 -27.27
MG MG HA . -20.78 26.70 -23.67
MG MG IA . -18.37 -51.09 -12.27
MG MG JA . -24.63 -38.45 -15.22
MG MG KA . -24.37 -52.35 -17.23
MG MG LA . -10.36 -54.37 -4.51
MG MG MA . -46.20 -7.40 -31.37
MG MG NA . -53.85 8.81 -28.14
MG MG OA . -6.63 55.39 -0.29
MG MG PA . 31.18 -45.22 12.43
MG MG QA . 29.40 -52.34 10.06
MG MG RA . 33.71 -37.34 7.71
MG MG SA . 51.84 -7.75 27.86
MG MG TA . 53.37 5.66 16.44
MG MG UA . -53.73 8.41 -21.27
MG MG VA . -48.58 23.41 -17.95
MG MG WA . -41.76 32.46 -18.94
MG MG XA . -36.48 -45.40 -11.91
MG MG YA . -45.84 -31.26 -8.83
MG MG ZA . -37.73 -17.11 -5.67
MG MG AB . 3.82 -56.95 20.68
MG MG BB . -1.03 -54.09 15.55
MG MG CB . 18.33 -29.16 22.57
#